data_5XBK
#
_entry.id   5XBK
#
_cell.length_a   65.021
_cell.length_b   108.536
_cell.length_c   124.860
_cell.angle_alpha   90.00
_cell.angle_beta   103.41
_cell.angle_gamma   90.00
#
_symmetry.space_group_name_H-M   'P 1 21 1'
#
loop_
_entity.id
_entity.type
_entity.pdbx_description
1 polymer Importin-4
2 polymer 'histone H3'
#
loop_
_entity_poly.entity_id
_entity_poly.type
_entity_poly.pdbx_seq_one_letter_code
_entity_poly.pdbx_strand_id
1 'polypeptide(L)'
;GSAFFDEKEDTCAAVGEISVNTSVAFLPYMESVFEEVFKLLECPHLNVRKAAHEALGQFCCALHKACQSCPSEPNTAALQ
AALARVVPSYMQAVNRERERQVVMAVLEALTGVLRSCGTLTLKPPGRLAELCGVLKAVLQRKTACQDTDEEEEEEDDDQA
EYDAMLLEHAGEAIPALAAAAGGDSFAPFFAGFLPLLVCKTKQGCTVAEKSFAVGTLAETIQGLGAASAQFVSRLLPVLL
STAQEADPEVRSNAIFGMGVLAEHGGHPAQEHFPKLLGLLFPLLARERHDRVRDNICGALARLLMASPTRKPEPQVLAAL
LHALPLKEDLEEWVTIGRLFSFLYQSSPDQVIDVAPELLRICSLILADNKIPPDTKAALLLLLTFLAKQHTDSFQAALGS
LPVDKAQELQAVLGLS
;
D,A,B,C
2 'polypeptide(L)' ARTKQTARKSTGGKAPRK E
#
# COMPACT_ATOMS: atom_id res chain seq x y z
N MET A 30 -22.30 -2.50 40.73
CA MET A 30 -21.15 -1.60 40.67
C MET A 30 -21.61 -0.16 40.43
N GLU A 31 -22.92 0.02 40.32
CA GLU A 31 -23.48 1.35 40.10
C GLU A 31 -23.23 2.28 41.28
N SER A 32 -22.91 1.71 42.44
CA SER A 32 -22.66 2.54 43.63
C SER A 32 -21.39 3.36 43.47
N VAL A 33 -20.27 2.71 43.12
CA VAL A 33 -19.02 3.41 42.90
C VAL A 33 -19.21 4.52 41.87
N PHE A 34 -19.90 4.21 40.77
CA PHE A 34 -20.19 5.23 39.76
C PHE A 34 -20.95 6.40 40.37
N GLU A 35 -22.08 6.13 41.01
CA GLU A 35 -22.93 7.22 41.50
C GLU A 35 -22.24 8.03 42.59
N GLU A 36 -21.25 7.48 43.29
CA GLU A 36 -20.54 8.24 44.30
C GLU A 36 -19.40 9.06 43.71
N VAL A 37 -18.64 8.48 42.78
CA VAL A 37 -17.60 9.24 42.09
C VAL A 37 -18.17 10.23 41.10
N PHE A 38 -19.48 10.14 40.81
CA PHE A 38 -20.11 11.05 39.87
C PHE A 38 -20.34 12.43 40.49
N LYS A 39 -20.99 12.45 41.66
CA LYS A 39 -21.25 13.71 42.36
C LYS A 39 -19.97 14.47 42.65
N LEU A 40 -18.81 13.80 42.62
CA LEU A 40 -17.55 14.49 42.81
C LEU A 40 -17.31 15.58 41.77
N LEU A 41 -17.95 15.48 40.60
CA LEU A 41 -17.74 16.48 39.54
C LEU A 41 -18.26 17.86 39.92
N GLU A 42 -19.02 17.99 41.02
CA GLU A 42 -19.50 19.28 41.50
C GLU A 42 -18.54 19.92 42.51
N CYS A 43 -17.39 19.29 42.76
CA CYS A 43 -16.43 19.85 43.71
C CYS A 43 -15.84 21.15 43.15
N PRO A 44 -15.64 22.15 44.00
CA PRO A 44 -15.10 23.44 43.51
C PRO A 44 -13.65 23.37 43.07
N HIS A 45 -12.94 22.27 43.33
CA HIS A 45 -11.52 22.17 42.99
C HIS A 45 -11.33 21.54 41.63
N LEU A 46 -10.20 21.86 41.00
CA LEU A 46 -9.90 21.41 39.65
C LEU A 46 -9.44 19.96 39.63
N ASN A 47 -8.39 19.66 40.40
CA ASN A 47 -7.81 18.33 40.39
C ASN A 47 -8.82 17.26 40.78
N VAL A 48 -9.77 17.60 41.66
CA VAL A 48 -10.76 16.61 42.08
C VAL A 48 -11.68 16.26 40.91
N ARG A 49 -12.10 17.26 40.14
CA ARG A 49 -12.96 16.99 38.98
C ARG A 49 -12.21 16.22 37.91
N LYS A 50 -10.95 16.59 37.68
CA LYS A 50 -10.13 15.89 36.70
C LYS A 50 -9.97 14.42 37.07
N ALA A 51 -9.54 14.17 38.30
CA ALA A 51 -9.32 12.80 38.75
C ALA A 51 -10.61 11.99 38.77
N ALA A 52 -11.74 12.65 39.04
CA ALA A 52 -13.02 11.94 39.04
C ALA A 52 -13.42 11.55 37.62
N HIS A 53 -13.27 12.46 36.66
CA HIS A 53 -13.56 12.14 35.27
C HIS A 53 -12.71 10.97 34.78
N GLU A 54 -11.38 11.11 34.92
CA GLU A 54 -10.49 10.05 34.45
C GLU A 54 -10.72 8.74 35.21
N ALA A 55 -11.11 8.83 36.47
CA ALA A 55 -11.42 7.62 37.23
C ALA A 55 -12.65 6.92 36.68
N LEU A 56 -13.73 7.67 36.41
CA LEU A 56 -14.91 7.08 35.78
C LEU A 56 -14.54 6.41 34.47
N GLY A 57 -13.73 7.09 33.66
CA GLY A 57 -13.29 6.48 32.41
C GLY A 57 -12.53 5.18 32.63
N GLN A 58 -11.59 5.18 33.57
CA GLN A 58 -10.82 3.97 33.86
C GLN A 58 -11.73 2.84 34.32
N PHE A 59 -12.78 3.16 35.07
CA PHE A 59 -13.70 2.12 35.48
C PHE A 59 -14.52 1.58 34.33
N CYS A 60 -14.90 2.44 33.38
CA CYS A 60 -15.59 1.93 32.20
C CYS A 60 -14.69 1.02 31.39
N CYS A 61 -13.45 1.47 31.16
CA CYS A 61 -12.53 0.69 30.35
C CYS A 61 -12.20 -0.64 31.01
N ALA A 62 -12.06 -0.64 32.33
CA ALA A 62 -11.75 -1.89 33.03
C ALA A 62 -12.97 -2.80 33.14
N LEU A 63 -14.16 -2.21 33.27
CA LEU A 63 -15.39 -3.00 33.28
C LEU A 63 -15.66 -3.62 31.92
N HIS A 64 -15.17 -3.00 30.85
CA HIS A 64 -15.23 -3.65 29.54
C HIS A 64 -14.28 -4.84 29.48
N LYS A 65 -13.10 -4.72 30.12
CA LYS A 65 -12.16 -5.82 30.17
C LYS A 65 -12.67 -6.99 31.01
N ALA A 66 -13.74 -6.79 31.77
CA ALA A 66 -14.39 -7.91 32.45
C ALA A 66 -15.38 -8.64 31.56
N CYS A 67 -16.00 -7.93 30.61
CA CYS A 67 -17.00 -8.52 29.72
C CYS A 67 -16.38 -9.43 28.65
N GLN A 68 -15.06 -9.58 28.63
CA GLN A 68 -14.41 -10.50 27.70
C GLN A 68 -14.01 -11.82 28.34
N SER A 69 -13.53 -11.81 29.59
CA SER A 69 -13.13 -13.05 30.23
C SER A 69 -14.34 -13.95 30.47
N CYS A 70 -15.36 -13.44 31.15
CA CYS A 70 -16.64 -14.12 31.30
C CYS A 70 -17.71 -13.36 30.52
N PRO A 71 -17.89 -13.65 29.25
CA PRO A 71 -18.77 -12.82 28.40
C PRO A 71 -20.25 -13.02 28.70
N SER A 72 -20.59 -13.79 29.73
CA SER A 72 -21.97 -13.90 30.15
C SER A 72 -22.51 -12.50 30.48
N GLU A 73 -23.78 -12.29 30.21
CA GLU A 73 -24.24 -10.90 30.21
C GLU A 73 -25.25 -10.56 31.31
N PRO A 74 -24.88 -10.68 32.59
CA PRO A 74 -25.48 -9.82 33.61
C PRO A 74 -24.64 -8.59 33.96
N ASN A 75 -23.48 -8.43 33.31
CA ASN A 75 -22.61 -7.28 33.53
C ASN A 75 -22.27 -6.52 32.26
N THR A 76 -22.71 -7.01 31.09
CA THR A 76 -22.74 -6.14 29.92
C THR A 76 -23.79 -5.05 30.09
N ALA A 77 -24.93 -5.40 30.70
CA ALA A 77 -25.90 -4.39 31.10
C ALA A 77 -25.29 -3.40 32.08
N ALA A 78 -24.32 -3.85 32.88
CA ALA A 78 -23.60 -2.91 33.74
C ALA A 78 -22.71 -2.00 32.92
N LEU A 79 -22.04 -2.52 31.89
CA LEU A 79 -21.18 -1.69 31.06
C LEU A 79 -22.00 -0.64 30.31
N GLN A 80 -23.15 -1.03 29.76
CA GLN A 80 -24.00 -0.06 29.08
C GLN A 80 -24.60 0.92 30.08
N ALA A 81 -25.06 0.44 31.23
CA ALA A 81 -25.55 1.30 32.31
C ALA A 81 -24.46 2.19 32.89
N ALA A 82 -23.20 1.97 32.51
CA ALA A 82 -22.11 2.86 32.88
C ALA A 82 -21.81 3.88 31.80
N LEU A 83 -21.71 3.43 30.54
CA LEU A 83 -21.41 4.36 29.46
C LEU A 83 -22.56 5.33 29.24
N ALA A 84 -23.80 4.90 29.50
CA ALA A 84 -24.97 5.74 29.27
C ALA A 84 -24.98 6.99 30.14
N ARG A 85 -24.26 6.97 31.26
CA ARG A 85 -24.10 8.16 32.10
C ARG A 85 -22.72 8.78 32.02
N VAL A 86 -21.68 7.97 31.78
CA VAL A 86 -20.33 8.49 31.77
C VAL A 86 -20.04 9.25 30.48
N VAL A 87 -20.47 8.70 29.35
CA VAL A 87 -20.19 9.32 28.05
C VAL A 87 -20.93 10.66 27.92
N PRO A 88 -22.25 10.73 28.18
CA PRO A 88 -22.89 12.04 28.15
C PRO A 88 -22.27 13.03 29.13
N SER A 89 -21.88 12.57 30.32
CA SER A 89 -21.15 13.42 31.25
C SER A 89 -19.88 13.96 30.61
N TYR A 90 -19.27 13.17 29.71
CA TYR A 90 -18.09 13.64 29.02
C TYR A 90 -18.44 14.73 28.01
N MET A 91 -19.50 14.50 27.23
CA MET A 91 -19.90 15.49 26.22
C MET A 91 -20.27 16.82 26.87
N GLN A 92 -21.26 16.79 27.75
CA GLN A 92 -21.64 18.00 28.47
C GLN A 92 -20.44 18.61 29.19
N ALA A 93 -19.55 17.76 29.74
CA ALA A 93 -18.35 18.29 30.38
C ALA A 93 -17.50 19.08 29.39
N VAL A 94 -17.38 18.58 28.17
CA VAL A 94 -16.59 19.28 27.15
C VAL A 94 -17.22 20.65 26.85
N ASN A 95 -18.55 20.70 26.74
CA ASN A 95 -19.17 21.98 26.38
C ASN A 95 -19.18 22.97 27.53
N ARG A 96 -19.55 22.53 28.73
CA ARG A 96 -19.86 23.42 29.84
C ARG A 96 -18.70 23.67 30.80
N GLU A 97 -17.79 22.72 30.97
CA GLU A 97 -16.72 22.88 31.96
C GLU A 97 -15.79 24.02 31.58
N ARG A 98 -15.51 24.89 32.55
CA ARG A 98 -14.75 26.10 32.28
C ARG A 98 -13.24 25.85 32.24
N GLU A 99 -12.71 25.05 33.17
CA GLU A 99 -11.28 24.88 33.28
C GLU A 99 -10.74 24.09 32.09
N ARG A 100 -9.71 24.64 31.43
CA ARG A 100 -9.21 24.03 30.20
C ARG A 100 -8.55 22.69 30.47
N GLN A 101 -7.86 22.56 31.61
CA GLN A 101 -7.19 21.30 31.93
C GLN A 101 -8.19 20.18 32.14
N VAL A 102 -9.32 20.49 32.78
CA VAL A 102 -10.38 19.50 32.95
C VAL A 102 -10.90 19.04 31.60
N VAL A 103 -11.12 19.96 30.67
CA VAL A 103 -11.59 19.59 29.34
C VAL A 103 -10.54 18.72 28.64
N MET A 104 -9.26 19.04 28.83
CA MET A 104 -8.18 18.26 28.26
C MET A 104 -8.25 16.80 28.74
N ALA A 105 -8.25 16.60 30.05
CA ALA A 105 -8.30 15.25 30.60
C ALA A 105 -9.61 14.54 30.26
N VAL A 106 -10.69 15.29 30.09
CA VAL A 106 -11.96 14.69 29.70
C VAL A 106 -11.90 14.22 28.25
N LEU A 107 -11.14 14.92 27.41
CA LEU A 107 -10.95 14.46 26.04
C LEU A 107 -9.99 13.28 25.96
N GLU A 108 -8.95 13.25 26.79
CA GLU A 108 -8.07 12.08 26.83
C GLU A 108 -8.82 10.84 27.30
N ALA A 109 -9.50 10.94 28.45
CA ALA A 109 -10.29 9.81 28.95
C ALA A 109 -11.40 9.43 27.98
N LEU A 110 -12.01 10.42 27.33
CA LEU A 110 -13.05 10.14 26.34
C LEU A 110 -12.49 9.36 25.17
N THR A 111 -11.30 9.73 24.69
CA THR A 111 -10.65 8.95 23.64
C THR A 111 -10.30 7.55 24.13
N GLY A 112 -9.97 7.41 25.42
CA GLY A 112 -9.70 6.08 25.95
C GLY A 112 -10.92 5.18 25.92
N VAL A 113 -12.05 5.68 26.43
CA VAL A 113 -13.29 4.91 26.42
C VAL A 113 -13.73 4.61 24.99
N LEU A 114 -13.52 5.58 24.09
CA LEU A 114 -13.85 5.36 22.69
C LEU A 114 -13.03 4.23 22.09
N ARG A 115 -11.74 4.16 22.41
CA ARG A 115 -10.85 3.17 21.84
C ARG A 115 -11.10 1.77 22.42
N SER A 116 -11.22 1.66 23.74
CA SER A 116 -11.34 0.34 24.35
C SER A 116 -12.68 -0.30 24.00
N CYS A 117 -13.79 0.30 24.42
CA CYS A 117 -15.11 -0.27 24.23
C CYS A 117 -15.46 -0.40 22.75
N GLY A 118 -15.85 0.71 22.13
CA GLY A 118 -16.12 0.72 20.71
C GLY A 118 -17.55 1.04 20.35
N THR A 119 -18.26 0.05 19.79
CA THR A 119 -19.63 0.29 19.37
C THR A 119 -20.56 0.48 20.57
N LEU A 120 -20.23 -0.11 21.71
CA LEU A 120 -21.08 0.06 22.89
C LEU A 120 -21.14 1.51 23.35
N THR A 121 -20.15 2.33 22.99
CA THR A 121 -20.24 3.76 23.24
C THR A 121 -21.23 4.41 22.31
N LEU A 122 -21.21 4.01 21.03
CA LEU A 122 -22.08 4.56 19.99
C LEU A 122 -23.36 3.77 19.81
N LYS A 123 -23.87 3.16 20.88
CA LYS A 123 -25.04 2.29 20.76
C LYS A 123 -26.34 3.09 20.80
N PRO A 124 -26.54 4.01 21.75
CA PRO A 124 -27.79 4.76 21.74
C PRO A 124 -27.90 5.62 20.51
N PRO A 125 -29.12 5.93 20.07
CA PRO A 125 -29.31 6.69 18.84
C PRO A 125 -28.82 8.13 18.98
N GLY A 126 -28.32 8.66 17.86
CA GLY A 126 -27.78 9.99 17.81
C GLY A 126 -26.48 10.20 18.56
N ARG A 127 -25.91 9.14 19.15
CA ARG A 127 -24.72 9.32 19.97
C ARG A 127 -23.54 9.80 19.14
N LEU A 128 -23.36 9.20 17.95
CA LEU A 128 -22.26 9.61 17.08
C LEU A 128 -22.42 11.07 16.65
N ALA A 129 -23.64 11.49 16.33
CA ALA A 129 -23.86 12.88 15.93
C ALA A 129 -23.57 13.84 17.08
N GLU A 130 -23.97 13.49 18.30
CA GLU A 130 -23.71 14.37 19.43
C GLU A 130 -22.21 14.46 19.72
N LEU A 131 -21.50 13.34 19.64
CA LEU A 131 -20.05 13.36 19.81
C LEU A 131 -19.39 14.23 18.74
N CYS A 132 -19.82 14.09 17.49
CA CYS A 132 -19.29 14.93 16.43
C CYS A 132 -19.53 16.41 16.72
N GLY A 133 -20.74 16.74 17.18
CA GLY A 133 -21.02 18.12 17.55
C GLY A 133 -20.11 18.61 18.67
N VAL A 134 -19.84 17.76 19.66
CA VAL A 134 -18.98 18.16 20.76
C VAL A 134 -17.58 18.47 20.26
N LEU A 135 -17.02 17.57 19.44
CA LEU A 135 -15.67 17.80 18.93
C LEU A 135 -15.62 19.03 18.02
N LYS A 136 -16.69 19.27 17.25
CA LYS A 136 -16.75 20.50 16.46
C LYS A 136 -16.77 21.73 17.35
N ALA A 137 -17.51 21.65 18.47
CA ALA A 137 -17.51 22.73 19.45
C ALA A 137 -16.11 22.99 19.99
N VAL A 138 -15.31 21.94 20.15
CA VAL A 138 -13.90 22.15 20.51
C VAL A 138 -13.18 22.84 19.36
N LEU A 139 -13.44 22.42 18.13
CA LEU A 139 -12.69 22.91 16.97
C LEU A 139 -13.08 24.33 16.56
N GLN A 140 -14.13 24.90 17.13
CA GLN A 140 -14.55 26.26 16.82
C GLN A 140 -14.27 27.25 17.97
N ARG A 141 -13.52 26.84 18.98
CA ARG A 141 -13.34 27.61 20.22
C ARG A 141 -14.66 27.92 20.91
N LYS A 142 -15.72 27.19 20.54
CA LYS A 142 -17.07 27.42 21.06
C LYS A 142 -17.32 26.47 22.23
N THR A 143 -16.60 26.75 23.32
CA THR A 143 -16.75 26.01 24.57
C THR A 143 -16.69 27.01 25.71
N ALA A 144 -16.65 26.51 26.94
CA ALA A 144 -16.51 27.37 28.10
C ALA A 144 -15.06 27.77 28.34
N CYS A 145 -14.21 27.67 27.33
CA CYS A 145 -12.80 28.01 27.47
C CYS A 145 -12.18 28.19 26.09
N GLU A 161 -0.18 28.81 25.25
CA GLU A 161 -0.89 28.15 24.16
C GLU A 161 -1.47 26.80 24.59
N TYR A 162 -2.29 26.80 25.64
CA TYR A 162 -3.08 25.61 25.97
C TYR A 162 -4.01 25.20 24.84
N ASP A 163 -4.33 26.14 23.93
CA ASP A 163 -5.21 25.85 22.82
C ASP A 163 -4.65 24.73 21.94
N ALA A 164 -3.32 24.72 21.76
CA ALA A 164 -2.71 23.69 20.92
C ALA A 164 -2.89 22.30 21.53
N MET A 165 -2.79 22.19 22.85
CA MET A 165 -2.93 20.89 23.50
C MET A 165 -4.39 20.46 23.60
N LEU A 166 -5.31 21.40 23.80
CA LEU A 166 -6.74 21.05 23.79
C LEU A 166 -7.15 20.58 22.40
N LEU A 167 -6.82 21.37 21.38
CA LEU A 167 -7.02 20.96 20.00
C LEU A 167 -6.34 19.63 19.72
N GLU A 168 -5.21 19.35 20.38
CA GLU A 168 -4.54 18.07 20.19
C GLU A 168 -5.36 16.93 20.76
N HIS A 169 -5.95 17.13 21.94
CA HIS A 169 -6.77 16.08 22.54
C HIS A 169 -8.00 15.78 21.70
N ALA A 170 -8.64 16.83 21.16
CA ALA A 170 -9.68 16.59 20.16
C ALA A 170 -9.12 15.86 18.95
N GLY A 171 -7.87 16.18 18.58
CA GLY A 171 -7.23 15.51 17.47
C GLY A 171 -7.12 14.01 17.66
N GLU A 172 -6.69 13.59 18.86
CA GLU A 172 -6.74 12.16 19.17
C GLU A 172 -8.17 11.66 19.18
N ALA A 173 -9.12 12.50 19.59
CA ALA A 173 -10.48 12.03 19.76
C ALA A 173 -11.11 11.62 18.43
N ILE A 174 -10.82 12.36 17.36
CA ILE A 174 -11.54 12.15 16.09
C ILE A 174 -11.30 10.78 15.49
N PRO A 175 -10.04 10.37 15.19
CA PRO A 175 -9.86 9.10 14.49
C PRO A 175 -10.28 7.89 15.30
N ALA A 176 -10.19 7.96 16.63
CA ALA A 176 -10.75 6.88 17.44
C ALA A 176 -12.26 6.78 17.23
N LEU A 177 -12.94 7.91 17.17
CA LEU A 177 -14.36 7.90 16.86
C LEU A 177 -14.62 7.34 15.47
N ALA A 178 -13.72 7.60 14.52
CA ALA A 178 -13.86 7.02 13.19
C ALA A 178 -13.76 5.50 13.27
N ALA A 179 -12.77 5.00 14.01
CA ALA A 179 -12.57 3.55 14.12
C ALA A 179 -13.73 2.89 14.86
N ALA A 180 -14.34 3.60 15.80
CA ALA A 180 -15.51 3.05 16.48
C ALA A 180 -16.71 3.00 15.55
N ALA A 181 -17.02 4.11 14.88
CA ALA A 181 -18.15 4.12 13.96
C ALA A 181 -17.93 3.19 12.77
N GLY A 182 -16.68 3.04 12.32
CA GLY A 182 -16.35 2.12 11.27
C GLY A 182 -16.19 2.70 9.88
N GLY A 183 -15.83 3.98 9.76
CA GLY A 183 -15.51 4.53 8.47
C GLY A 183 -16.71 4.71 7.56
N ASP A 184 -17.50 3.64 7.38
CA ASP A 184 -18.71 3.74 6.57
C ASP A 184 -19.78 4.54 7.30
N SER A 185 -20.04 4.19 8.56
CA SER A 185 -21.00 4.94 9.35
C SER A 185 -20.47 6.30 9.79
N PHE A 186 -19.20 6.59 9.52
CA PHE A 186 -18.58 7.84 9.94
C PHE A 186 -18.35 8.81 8.79
N ALA A 187 -18.43 8.36 7.54
CA ALA A 187 -18.01 9.18 6.41
C ALA A 187 -18.73 10.51 6.32
N PRO A 188 -20.08 10.59 6.39
CA PRO A 188 -20.71 11.92 6.32
C PRO A 188 -20.30 12.85 7.43
N PHE A 189 -20.16 12.33 8.65
CA PHE A 189 -19.70 13.16 9.76
C PHE A 189 -18.27 13.63 9.52
N PHE A 190 -17.44 12.80 8.89
CA PHE A 190 -16.10 13.26 8.51
C PHE A 190 -16.18 14.37 7.48
N ALA A 191 -17.13 14.26 6.53
CA ALA A 191 -17.42 15.37 5.65
C ALA A 191 -17.83 16.61 6.43
N GLY A 192 -18.32 16.42 7.66
CA GLY A 192 -18.50 17.55 8.55
C GLY A 192 -17.19 18.07 9.12
N PHE A 193 -16.31 17.17 9.56
CA PHE A 193 -15.05 17.56 10.18
C PHE A 193 -14.03 18.10 9.19
N LEU A 194 -14.27 17.94 7.88
CA LEU A 194 -13.24 18.30 6.91
C LEU A 194 -12.97 19.80 6.88
N PRO A 195 -13.94 20.68 6.62
CA PRO A 195 -13.60 22.11 6.48
C PRO A 195 -13.07 22.74 7.75
N LEU A 196 -13.46 22.24 8.92
CA LEU A 196 -12.93 22.80 10.16
C LEU A 196 -11.44 22.52 10.31
N LEU A 197 -11.00 21.32 9.91
CA LEU A 197 -9.59 21.00 9.92
C LEU A 197 -8.84 21.74 8.83
N VAL A 198 -9.47 21.87 7.64
CA VAL A 198 -8.89 22.66 6.57
C VAL A 198 -8.74 24.13 6.97
N CYS A 199 -9.53 24.59 7.94
CA CYS A 199 -9.39 25.97 8.38
C CYS A 199 -8.03 26.23 9.02
N LYS A 200 -7.56 25.33 9.87
CA LYS A 200 -6.33 25.51 10.63
C LYS A 200 -5.07 25.25 9.79
N THR A 201 -5.21 25.18 8.47
CA THR A 201 -4.12 24.77 7.61
C THR A 201 -3.62 25.86 6.67
N LYS A 202 -4.34 26.97 6.55
CA LYS A 202 -3.97 28.01 5.60
C LYS A 202 -2.95 28.97 6.22
N GLN A 203 -2.26 29.70 5.34
CA GLN A 203 -1.18 30.57 5.78
C GLN A 203 -1.71 31.64 6.74
N GLY A 204 -1.05 31.74 7.90
CA GLY A 204 -1.48 32.67 8.92
C GLY A 204 -1.62 32.00 10.27
N CYS A 205 -1.89 30.70 10.27
CA CYS A 205 -2.04 29.93 11.50
C CYS A 205 -0.67 29.56 12.06
N THR A 206 -0.67 29.29 13.37
CA THR A 206 0.55 28.79 14.01
C THR A 206 0.86 27.38 13.51
N VAL A 207 2.15 27.04 13.47
CA VAL A 207 2.55 25.75 12.90
C VAL A 207 2.07 24.59 13.77
N ALA A 208 1.81 24.81 15.05
CA ALA A 208 1.17 23.78 15.86
C ALA A 208 -0.22 23.45 15.32
N GLU A 209 -0.96 24.49 14.90
CA GLU A 209 -2.26 24.27 14.27
C GLU A 209 -2.11 23.46 12.99
N LYS A 210 -1.17 23.86 12.12
CA LYS A 210 -0.98 23.13 10.86
C LYS A 210 -0.66 21.66 11.12
N SER A 211 0.29 21.42 12.04
CA SER A 211 0.68 20.05 12.34
C SER A 211 -0.49 19.24 12.88
N PHE A 212 -1.27 19.83 13.78
CA PHE A 212 -2.46 19.15 14.29
C PHE A 212 -3.45 18.84 13.16
N ALA A 213 -3.67 19.79 12.26
CA ALA A 213 -4.64 19.59 11.18
C ALA A 213 -4.21 18.45 10.27
N VAL A 214 -2.97 18.49 9.77
CA VAL A 214 -2.55 17.49 8.79
C VAL A 214 -2.38 16.12 9.45
N GLY A 215 -1.93 16.10 10.71
CA GLY A 215 -1.80 14.83 11.41
C GLY A 215 -3.14 14.17 11.66
N THR A 216 -4.08 14.94 12.20
CA THR A 216 -5.43 14.42 12.44
C THR A 216 -6.08 14.00 11.13
N LEU A 217 -5.94 14.81 10.08
CA LEU A 217 -6.46 14.42 8.78
C LEU A 217 -5.89 13.09 8.30
N ALA A 218 -4.60 12.86 8.52
CA ALA A 218 -3.97 11.62 8.06
C ALA A 218 -4.47 10.42 8.84
N GLU A 219 -4.34 10.45 10.17
CA GLU A 219 -4.77 9.31 10.98
C GLU A 219 -6.27 9.05 10.82
N THR A 220 -7.05 10.09 10.52
CA THR A 220 -8.45 9.88 10.21
C THR A 220 -8.65 9.32 8.80
N ILE A 221 -7.76 9.65 7.86
CA ILE A 221 -7.81 9.01 6.56
C ILE A 221 -7.66 7.50 6.71
N GLN A 222 -6.63 7.08 7.45
CA GLN A 222 -6.52 5.66 7.73
C GLN A 222 -7.55 5.18 8.75
N GLY A 223 -8.32 6.09 9.34
CA GLY A 223 -9.46 5.70 10.14
C GLY A 223 -10.61 5.23 9.27
N LEU A 224 -11.05 6.10 8.35
CA LEU A 224 -12.05 5.72 7.36
C LEU A 224 -11.60 4.49 6.59
N GLY A 225 -10.32 4.44 6.24
CA GLY A 225 -9.83 3.28 5.52
C GLY A 225 -10.42 3.22 4.13
N ALA A 226 -11.00 2.05 3.79
CA ALA A 226 -11.51 1.85 2.44
C ALA A 226 -12.55 2.88 2.06
N ALA A 227 -13.27 3.41 3.06
CA ALA A 227 -14.30 4.41 2.82
C ALA A 227 -13.73 5.81 2.53
N SER A 228 -12.43 5.99 2.68
CA SER A 228 -11.82 7.29 2.38
C SER A 228 -11.74 7.56 0.88
N ALA A 229 -12.18 6.63 0.03
CA ALA A 229 -12.10 6.82 -1.42
C ALA A 229 -12.92 8.00 -1.90
N GLN A 230 -13.96 8.38 -1.16
CA GLN A 230 -14.83 9.46 -1.59
C GLN A 230 -14.27 10.85 -1.26
N PHE A 231 -13.26 10.94 -0.40
CA PHE A 231 -12.72 12.23 0.02
C PHE A 231 -11.39 12.55 -0.64
N VAL A 232 -11.05 11.89 -1.74
CA VAL A 232 -9.76 12.14 -2.37
C VAL A 232 -9.73 13.54 -2.99
N SER A 233 -10.74 13.85 -3.80
CA SER A 233 -10.79 15.12 -4.52
C SER A 233 -10.95 16.32 -3.60
N ARG A 234 -11.07 16.10 -2.28
CA ARG A 234 -11.20 17.18 -1.31
C ARG A 234 -10.10 17.18 -0.25
N LEU A 235 -9.46 16.04 -0.01
CA LEU A 235 -8.32 15.96 0.89
C LEU A 235 -7.00 16.24 0.17
N LEU A 236 -6.87 15.78 -1.06
CA LEU A 236 -5.60 15.85 -1.77
C LEU A 236 -5.04 17.27 -1.87
N PRO A 237 -5.83 18.28 -2.28
CA PRO A 237 -5.24 19.64 -2.35
C PRO A 237 -4.61 20.10 -1.05
N VAL A 238 -5.23 19.79 0.09
CA VAL A 238 -4.70 20.25 1.37
C VAL A 238 -3.34 19.64 1.63
N LEU A 239 -3.18 18.34 1.35
CA LEU A 239 -1.90 17.69 1.56
C LEU A 239 -0.85 18.23 0.59
N LEU A 240 -1.23 18.35 -0.69
CA LEU A 240 -0.30 18.90 -1.68
C LEU A 240 0.12 20.32 -1.33
N SER A 241 -0.70 21.04 -0.58
CA SER A 241 -0.35 22.39 -0.18
C SER A 241 0.50 22.43 1.08
N THR A 242 0.20 21.60 2.07
CA THR A 242 0.98 21.61 3.30
C THR A 242 2.29 20.85 3.17
N ALA A 243 2.51 20.14 2.05
CA ALA A 243 3.81 19.55 1.78
C ALA A 243 4.88 20.58 1.44
N GLN A 244 4.53 21.85 1.33
CA GLN A 244 5.45 22.92 0.99
C GLN A 244 5.71 23.90 2.13
N GLU A 245 5.06 23.72 3.29
CA GLU A 245 5.32 24.59 4.42
C GLU A 245 6.78 24.49 4.86
N ALA A 246 7.29 25.58 5.45
CA ALA A 246 8.69 25.70 5.83
C ALA A 246 8.99 25.05 7.18
N ASP A 247 8.17 24.09 7.61
CA ASP A 247 8.35 23.43 8.90
C ASP A 247 8.56 21.94 8.71
N PRO A 248 9.45 21.32 9.49
CA PRO A 248 9.69 19.87 9.34
C PRO A 248 8.47 19.01 9.68
N GLU A 249 7.81 19.30 10.81
CA GLU A 249 6.70 18.47 11.25
C GLU A 249 5.51 18.59 10.31
N VAL A 250 5.25 19.79 9.78
CA VAL A 250 4.10 19.98 8.89
C VAL A 250 4.28 19.16 7.62
N ARG A 251 5.48 19.18 7.03
CA ARG A 251 5.72 18.39 5.83
C ARG A 251 5.77 16.90 6.16
N SER A 252 6.36 16.54 7.31
CA SER A 252 6.44 15.14 7.69
C SER A 252 5.06 14.53 7.91
N ASN A 253 4.07 15.35 8.30
CA ASN A 253 2.70 14.85 8.38
C ASN A 253 1.96 14.98 7.07
N ALA A 254 2.34 15.95 6.24
CA ALA A 254 1.71 16.09 4.92
C ALA A 254 2.04 14.91 4.03
N ILE A 255 3.33 14.66 3.82
CA ILE A 255 3.76 13.52 3.00
C ILE A 255 3.14 12.23 3.54
N PHE A 256 3.15 12.06 4.86
CA PHE A 256 2.52 10.89 5.45
C PHE A 256 1.05 10.79 5.08
N GLY A 257 0.34 11.92 5.13
CA GLY A 257 -1.04 11.94 4.68
C GLY A 257 -1.19 11.52 3.22
N MET A 258 -0.30 12.00 2.35
CA MET A 258 -0.34 11.56 0.96
C MET A 258 -0.15 10.06 0.87
N GLY A 259 0.67 9.50 1.76
CA GLY A 259 0.97 8.09 1.72
C GLY A 259 -0.20 7.23 2.14
N VAL A 260 -0.73 7.48 3.34
CA VAL A 260 -1.88 6.70 3.80
C VAL A 260 -3.08 6.95 2.90
N LEU A 261 -3.23 8.17 2.39
CA LEU A 261 -4.29 8.44 1.42
C LEU A 261 -4.10 7.56 0.18
N ALA A 262 -2.88 7.50 -0.34
CA ALA A 262 -2.62 6.60 -1.46
C ALA A 262 -2.94 5.16 -1.11
N GLU A 263 -2.74 4.77 0.15
CA GLU A 263 -2.99 3.39 0.55
C GLU A 263 -4.49 3.10 0.56
N HIS A 264 -5.23 3.73 1.48
CA HIS A 264 -6.66 3.51 1.63
C HIS A 264 -7.48 4.37 0.68
N GLY A 265 -6.91 4.79 -0.43
CA GLY A 265 -7.62 5.65 -1.35
C GLY A 265 -8.61 4.92 -2.23
N GLY A 266 -9.04 3.73 -1.81
CA GLY A 266 -10.01 2.96 -2.55
C GLY A 266 -9.60 2.66 -3.98
N HIS A 267 -9.65 3.68 -4.84
CA HIS A 267 -9.35 3.54 -6.26
C HIS A 267 -9.17 4.90 -6.94
N PRO A 268 -10.08 5.86 -6.78
CA PRO A 268 -9.87 7.18 -7.40
C PRO A 268 -8.66 7.94 -6.87
N ALA A 269 -7.97 7.43 -5.85
CA ALA A 269 -6.74 8.08 -5.40
C ALA A 269 -5.55 7.73 -6.26
N GLN A 270 -5.61 6.64 -7.01
CA GLN A 270 -4.46 6.25 -7.83
C GLN A 270 -4.40 7.03 -9.14
N GLU A 271 -5.50 7.67 -9.56
CA GLU A 271 -5.44 8.54 -10.73
C GLU A 271 -4.53 9.74 -10.49
N HIS A 272 -4.27 10.07 -9.22
CA HIS A 272 -3.32 11.11 -8.87
C HIS A 272 -1.94 10.55 -8.56
N PHE A 273 -1.70 9.27 -8.84
CA PHE A 273 -0.39 8.69 -8.56
C PHE A 273 0.74 9.32 -9.38
N PRO A 274 0.61 9.54 -10.69
CA PRO A 274 1.68 10.27 -11.39
C PRO A 274 1.89 11.66 -10.87
N LYS A 275 0.87 12.27 -10.27
CA LYS A 275 1.05 13.58 -9.62
C LYS A 275 1.82 13.45 -8.31
N LEU A 276 1.40 12.51 -7.46
CA LEU A 276 2.04 12.34 -6.15
C LEU A 276 3.54 12.10 -6.30
N LEU A 277 3.91 11.14 -7.16
CA LEU A 277 5.32 10.94 -7.49
C LEU A 277 5.97 12.25 -7.89
N GLY A 278 5.34 12.98 -8.81
CA GLY A 278 5.83 14.26 -9.27
C GLY A 278 6.14 15.24 -8.16
N LEU A 279 5.53 15.05 -6.98
CA LEU A 279 5.85 15.86 -5.83
C LEU A 279 6.87 15.20 -4.91
N LEU A 280 6.78 13.89 -4.73
CA LEU A 280 7.65 13.20 -3.78
C LEU A 280 9.02 12.91 -4.38
N PHE A 281 9.05 12.46 -5.64
CA PHE A 281 10.31 12.13 -6.31
C PHE A 281 11.33 13.25 -6.25
N PRO A 282 11.00 14.50 -6.60
CA PRO A 282 12.02 15.57 -6.43
C PRO A 282 12.27 15.92 -4.98
N LEU A 283 11.22 15.91 -4.15
CA LEU A 283 11.37 16.34 -2.76
C LEU A 283 12.40 15.50 -2.04
N LEU A 284 12.32 14.18 -2.20
CA LEU A 284 13.30 13.30 -1.56
C LEU A 284 14.71 13.66 -1.96
N ALA A 285 14.90 14.16 -3.18
CA ALA A 285 16.23 14.54 -3.64
C ALA A 285 16.76 15.75 -2.90
N ARG A 286 15.89 16.69 -2.56
CA ARG A 286 16.31 17.96 -1.97
C ARG A 286 16.08 18.03 -0.47
N GLU A 287 15.28 17.13 0.10
CA GLU A 287 14.91 17.22 1.50
C GLU A 287 16.12 17.03 2.40
N ARG A 288 16.59 18.12 2.99
CA ARG A 288 17.76 18.10 3.85
C ARG A 288 17.45 17.67 5.29
N HIS A 289 16.20 17.32 5.59
CA HIS A 289 15.82 16.92 6.93
C HIS A 289 15.55 15.42 6.97
N ASP A 290 15.85 14.81 8.12
CA ASP A 290 15.80 13.35 8.25
C ASP A 290 14.37 12.85 8.33
N ARG A 291 13.56 13.48 9.19
CA ARG A 291 12.21 12.97 9.44
C ARG A 291 11.36 13.00 8.17
N VAL A 292 11.30 14.16 7.52
CA VAL A 292 10.53 14.26 6.29
C VAL A 292 11.00 13.23 5.27
N ARG A 293 12.32 13.01 5.20
CA ARG A 293 12.84 11.98 4.30
C ARG A 293 12.27 10.61 4.65
N ASP A 294 12.26 10.26 5.95
CA ASP A 294 11.72 8.97 6.37
C ASP A 294 10.27 8.83 5.94
N ASN A 295 9.46 9.85 6.19
CA ASN A 295 8.05 9.75 5.81
C ASN A 295 7.86 9.72 4.31
N ILE A 296 8.80 10.31 3.56
CA ILE A 296 8.73 10.23 2.10
C ILE A 296 9.01 8.80 1.65
N CYS A 297 9.97 8.13 2.28
CA CYS A 297 10.18 6.72 1.98
C CYS A 297 8.94 5.89 2.30
N GLY A 298 8.31 6.16 3.45
CA GLY A 298 7.10 5.43 3.80
C GLY A 298 5.97 5.65 2.81
N ALA A 299 5.76 6.90 2.41
CA ALA A 299 4.70 7.21 1.45
C ALA A 299 4.98 6.59 0.08
N LEU A 300 6.22 6.69 -0.38
CA LEU A 300 6.58 6.09 -1.66
C LEU A 300 6.40 4.59 -1.62
N ALA A 301 6.73 3.96 -0.49
CA ALA A 301 6.47 2.53 -0.35
C ALA A 301 4.97 2.25 -0.39
N ARG A 302 4.17 3.10 0.24
CA ARG A 302 2.73 2.88 0.29
C ARG A 302 2.12 2.96 -1.10
N LEU A 303 2.51 3.95 -1.90
CA LEU A 303 1.94 3.99 -3.23
C LEU A 303 2.60 3.00 -4.18
N LEU A 304 3.81 2.53 -3.88
CA LEU A 304 4.35 1.41 -4.64
C LEU A 304 3.52 0.16 -4.42
N MET A 305 3.10 -0.08 -3.17
CA MET A 305 2.22 -1.22 -2.90
C MET A 305 0.81 -0.98 -3.40
N ALA A 306 0.38 0.28 -3.51
CA ALA A 306 -1.01 0.58 -3.81
C ALA A 306 -1.37 0.34 -5.26
N SER A 307 -0.40 0.12 -6.15
CA SER A 307 -0.67 -0.07 -7.57
C SER A 307 -0.15 -1.43 -8.01
N PRO A 308 -1.01 -2.46 -8.10
CA PRO A 308 -0.53 -3.79 -8.49
C PRO A 308 -0.53 -4.05 -9.99
N THR A 309 -0.07 -3.07 -10.78
CA THR A 309 0.00 -3.18 -12.23
C THR A 309 0.99 -2.18 -12.78
N ARG A 310 0.87 -0.92 -12.35
CA ARG A 310 1.74 0.16 -12.78
C ARG A 310 2.59 0.64 -11.60
N LYS A 311 3.51 1.56 -11.91
CA LYS A 311 4.47 2.12 -10.96
C LYS A 311 5.35 1.09 -10.27
N PRO A 312 5.85 0.02 -10.94
CA PRO A 312 6.81 -0.86 -10.27
C PRO A 312 8.21 -0.56 -10.76
N GLU A 313 8.39 0.62 -11.37
CA GLU A 313 9.57 0.91 -12.15
C GLU A 313 10.78 1.13 -11.24
N PRO A 314 11.99 0.96 -11.78
CA PRO A 314 13.20 0.96 -10.94
C PRO A 314 13.78 2.32 -10.61
N GLN A 315 13.31 3.41 -11.22
CA GLN A 315 13.81 4.72 -10.79
C GLN A 315 13.21 5.09 -9.45
N VAL A 316 11.89 4.92 -9.30
CA VAL A 316 11.23 5.18 -8.03
C VAL A 316 11.74 4.20 -6.97
N LEU A 317 11.73 2.90 -7.28
CA LEU A 317 12.21 1.91 -6.34
C LEU A 317 13.67 2.16 -5.96
N ALA A 318 14.50 2.48 -6.95
CA ALA A 318 15.93 2.66 -6.68
C ALA A 318 16.19 3.91 -5.86
N ALA A 319 15.42 4.98 -6.10
CA ALA A 319 15.53 6.17 -5.27
C ALA A 319 15.06 5.88 -3.84
N LEU A 320 14.02 5.05 -3.72
CA LEU A 320 13.52 4.66 -2.41
C LEU A 320 14.57 3.91 -1.62
N LEU A 321 15.08 2.81 -2.19
CA LEU A 321 16.11 2.04 -1.48
C LEU A 321 17.36 2.88 -1.25
N HIS A 322 17.69 3.75 -2.20
CA HIS A 322 18.86 4.59 -2.04
C HIS A 322 18.70 5.54 -0.86
N ALA A 323 17.47 5.99 -0.60
CA ALA A 323 17.21 6.87 0.53
C ALA A 323 17.23 6.15 1.87
N LEU A 324 17.51 4.85 1.89
CA LEU A 324 17.54 4.02 3.07
C LEU A 324 18.97 3.80 3.54
N PRO A 325 19.18 3.42 4.82
CA PRO A 325 18.21 3.11 5.86
C PRO A 325 17.57 4.33 6.53
N LEU A 326 16.41 4.12 7.16
CA LEU A 326 15.77 5.19 7.90
C LEU A 326 16.64 5.60 9.07
N LYS A 327 16.69 6.91 9.32
CA LYS A 327 17.62 7.47 10.30
C LYS A 327 16.94 8.03 11.54
N GLU A 328 15.74 8.59 11.41
CA GLU A 328 15.15 9.37 12.50
C GLU A 328 13.74 8.92 12.90
N ASP A 329 12.89 8.60 11.93
CA ASP A 329 11.49 8.21 12.20
C ASP A 329 11.36 6.70 12.00
N LEU A 330 11.75 5.93 13.02
CA LEU A 330 11.83 4.48 12.89
C LEU A 330 10.50 3.78 12.91
N GLU A 331 9.37 4.49 12.89
CA GLU A 331 8.08 3.82 12.82
C GLU A 331 7.75 3.34 11.42
N GLU A 332 8.46 3.82 10.41
CA GLU A 332 8.23 3.40 9.03
C GLU A 332 9.04 2.18 8.62
N TRP A 333 9.85 1.61 9.53
CA TRP A 333 10.52 0.36 9.22
C TRP A 333 9.51 -0.74 8.91
N VAL A 334 8.33 -0.69 9.53
CA VAL A 334 7.31 -1.70 9.24
C VAL A 334 6.80 -1.55 7.82
N THR A 335 6.68 -0.31 7.35
CA THR A 335 6.13 -0.05 6.02
C THR A 335 7.07 -0.59 4.93
N ILE A 336 8.34 -0.20 4.96
CA ILE A 336 9.26 -0.71 3.96
C ILE A 336 9.48 -2.21 4.17
N GLY A 337 9.43 -2.67 5.42
CA GLY A 337 9.42 -4.11 5.68
C GLY A 337 8.32 -4.84 4.95
N ARG A 338 7.15 -4.21 4.82
CA ARG A 338 6.09 -4.79 4.00
C ARG A 338 6.36 -4.61 2.52
N LEU A 339 7.03 -3.52 2.14
CA LEU A 339 7.38 -3.30 0.74
C LEU A 339 8.28 -4.43 0.22
N PHE A 340 9.22 -4.91 1.04
CA PHE A 340 10.05 -6.05 0.67
C PHE A 340 9.19 -7.28 0.38
N SER A 341 8.23 -7.57 1.26
CA SER A 341 7.36 -8.72 1.08
C SER A 341 6.52 -8.59 -0.18
N PHE A 342 6.04 -7.37 -0.48
CA PHE A 342 5.32 -7.14 -1.73
C PHE A 342 6.20 -7.42 -2.93
N LEU A 343 7.46 -6.95 -2.89
CA LEU A 343 8.39 -7.22 -3.97
C LEU A 343 8.57 -8.72 -4.19
N TYR A 344 8.92 -9.47 -3.14
CA TYR A 344 9.09 -10.91 -3.31
C TYR A 344 7.81 -11.59 -3.77
N GLN A 345 6.66 -11.09 -3.32
CA GLN A 345 5.40 -11.79 -3.55
C GLN A 345 4.89 -11.61 -4.98
N SER A 346 5.01 -10.42 -5.54
CA SER A 346 4.43 -10.19 -6.85
C SER A 346 5.45 -9.96 -7.96
N SER A 347 6.39 -9.03 -7.78
CA SER A 347 7.36 -8.69 -8.82
C SER A 347 8.77 -8.99 -8.31
N PRO A 348 9.18 -10.27 -8.29
CA PRO A 348 10.46 -10.62 -7.69
C PRO A 348 11.64 -10.43 -8.64
N ASP A 349 11.39 -10.53 -9.95
CA ASP A 349 12.45 -10.30 -10.92
C ASP A 349 13.01 -8.89 -10.86
N GLN A 350 12.35 -7.97 -10.13
CA GLN A 350 12.91 -6.64 -9.93
C GLN A 350 14.02 -6.62 -8.89
N VAL A 351 14.04 -7.60 -7.97
CA VAL A 351 15.02 -7.57 -6.89
C VAL A 351 16.42 -7.90 -7.36
N ILE A 352 16.58 -8.33 -8.61
CA ILE A 352 17.92 -8.54 -9.14
C ILE A 352 18.64 -7.20 -9.33
N ASP A 353 17.93 -6.22 -9.93
CA ASP A 353 18.54 -4.94 -10.24
C ASP A 353 19.02 -4.24 -8.97
N VAL A 354 18.27 -4.36 -7.89
CA VAL A 354 18.57 -3.66 -6.65
C VAL A 354 19.35 -4.56 -5.68
N ALA A 355 19.92 -5.65 -6.18
CA ALA A 355 20.65 -6.57 -5.30
C ALA A 355 21.80 -5.91 -4.56
N PRO A 356 22.66 -5.08 -5.19
CA PRO A 356 23.68 -4.37 -4.38
C PRO A 356 23.07 -3.42 -3.37
N GLU A 357 21.96 -2.77 -3.71
CA GLU A 357 21.30 -1.88 -2.77
C GLU A 357 20.75 -2.67 -1.58
N LEU A 358 19.95 -3.70 -1.86
CA LEU A 358 19.39 -4.52 -0.78
C LEU A 358 20.50 -5.08 0.10
N LEU A 359 21.61 -5.48 -0.51
CA LEU A 359 22.72 -5.99 0.29
C LEU A 359 23.34 -4.90 1.15
N ARG A 360 23.53 -3.71 0.58
CA ARG A 360 24.13 -2.62 1.35
C ARG A 360 23.23 -2.21 2.51
N ILE A 361 21.91 -2.39 2.37
CA ILE A 361 21.00 -2.05 3.46
C ILE A 361 20.98 -3.16 4.51
N CYS A 362 20.86 -4.42 4.06
CA CYS A 362 20.82 -5.54 5.01
C CYS A 362 22.10 -5.64 5.81
N SER A 363 23.24 -5.23 5.21
CA SER A 363 24.48 -5.22 5.97
C SER A 363 24.39 -4.31 7.20
N LEU A 364 23.57 -3.26 7.14
CA LEU A 364 23.46 -2.31 8.23
C LEU A 364 22.32 -2.61 9.19
N ILE A 365 21.18 -3.11 8.68
CA ILE A 365 19.99 -3.24 9.52
C ILE A 365 20.19 -4.27 10.63
N LEU A 366 21.02 -5.28 10.41
CA LEU A 366 21.11 -6.38 11.38
C LEU A 366 21.62 -5.91 12.73
N ALA A 367 22.50 -4.91 12.75
CA ALA A 367 23.12 -4.50 14.01
C ALA A 367 22.12 -3.79 14.91
N ASP A 368 21.22 -3.01 14.33
CA ASP A 368 20.39 -2.10 15.11
C ASP A 368 19.43 -2.91 15.98
N ASN A 369 19.33 -2.51 17.26
CA ASN A 369 18.40 -3.16 18.16
C ASN A 369 16.97 -2.74 17.87
N LYS A 370 16.78 -1.47 17.51
CA LYS A 370 15.45 -0.91 17.37
C LYS A 370 14.91 -0.99 15.95
N ILE A 371 15.41 -1.93 15.15
CA ILE A 371 14.82 -2.28 13.87
C ILE A 371 13.95 -3.51 14.09
N PRO A 372 12.65 -3.47 13.80
CA PRO A 372 11.75 -4.59 14.14
C PRO A 372 12.22 -5.89 13.50
N PRO A 373 12.22 -6.99 14.26
CA PRO A 373 12.77 -8.24 13.71
C PRO A 373 12.06 -8.72 12.46
N ASP A 374 10.74 -8.51 12.36
CA ASP A 374 10.03 -8.96 11.17
C ASP A 374 10.48 -8.19 9.93
N THR A 375 10.97 -6.97 10.09
CA THR A 375 11.51 -6.22 8.95
C THR A 375 12.80 -6.86 8.46
N LYS A 376 13.71 -7.16 9.39
CA LYS A 376 14.92 -7.89 9.02
C LYS A 376 14.57 -9.20 8.31
N ALA A 377 13.59 -9.94 8.83
CA ALA A 377 13.17 -11.17 8.19
C ALA A 377 12.65 -10.91 6.79
N ALA A 378 11.90 -9.83 6.60
CA ALA A 378 11.38 -9.50 5.28
C ALA A 378 12.51 -9.19 4.31
N LEU A 379 13.61 -8.61 4.79
CA LEU A 379 14.77 -8.38 3.92
C LEU A 379 15.48 -9.68 3.59
N LEU A 380 15.67 -10.53 4.60
CA LEU A 380 16.30 -11.83 4.36
C LEU A 380 15.48 -12.71 3.44
N LEU A 381 14.16 -12.47 3.32
CA LEU A 381 13.37 -13.21 2.35
C LEU A 381 13.81 -12.90 0.92
N LEU A 382 13.86 -11.61 0.57
CA LEU A 382 14.37 -11.21 -0.73
C LEU A 382 15.78 -11.75 -0.95
N LEU A 383 16.67 -11.52 0.02
CA LEU A 383 18.05 -11.97 -0.15
C LEU A 383 18.13 -13.48 -0.35
N THR A 384 17.22 -14.24 0.27
CA THR A 384 17.17 -15.67 0.00
C THR A 384 16.69 -15.95 -1.42
N PHE A 385 15.72 -15.17 -1.91
CA PHE A 385 15.32 -15.31 -3.30
C PHE A 385 16.47 -14.95 -4.24
N LEU A 386 17.48 -14.25 -3.75
CA LEU A 386 18.67 -14.00 -4.57
C LEU A 386 19.73 -15.08 -4.42
N ALA A 387 19.82 -15.72 -3.25
CA ALA A 387 20.90 -16.67 -3.02
C ALA A 387 20.71 -17.98 -3.77
N LYS A 388 19.48 -18.33 -4.12
CA LYS A 388 19.21 -19.54 -4.89
C LYS A 388 18.89 -19.21 -6.34
N GLN A 389 17.70 -18.67 -6.61
CA GLN A 389 17.42 -18.14 -7.94
C GLN A 389 18.22 -16.86 -8.15
N HIS A 390 18.66 -16.64 -9.39
CA HIS A 390 19.60 -15.55 -9.71
C HIS A 390 20.85 -15.66 -8.84
N THR A 391 21.50 -16.82 -8.91
CA THR A 391 22.55 -17.15 -7.94
C THR A 391 23.82 -16.32 -8.17
N ASP A 392 24.41 -16.42 -9.37
CA ASP A 392 25.67 -15.73 -9.63
C ASP A 392 25.50 -14.21 -9.71
N SER A 393 24.32 -13.71 -10.05
CA SER A 393 24.09 -12.27 -10.02
C SER A 393 24.06 -11.75 -8.59
N PHE A 394 23.53 -12.56 -7.66
CA PHE A 394 23.63 -12.22 -6.25
C PHE A 394 25.06 -12.36 -5.75
N GLN A 395 25.80 -13.34 -6.28
CA GLN A 395 27.21 -13.47 -5.94
C GLN A 395 27.99 -12.22 -6.32
N ALA A 396 27.85 -11.77 -7.57
CA ALA A 396 28.50 -10.53 -7.97
C ALA A 396 27.96 -9.33 -7.19
N ALA A 397 26.69 -9.39 -6.77
CA ALA A 397 26.16 -8.35 -5.90
C ALA A 397 26.90 -8.32 -4.57
N LEU A 398 27.32 -9.46 -4.07
CA LEU A 398 28.17 -9.51 -2.88
C LEU A 398 29.58 -9.01 -3.13
N GLY A 399 29.89 -8.51 -4.32
CA GLY A 399 31.25 -8.07 -4.63
C GLY A 399 31.54 -6.64 -4.24
N SER A 400 30.49 -5.85 -4.01
CA SER A 400 30.67 -4.47 -3.61
C SER A 400 30.66 -4.28 -2.10
N LEU A 401 30.37 -5.32 -1.35
CA LEU A 401 30.33 -5.18 0.09
C LEU A 401 31.71 -5.39 0.69
N PRO A 402 32.01 -4.74 1.82
CA PRO A 402 33.25 -5.01 2.53
C PRO A 402 33.35 -6.50 2.88
N VAL A 403 34.48 -7.09 2.51
CA VAL A 403 34.71 -8.52 2.71
C VAL A 403 34.45 -8.94 4.15
N ASP A 404 34.68 -8.05 5.11
CA ASP A 404 34.36 -8.34 6.51
C ASP A 404 32.86 -8.44 6.73
N LYS A 405 32.10 -7.48 6.18
CA LYS A 405 30.66 -7.46 6.33
C LYS A 405 29.94 -8.26 5.23
N ALA A 406 30.65 -8.69 4.20
CA ALA A 406 30.06 -9.60 3.21
C ALA A 406 30.05 -11.05 3.67
N GLN A 407 30.61 -11.33 4.85
CA GLN A 407 30.60 -12.66 5.42
C GLN A 407 29.76 -12.78 6.69
N GLU A 408 29.40 -11.65 7.31
CA GLU A 408 28.31 -11.67 8.29
C GLU A 408 26.99 -12.06 7.63
N LEU A 409 26.78 -11.63 6.38
CA LEU A 409 25.58 -12.03 5.65
C LEU A 409 25.65 -13.48 5.22
N GLN A 410 26.84 -14.01 5.00
CA GLN A 410 27.01 -15.43 4.71
C GLN A 410 27.13 -16.26 5.98
N ALA A 411 26.89 -15.66 7.15
CA ALA A 411 26.61 -16.45 8.35
C ALA A 411 25.24 -17.09 8.27
N VAL A 412 24.47 -16.80 7.22
CA VAL A 412 23.20 -17.44 6.93
C VAL A 412 23.35 -18.24 5.64
N LEU A 413 24.30 -19.18 5.62
CA LEU A 413 24.64 -19.93 4.43
C LEU A 413 24.12 -21.37 4.52
N LEU B 27 -13.20 21.33 51.63
CA LEU B 27 -12.51 20.24 50.94
C LEU B 27 -13.46 19.05 50.75
N PRO B 28 -13.46 18.46 49.55
CA PRO B 28 -14.46 17.43 49.24
C PRO B 28 -14.38 16.25 50.21
N TYR B 29 -15.55 15.78 50.62
CA TYR B 29 -15.67 14.66 51.56
C TYR B 29 -15.36 13.37 50.81
N MET B 30 -14.11 12.89 50.94
CA MET B 30 -13.67 11.72 50.18
C MET B 30 -14.23 10.42 50.75
N GLU B 31 -14.50 10.38 52.06
CA GLU B 31 -14.83 9.11 52.71
C GLU B 31 -16.02 8.42 52.07
N SER B 32 -16.85 9.14 51.31
CA SER B 32 -17.97 8.53 50.63
C SER B 32 -17.51 7.60 49.52
N VAL B 33 -16.60 8.07 48.66
CA VAL B 33 -16.16 7.22 47.56
C VAL B 33 -15.21 6.13 48.03
N PHE B 34 -14.38 6.42 49.04
CA PHE B 34 -13.43 5.44 49.56
C PHE B 34 -14.12 4.12 49.91
N GLU B 35 -15.06 4.16 50.86
CA GLU B 35 -15.79 2.96 51.24
C GLU B 35 -16.34 2.22 50.03
N GLU B 36 -16.73 2.94 48.97
CA GLU B 36 -17.23 2.25 47.79
C GLU B 36 -16.09 1.64 46.97
N VAL B 37 -15.04 2.41 46.72
CA VAL B 37 -13.97 1.92 45.86
C VAL B 37 -13.27 0.73 46.51
N PHE B 38 -13.17 0.71 47.83
CA PHE B 38 -12.60 -0.44 48.53
C PHE B 38 -13.36 -1.72 48.20
N LYS B 39 -14.68 -1.62 48.04
CA LYS B 39 -15.46 -2.80 47.67
C LYS B 39 -14.98 -3.40 46.36
N LEU B 40 -14.45 -2.56 45.45
CA LEU B 40 -13.94 -3.07 44.18
C LEU B 40 -12.74 -3.98 44.36
N LEU B 41 -12.02 -3.88 45.48
CA LEU B 41 -10.91 -4.78 45.73
C LEU B 41 -11.40 -6.15 46.19
N GLU B 42 -12.55 -6.21 46.88
CA GLU B 42 -13.20 -7.46 47.26
C GLU B 42 -13.96 -8.10 46.10
N CYS B 43 -13.38 -8.07 44.91
CA CYS B 43 -14.04 -8.53 43.70
C CYS B 43 -13.14 -9.52 42.95
N PRO B 44 -13.72 -10.35 42.06
CA PRO B 44 -12.91 -11.39 41.40
C PRO B 44 -12.05 -10.87 40.25
N HIS B 45 -12.60 -10.07 39.35
CA HIS B 45 -11.86 -9.62 38.17
C HIS B 45 -10.62 -8.84 38.56
N LEU B 46 -9.66 -8.76 37.64
CA LEU B 46 -8.35 -8.17 37.91
C LEU B 46 -8.24 -6.71 37.45
N ASN B 47 -8.74 -6.40 36.25
CA ASN B 47 -8.68 -5.02 35.76
C ASN B 47 -9.47 -4.08 36.67
N VAL B 48 -10.52 -4.59 37.32
CA VAL B 48 -11.26 -3.79 38.29
C VAL B 48 -10.34 -3.38 39.44
N ARG B 49 -9.76 -4.38 40.13
CA ARG B 49 -8.89 -4.09 41.26
C ARG B 49 -7.71 -3.22 40.86
N LYS B 50 -7.26 -3.34 39.62
CA LYS B 50 -6.17 -2.48 39.14
C LYS B 50 -6.64 -1.04 39.03
N ALA B 51 -7.78 -0.82 38.37
CA ALA B 51 -8.30 0.54 38.17
C ALA B 51 -8.64 1.20 39.51
N ALA B 52 -9.13 0.42 40.46
CA ALA B 52 -9.41 0.96 41.79
C ALA B 52 -8.13 1.26 42.55
N HIS B 53 -7.14 0.38 42.42
CA HIS B 53 -5.87 0.59 43.12
C HIS B 53 -5.18 1.86 42.66
N GLU B 54 -5.14 2.10 41.35
CA GLU B 54 -4.55 3.36 40.88
C GLU B 54 -5.50 4.54 41.11
N ALA B 55 -6.81 4.29 41.11
CA ALA B 55 -7.79 5.36 41.29
C ALA B 55 -7.71 5.98 42.67
N LEU B 56 -7.64 5.16 43.73
CA LEU B 56 -7.52 5.71 45.08
C LEU B 56 -6.30 6.62 45.19
N GLY B 57 -5.19 6.25 44.54
CA GLY B 57 -4.00 7.07 44.62
C GLY B 57 -4.13 8.37 43.85
N GLN B 58 -4.75 8.31 42.66
CA GLN B 58 -5.04 9.54 41.94
C GLN B 58 -5.90 10.47 42.78
N PHE B 59 -6.94 9.92 43.42
CA PHE B 59 -7.75 10.71 44.34
C PHE B 59 -6.91 11.34 45.42
N CYS B 60 -6.00 10.57 46.04
CA CYS B 60 -5.16 11.14 47.10
C CYS B 60 -4.32 12.29 46.57
N CYS B 61 -3.81 12.18 45.34
CA CYS B 61 -2.98 13.25 44.78
C CYS B 61 -3.80 14.52 44.53
N ALA B 62 -4.98 14.36 43.94
CA ALA B 62 -5.88 15.49 43.75
C ALA B 62 -6.25 16.12 45.08
N LEU B 63 -6.44 15.30 46.11
CA LEU B 63 -6.73 15.83 47.43
C LEU B 63 -5.53 16.55 48.02
N HIS B 64 -4.31 16.18 47.63
CA HIS B 64 -3.13 16.91 48.09
C HIS B 64 -3.06 18.29 47.46
N LYS B 65 -3.27 18.37 46.15
CA LYS B 65 -3.20 19.67 45.47
C LYS B 65 -4.34 20.57 45.92
N ALA B 66 -5.56 20.02 45.97
CA ALA B 66 -6.68 20.79 46.49
C ALA B 66 -6.45 21.22 47.93
N CYS B 67 -5.77 20.37 48.71
CA CYS B 67 -5.49 20.72 50.10
C CYS B 67 -4.46 21.83 50.21
N GLN B 68 -3.53 21.92 49.24
CA GLN B 68 -2.54 22.99 49.27
C GLN B 68 -3.02 24.26 48.57
N SER B 69 -4.14 24.21 47.85
CA SER B 69 -4.77 25.45 47.38
C SER B 69 -5.42 26.19 48.54
N CYS B 70 -6.46 25.61 49.13
CA CYS B 70 -7.07 26.15 50.35
C CYS B 70 -6.46 25.43 51.55
N PRO B 71 -5.44 26.00 52.20
CA PRO B 71 -4.60 25.22 53.11
C PRO B 71 -4.98 25.31 54.58
N SER B 72 -6.27 25.23 54.91
CA SER B 72 -6.64 25.15 56.31
C SER B 72 -6.29 23.78 56.87
N GLU B 73 -6.15 23.72 58.19
CA GLU B 73 -5.80 22.49 58.88
C GLU B 73 -6.94 21.48 58.94
N PRO B 74 -8.21 21.89 59.05
CA PRO B 74 -9.30 20.91 58.85
C PRO B 74 -9.21 20.19 57.50
N ASN B 75 -8.54 20.78 56.51
CA ASN B 75 -8.25 20.06 55.27
C ASN B 75 -7.07 19.11 55.45
N THR B 76 -6.03 19.56 56.15
CA THR B 76 -4.83 18.75 56.31
C THR B 76 -5.13 17.46 57.07
N ALA B 77 -5.93 17.55 58.14
CA ALA B 77 -6.28 16.34 58.89
C ALA B 77 -7.17 15.41 58.08
N ALA B 78 -7.91 15.95 57.11
CA ALA B 78 -8.75 15.11 56.26
C ALA B 78 -7.93 14.38 55.21
N LEU B 79 -6.98 15.09 54.61
CA LEU B 79 -6.03 14.44 53.69
C LEU B 79 -5.21 13.38 54.41
N GLN B 80 -4.75 13.69 55.63
CA GLN B 80 -4.07 12.68 56.43
C GLN B 80 -4.99 11.50 56.70
N ALA B 81 -6.27 11.76 57.01
CA ALA B 81 -7.23 10.68 57.19
C ALA B 81 -7.47 9.91 55.89
N ALA B 82 -7.10 10.47 54.74
CA ALA B 82 -7.22 9.74 53.49
C ALA B 82 -6.01 8.84 53.25
N LEU B 83 -4.81 9.40 53.37
CA LEU B 83 -3.60 8.60 53.22
C LEU B 83 -3.57 7.47 54.25
N ALA B 84 -4.00 7.75 55.47
CA ALA B 84 -4.06 6.73 56.51
C ALA B 84 -5.04 5.61 56.18
N ARG B 85 -5.89 5.81 55.18
CA ARG B 85 -6.83 4.77 54.76
C ARG B 85 -6.42 4.11 53.45
N VAL B 86 -5.64 4.79 52.62
CA VAL B 86 -5.26 4.24 51.33
C VAL B 86 -3.93 3.48 51.40
N VAL B 87 -2.96 3.98 52.16
CA VAL B 87 -1.63 3.38 52.15
C VAL B 87 -1.64 2.00 52.83
N PRO B 88 -2.26 1.82 54.00
CA PRO B 88 -2.39 0.46 54.55
C PRO B 88 -3.19 -0.50 53.67
N SER B 89 -3.68 -0.07 52.51
CA SER B 89 -4.27 -0.96 51.52
C SER B 89 -3.28 -1.34 50.44
N TYR B 90 -2.42 -0.40 50.06
CA TYR B 90 -1.31 -0.71 49.16
C TYR B 90 -0.33 -1.68 49.81
N MET B 91 0.06 -1.40 51.06
CA MET B 91 1.01 -2.27 51.76
C MET B 91 0.52 -3.70 51.81
N GLN B 92 -0.72 -3.91 52.27
CA GLN B 92 -1.26 -5.27 52.31
C GLN B 92 -1.51 -5.81 50.90
N ALA B 93 -1.75 -4.92 49.94
CA ALA B 93 -2.00 -5.36 48.57
C ALA B 93 -0.74 -5.90 47.91
N VAL B 94 0.44 -5.47 48.36
CA VAL B 94 1.68 -5.91 47.73
C VAL B 94 1.96 -7.37 48.06
N ASN B 95 2.13 -7.69 49.34
CA ASN B 95 2.62 -9.00 49.73
C ASN B 95 1.52 -10.05 49.88
N ARG B 96 0.25 -9.64 49.98
CA ARG B 96 -0.84 -10.59 50.20
C ARG B 96 -1.78 -10.69 49.00
N GLU B 97 -1.32 -10.33 47.80
CA GLU B 97 -2.10 -10.51 46.58
C GLU B 97 -1.31 -11.35 45.58
N ARG B 98 -2.04 -12.03 44.70
CA ARG B 98 -1.43 -13.03 43.82
C ARG B 98 -1.14 -12.51 42.41
N GLU B 99 -1.87 -11.51 41.94
CA GLU B 99 -1.72 -11.06 40.55
C GLU B 99 -0.57 -10.07 40.45
N ARG B 100 0.46 -10.44 39.69
CA ARG B 100 1.64 -9.59 39.59
C ARG B 100 1.33 -8.25 38.92
N GLN B 101 0.38 -8.24 37.99
CA GLN B 101 0.01 -7.01 37.30
C GLN B 101 -0.61 -6.01 38.28
N VAL B 102 -1.55 -6.48 39.09
CA VAL B 102 -2.19 -5.61 40.07
C VAL B 102 -1.15 -5.06 41.05
N VAL B 103 -0.19 -5.90 41.46
CA VAL B 103 0.84 -5.44 42.38
C VAL B 103 1.75 -4.40 41.72
N MET B 104 2.01 -4.57 40.42
CA MET B 104 2.70 -3.52 39.69
C MET B 104 1.94 -2.21 39.78
N ALA B 105 0.63 -2.24 39.53
CA ALA B 105 -0.16 -1.03 39.63
C ALA B 105 -0.11 -0.43 41.03
N VAL B 106 -0.17 -1.28 42.05
CA VAL B 106 -0.10 -0.82 43.43
C VAL B 106 1.21 -0.11 43.71
N LEU B 107 2.32 -0.68 43.24
CA LEU B 107 3.61 -0.02 43.43
C LEU B 107 3.69 1.27 42.64
N GLU B 108 3.01 1.35 41.50
CA GLU B 108 3.02 2.58 40.71
C GLU B 108 2.26 3.69 41.42
N ALA B 109 1.02 3.43 41.81
CA ALA B 109 0.22 4.45 42.49
C ALA B 109 0.80 4.79 43.85
N LEU B 110 1.51 3.84 44.47
CA LEU B 110 2.22 4.14 45.71
C LEU B 110 3.37 5.10 45.45
N THR B 111 4.13 4.88 44.36
CA THR B 111 5.18 5.82 44.00
C THR B 111 4.63 7.21 43.75
N GLY B 112 3.48 7.30 43.06
CA GLY B 112 2.89 8.60 42.80
C GLY B 112 2.41 9.31 44.06
N VAL B 113 1.79 8.55 44.98
CA VAL B 113 1.37 9.12 46.26
C VAL B 113 2.58 9.64 47.03
N LEU B 114 3.67 8.87 47.05
CA LEU B 114 4.89 9.30 47.72
C LEU B 114 5.46 10.57 47.09
N ARG B 115 5.44 10.64 45.76
CA ARG B 115 6.00 11.80 45.07
C ARG B 115 5.17 13.05 45.33
N SER B 116 3.84 12.93 45.32
CA SER B 116 3.00 14.11 45.51
C SER B 116 2.94 14.51 46.98
N CYS B 117 2.39 13.65 47.84
CA CYS B 117 2.22 13.99 49.24
C CYS B 117 3.56 14.09 49.97
N GLY B 118 4.49 13.20 49.66
CA GLY B 118 5.83 13.32 50.22
C GLY B 118 5.84 13.00 51.71
N THR B 119 6.42 13.90 52.50
CA THR B 119 6.64 13.63 53.92
C THR B 119 5.32 13.45 54.67
N LEU B 120 4.21 13.94 54.12
CA LEU B 120 2.91 13.79 54.76
C LEU B 120 2.46 12.34 54.87
N THR B 121 3.08 11.43 54.12
CA THR B 121 2.70 10.02 54.11
C THR B 121 3.42 9.20 55.17
N LEU B 122 4.46 9.74 55.80
CA LEU B 122 5.32 8.98 56.69
C LEU B 122 5.24 9.46 58.14
N LYS B 123 4.09 9.99 58.54
CA LYS B 123 3.93 10.48 59.91
C LYS B 123 3.74 9.37 60.94
N PRO B 124 2.85 8.40 60.72
CA PRO B 124 2.62 7.37 61.76
C PRO B 124 3.89 6.64 62.14
N PRO B 125 4.07 6.33 63.43
CA PRO B 125 5.28 5.63 63.85
C PRO B 125 5.37 4.25 63.22
N GLY B 126 6.41 4.04 62.42
CA GLY B 126 6.57 2.77 61.74
C GLY B 126 5.96 2.70 60.36
N ARG B 127 5.63 3.85 59.76
CA ARG B 127 5.19 3.84 58.37
C ARG B 127 6.39 3.61 57.44
N LEU B 128 7.48 4.34 57.67
CA LEU B 128 8.71 4.12 56.90
C LEU B 128 9.17 2.68 57.00
N ALA B 129 9.20 2.13 58.22
CA ALA B 129 9.70 0.78 58.42
C ALA B 129 8.87 -0.24 57.64
N GLU B 130 7.54 -0.13 57.72
CA GLU B 130 6.68 -1.10 57.05
C GLU B 130 6.74 -0.94 55.54
N LEU B 131 6.87 0.30 55.05
CA LEU B 131 7.01 0.51 53.60
C LEU B 131 8.30 -0.13 53.10
N CYS B 132 9.42 0.17 53.76
CA CYS B 132 10.70 -0.44 53.36
C CYS B 132 10.63 -1.95 53.43
N GLY B 133 10.01 -2.49 54.48
CA GLY B 133 9.83 -3.93 54.56
C GLY B 133 9.03 -4.47 53.38
N VAL B 134 8.05 -3.71 52.93
CA VAL B 134 7.25 -4.14 51.77
C VAL B 134 8.12 -4.19 50.52
N LEU B 135 8.86 -3.11 50.26
CA LEU B 135 9.69 -3.06 49.06
C LEU B 135 10.78 -4.14 49.07
N LYS B 136 11.51 -4.26 50.18
CA LYS B 136 12.46 -5.36 50.32
C LYS B 136 11.78 -6.70 50.07
N ALA B 137 10.56 -6.87 50.59
CA ALA B 137 9.84 -8.10 50.35
C ALA B 137 9.56 -8.31 48.86
N VAL B 138 9.42 -7.23 48.09
CA VAL B 138 9.24 -7.37 46.65
C VAL B 138 10.55 -7.82 46.00
N LEU B 139 11.66 -7.18 46.40
CA LEU B 139 12.94 -7.49 45.76
C LEU B 139 13.38 -8.92 46.03
N GLN B 140 12.95 -9.52 47.13
CA GLN B 140 13.39 -10.84 47.55
C GLN B 140 12.44 -11.95 47.12
N ARG B 141 11.35 -11.63 46.43
CA ARG B 141 10.34 -12.61 46.01
C ARG B 141 9.66 -13.28 47.19
N LYS B 142 9.53 -12.56 48.31
CA LYS B 142 8.82 -13.04 49.48
C LYS B 142 7.30 -12.83 49.38
N THR B 143 6.81 -12.38 48.22
CA THR B 143 5.40 -12.11 48.02
C THR B 143 4.84 -13.04 46.95
N ALA B 144 3.58 -13.46 47.13
CA ALA B 144 2.96 -14.42 46.21
C ALA B 144 2.91 -13.90 44.77
N TYR B 162 4.69 -11.15 35.64
CA TYR B 162 5.82 -10.62 34.89
C TYR B 162 6.82 -9.97 35.85
N ASP B 163 7.78 -10.77 36.33
CA ASP B 163 8.58 -10.39 37.48
C ASP B 163 9.65 -9.34 37.17
N ALA B 164 9.98 -9.13 35.90
CA ALA B 164 10.97 -8.10 35.56
C ALA B 164 10.44 -6.72 35.92
N MET B 165 9.36 -6.29 35.25
CA MET B 165 8.71 -5.04 35.62
C MET B 165 8.31 -5.04 37.09
N LEU B 166 7.87 -6.19 37.61
CA LEU B 166 7.49 -6.28 39.02
C LEU B 166 8.63 -5.90 39.94
N LEU B 167 9.88 -6.18 39.55
CA LEU B 167 11.02 -5.69 40.31
C LEU B 167 11.34 -4.24 39.98
N GLU B 168 11.06 -3.81 38.74
CA GLU B 168 11.41 -2.46 38.33
C GLU B 168 10.55 -1.41 39.04
N HIS B 169 9.28 -1.71 39.30
CA HIS B 169 8.42 -0.77 40.01
C HIS B 169 8.88 -0.62 41.46
N ALA B 170 9.12 -1.74 42.14
CA ALA B 170 9.68 -1.69 43.49
C ALA B 170 10.99 -0.94 43.52
N GLY B 171 11.76 -0.98 42.43
CA GLY B 171 12.94 -0.14 42.36
C GLY B 171 12.60 1.33 42.28
N GLU B 172 11.73 1.69 41.33
CA GLU B 172 11.35 3.08 41.11
C GLU B 172 10.78 3.72 42.37
N ALA B 173 10.11 2.94 43.22
CA ALA B 173 9.52 3.49 44.43
C ALA B 173 10.56 3.87 45.48
N ILE B 174 11.79 3.36 45.37
CA ILE B 174 12.79 3.59 46.40
C ILE B 174 13.26 5.05 46.42
N PRO B 175 13.63 5.67 45.29
CA PRO B 175 13.99 7.09 45.35
C PRO B 175 12.86 7.97 45.82
N ALA B 176 11.61 7.57 45.57
CA ALA B 176 10.48 8.33 46.10
C ALA B 176 10.44 8.24 47.62
N LEU B 177 10.67 7.06 48.18
CA LEU B 177 10.67 6.90 49.62
C LEU B 177 11.83 7.65 50.25
N ALA B 178 13.00 7.63 49.61
CA ALA B 178 14.11 8.44 50.10
C ALA B 178 13.77 9.92 50.05
N ALA B 179 13.13 10.37 48.96
CA ALA B 179 12.77 11.79 48.83
C ALA B 179 11.78 12.21 49.91
N ALA B 180 10.83 11.33 50.23
CA ALA B 180 9.81 11.65 51.22
C ALA B 180 10.37 11.62 52.63
N ALA B 181 11.26 10.67 52.93
CA ALA B 181 11.87 10.60 54.25
C ALA B 181 13.02 11.57 54.43
N GLY B 182 13.66 11.99 53.34
CA GLY B 182 14.73 12.98 53.44
C GLY B 182 16.09 12.40 53.81
N GLY B 183 16.39 11.20 53.34
CA GLY B 183 17.72 10.63 53.51
C GLY B 183 18.08 10.32 54.96
N ASP B 184 18.17 11.36 55.78
CA ASP B 184 18.46 11.20 57.20
C ASP B 184 17.57 10.14 57.83
N SER B 185 16.25 10.30 57.71
CA SER B 185 15.34 9.32 58.25
C SER B 185 15.31 8.04 57.42
N PHE B 186 15.95 8.03 56.24
CA PHE B 186 15.88 6.89 55.34
C PHE B 186 17.18 6.10 55.26
N ALA B 187 18.29 6.64 55.77
CA ALA B 187 19.59 6.00 55.66
C ALA B 187 19.65 4.63 56.35
N PRO B 188 19.21 4.48 57.61
CA PRO B 188 19.25 3.14 58.22
C PRO B 188 18.53 2.08 57.42
N PHE B 189 17.53 2.45 56.62
CA PHE B 189 16.89 1.46 55.77
C PHE B 189 17.63 1.29 54.45
N PHE B 190 18.22 2.37 53.93
CA PHE B 190 19.01 2.26 52.70
C PHE B 190 20.20 1.35 52.89
N ALA B 191 20.78 1.32 54.09
CA ALA B 191 21.80 0.33 54.38
C ALA B 191 21.30 -1.08 54.11
N GLY B 192 20.04 -1.35 54.42
CA GLY B 192 19.45 -2.64 54.09
C GLY B 192 19.08 -2.80 52.63
N PHE B 193 18.82 -1.68 51.94
CA PHE B 193 18.47 -1.75 50.51
C PHE B 193 19.70 -1.97 49.63
N LEU B 194 20.88 -1.59 50.10
CA LEU B 194 22.06 -1.60 49.24
C LEU B 194 22.43 -2.98 48.71
N PRO B 195 22.47 -4.06 49.51
CA PRO B 195 22.88 -5.36 48.95
C PRO B 195 22.01 -5.83 47.79
N LEU B 196 20.69 -5.89 47.98
CA LEU B 196 19.81 -6.41 46.94
C LEU B 196 19.95 -5.65 45.62
N LEU B 197 20.43 -4.41 45.66
CA LEU B 197 20.66 -3.61 44.46
C LEU B 197 22.04 -3.84 43.89
N VAL B 198 23.06 -3.98 44.74
CA VAL B 198 24.41 -4.25 44.25
C VAL B 198 24.47 -5.61 43.56
N CYS B 199 23.68 -6.57 44.04
CA CYS B 199 23.64 -7.89 43.42
C CYS B 199 23.24 -7.81 41.95
N LYS B 200 22.28 -6.94 41.62
CA LYS B 200 21.80 -6.84 40.24
C LYS B 200 22.84 -6.22 39.31
N THR B 201 23.87 -5.60 39.86
CA THR B 201 24.92 -5.00 39.05
C THR B 201 26.08 -5.95 38.78
N LYS B 202 26.15 -7.07 39.51
CA LYS B 202 27.30 -7.96 39.41
C LYS B 202 27.38 -8.59 38.03
N GLN B 203 28.60 -8.94 37.63
CA GLN B 203 28.84 -9.53 36.33
C GLN B 203 28.20 -10.92 36.25
N GLY B 204 27.28 -11.07 35.30
CA GLY B 204 26.51 -12.29 35.20
C GLY B 204 25.06 -11.95 34.94
N CYS B 205 24.64 -10.79 35.45
CA CYS B 205 23.29 -10.30 35.19
C CYS B 205 23.19 -9.76 33.76
N THR B 206 21.97 -9.43 33.36
CA THR B 206 21.73 -8.91 32.03
C THR B 206 21.80 -7.38 32.05
N VAL B 207 21.77 -6.80 30.84
CA VAL B 207 21.92 -5.35 30.68
C VAL B 207 20.80 -4.61 31.40
N ALA B 208 19.54 -5.02 31.17
CA ALA B 208 18.41 -4.27 31.68
C ALA B 208 18.44 -4.17 33.21
N GLU B 209 18.73 -5.27 33.88
CA GLU B 209 18.66 -5.28 35.34
C GLU B 209 19.82 -4.54 35.97
N LYS B 210 21.01 -4.58 35.38
CA LYS B 210 22.13 -3.87 35.97
C LYS B 210 22.06 -2.37 35.67
N SER B 211 21.64 -1.98 34.46
CA SER B 211 21.40 -0.57 34.19
C SER B 211 20.31 -0.03 35.10
N PHE B 212 19.22 -0.79 35.24
CA PHE B 212 18.15 -0.40 36.14
C PHE B 212 18.63 -0.25 37.57
N ALA B 213 19.48 -1.17 38.02
CA ALA B 213 19.96 -1.11 39.40
C ALA B 213 20.85 0.11 39.61
N VAL B 214 21.80 0.33 38.70
CA VAL B 214 22.72 1.47 38.85
C VAL B 214 21.95 2.78 38.78
N GLY B 215 20.92 2.85 37.94
CA GLY B 215 20.06 4.02 37.92
C GLY B 215 19.31 4.21 39.22
N THR B 216 18.79 3.11 39.79
CA THR B 216 18.11 3.20 41.08
C THR B 216 19.04 3.76 42.14
N LEU B 217 20.29 3.29 42.18
CA LEU B 217 21.26 3.86 43.11
C LEU B 217 21.52 5.33 42.80
N ALA B 218 21.52 5.69 41.52
CA ALA B 218 21.80 7.08 41.14
C ALA B 218 20.73 8.01 41.68
N GLU B 219 19.45 7.63 41.54
CA GLU B 219 18.37 8.48 42.03
C GLU B 219 18.25 8.42 43.55
N THR B 220 18.52 7.26 44.15
CA THR B 220 18.49 7.14 45.60
C THR B 220 19.57 7.99 46.26
N ILE B 221 20.73 8.13 45.62
CA ILE B 221 21.74 9.07 46.13
C ILE B 221 21.15 10.46 46.23
N GLN B 222 20.43 10.89 45.19
CA GLN B 222 19.77 12.19 45.23
C GLN B 222 18.75 12.25 46.34
N GLY B 223 17.98 11.17 46.50
CA GLY B 223 17.01 11.12 47.59
C GLY B 223 17.64 11.24 48.96
N LEU B 224 18.89 10.80 49.10
CA LEU B 224 19.59 10.95 50.38
C LEU B 224 20.07 12.38 50.59
N GLY B 225 20.56 13.02 49.54
CA GLY B 225 21.09 14.37 49.70
C GLY B 225 22.44 14.32 50.41
N ALA B 226 22.60 15.15 51.44
CA ALA B 226 23.85 15.16 52.19
C ALA B 226 24.01 13.94 53.09
N ALA B 227 23.06 13.00 53.05
CA ALA B 227 23.18 11.79 53.85
C ALA B 227 23.98 10.70 53.15
N SER B 228 24.09 10.77 51.82
CA SER B 228 24.85 9.79 51.06
C SER B 228 26.32 9.75 51.45
N ALA B 229 26.81 10.73 52.21
CA ALA B 229 28.21 10.74 52.65
C ALA B 229 28.59 9.42 53.30
N GLN B 230 27.81 8.98 54.29
CA GLN B 230 28.08 7.72 54.99
C GLN B 230 28.21 6.53 54.06
N PHE B 231 27.65 6.60 52.85
CA PHE B 231 27.65 5.47 51.93
C PHE B 231 28.67 5.62 50.82
N VAL B 232 29.41 6.74 50.79
CA VAL B 232 30.36 6.98 49.70
C VAL B 232 31.29 5.79 49.51
N SER B 233 32.01 5.42 50.58
CA SER B 233 33.01 4.38 50.48
C SER B 233 32.42 3.03 50.09
N ARG B 234 31.09 2.87 50.19
CA ARG B 234 30.44 1.65 49.75
C ARG B 234 29.80 1.78 48.38
N LEU B 235 29.44 2.99 47.97
CA LEU B 235 28.80 3.19 46.67
C LEU B 235 29.80 3.43 45.56
N LEU B 236 30.98 3.96 45.88
CA LEU B 236 31.96 4.30 44.85
C LEU B 236 32.43 3.08 44.07
N PRO B 237 32.83 1.95 44.67
CA PRO B 237 33.26 0.81 43.87
C PRO B 237 32.25 0.38 42.81
N VAL B 238 31.01 0.12 43.22
CA VAL B 238 29.93 -0.29 42.34
C VAL B 238 29.97 0.51 41.05
N LEU B 239 29.72 1.81 41.16
CA LEU B 239 29.71 2.70 40.00
C LEU B 239 30.93 2.48 39.12
N LEU B 240 32.12 2.51 39.73
CA LEU B 240 33.35 2.30 38.97
C LEU B 240 33.26 1.05 38.11
N SER B 241 32.95 -0.09 38.74
CA SER B 241 32.90 -1.35 37.99
C SER B 241 31.79 -1.34 36.95
N THR B 242 30.69 -0.65 37.22
CA THR B 242 29.61 -0.54 36.24
C THR B 242 29.84 0.60 35.26
N ALA B 243 30.93 1.35 35.42
CA ALA B 243 31.27 2.41 34.48
C ALA B 243 32.05 1.90 33.27
N GLN B 244 32.47 0.64 33.27
CA GLN B 244 33.28 0.08 32.19
C GLN B 244 32.52 -0.92 31.33
N GLU B 245 31.25 -1.17 31.63
CA GLU B 245 30.45 -2.13 30.86
C GLU B 245 30.22 -1.59 29.45
N ALA B 246 29.53 -2.40 28.64
CA ALA B 246 29.20 -1.99 27.28
C ALA B 246 27.77 -2.34 26.92
N PRO B 248 25.81 0.64 26.52
CA PRO B 248 26.16 2.02 26.88
C PRO B 248 25.24 2.60 27.95
N GLU B 249 24.03 2.04 28.05
CA GLU B 249 23.06 2.51 29.05
C GLU B 249 23.56 2.27 30.47
N VAL B 250 24.13 1.09 30.74
CA VAL B 250 24.75 0.83 32.03
C VAL B 250 25.89 1.82 32.28
N ARG B 251 26.68 2.11 31.24
CA ARG B 251 27.77 3.06 31.37
C ARG B 251 27.24 4.46 31.66
N SER B 252 26.22 4.88 30.92
CA SER B 252 25.65 6.21 31.12
C SER B 252 25.08 6.36 32.52
N ASN B 253 24.35 5.35 33.00
CA ASN B 253 23.79 5.42 34.35
C ASN B 253 24.89 5.43 35.41
N ALA B 254 25.96 4.65 35.20
CA ALA B 254 27.04 4.65 36.16
C ALA B 254 27.73 6.00 36.23
N ILE B 255 27.92 6.65 35.07
CA ILE B 255 28.60 7.95 35.07
C ILE B 255 27.71 9.02 35.68
N PHE B 256 26.43 9.02 35.33
CA PHE B 256 25.50 9.92 35.97
C PHE B 256 25.48 9.73 37.49
N GLY B 257 25.52 8.47 37.93
CA GLY B 257 25.60 8.20 39.35
C GLY B 257 26.87 8.74 39.98
N MET B 258 27.98 8.66 39.24
CA MET B 258 29.20 9.29 39.73
C MET B 258 29.02 10.79 39.87
N GLY B 259 28.27 11.42 38.95
CA GLY B 259 28.03 12.85 39.06
C GLY B 259 27.20 13.20 40.28
N VAL B 260 26.08 12.51 40.48
CA VAL B 260 25.22 12.85 41.60
C VAL B 260 25.90 12.47 42.92
N LEU B 261 26.71 11.42 42.92
CA LEU B 261 27.45 11.05 44.12
C LEU B 261 28.47 12.12 44.46
N ALA B 262 29.21 12.59 43.47
CA ALA B 262 30.14 13.68 43.73
C ALA B 262 29.41 14.94 44.18
N GLU B 263 28.19 15.15 43.69
CA GLU B 263 27.45 16.35 44.06
C GLU B 263 26.98 16.29 45.51
N HIS B 264 26.38 15.17 45.91
CA HIS B 264 25.73 15.06 47.21
C HIS B 264 26.66 14.59 48.31
N GLY B 265 27.42 13.51 48.07
CA GLY B 265 28.31 12.99 49.08
C GLY B 265 29.32 14.00 49.56
N GLY B 266 28.85 14.96 50.37
CA GLY B 266 29.63 16.14 50.75
C GLY B 266 31.10 15.92 51.03
N HIS B 267 31.42 15.45 52.23
CA HIS B 267 32.81 15.40 52.66
C HIS B 267 33.57 14.21 52.11
N PRO B 268 33.12 12.97 52.32
CA PRO B 268 33.97 11.81 51.93
C PRO B 268 34.26 11.73 50.44
N ALA B 269 33.40 12.29 49.59
CA ALA B 269 33.67 12.24 48.15
C ALA B 269 34.72 13.26 47.73
N GLN B 270 34.96 14.31 48.52
CA GLN B 270 36.07 15.21 48.25
C GLN B 270 37.38 14.43 48.16
N GLU B 271 37.53 13.39 48.99
CA GLU B 271 38.72 12.55 48.91
C GLU B 271 38.82 11.86 47.56
N HIS B 272 37.75 11.19 47.14
CA HIS B 272 37.75 10.39 45.92
C HIS B 272 37.58 11.24 44.65
N PHE B 273 37.76 12.56 44.74
CA PHE B 273 37.59 13.40 43.54
C PHE B 273 38.64 13.13 42.48
N PRO B 274 39.97 13.18 42.78
CA PRO B 274 40.96 13.14 41.68
C PRO B 274 40.86 11.92 40.79
N LYS B 275 40.89 10.72 41.37
CA LYS B 275 40.84 9.52 40.56
C LYS B 275 39.41 9.17 40.19
N LEU B 276 38.56 10.18 40.09
CA LEU B 276 37.28 10.09 39.41
C LEU B 276 37.27 10.86 38.09
N LEU B 277 37.84 12.08 38.11
CA LEU B 277 38.20 12.73 36.85
C LEU B 277 39.21 11.90 36.08
N GLY B 278 40.16 11.29 36.80
CA GLY B 278 41.13 10.41 36.17
C GLY B 278 40.51 9.22 35.47
N LEU B 279 39.26 8.90 35.77
CA LEU B 279 38.50 7.95 34.98
C LEU B 279 37.69 8.65 33.90
N LEU B 280 37.17 9.85 34.20
CA LEU B 280 36.24 10.50 33.29
C LEU B 280 36.94 10.97 32.02
N PHE B 281 38.00 11.76 32.15
CA PHE B 281 38.65 12.29 30.95
C PHE B 281 39.23 11.20 30.05
N PRO B 282 39.93 10.16 30.56
CA PRO B 282 40.35 9.06 29.68
C PRO B 282 39.18 8.22 29.16
N LEU B 283 37.97 8.74 29.27
CA LEU B 283 36.81 8.15 28.63
C LEU B 283 36.09 9.13 27.72
N LEU B 284 36.00 10.40 28.11
CA LEU B 284 35.44 11.42 27.23
C LEU B 284 36.25 11.53 25.95
N ALA B 285 37.55 11.23 26.01
CA ALA B 285 38.39 11.28 24.83
C ALA B 285 38.04 10.18 23.83
N ARG B 286 37.59 9.03 24.33
CA ARG B 286 37.37 7.87 23.48
C ARG B 286 35.91 7.49 23.29
N GLU B 287 35.02 7.90 24.18
CA GLU B 287 33.62 7.49 24.09
C GLU B 287 32.98 8.01 22.81
N ARG B 288 32.34 7.11 22.07
CA ARG B 288 31.66 7.50 20.83
C ARG B 288 30.15 7.63 20.98
N HIS B 289 29.53 6.84 21.86
CA HIS B 289 28.08 6.88 22.02
C HIS B 289 27.67 8.21 22.67
N ASP B 290 26.75 8.93 22.01
CA ASP B 290 26.49 10.32 22.37
C ASP B 290 26.00 10.46 23.81
N ARG B 291 25.01 9.65 24.20
CA ARG B 291 24.39 9.79 25.52
C ARG B 291 25.42 9.70 26.64
N VAL B 292 26.32 8.73 26.56
CA VAL B 292 27.33 8.58 27.60
C VAL B 292 28.22 9.83 27.65
N ARG B 293 28.48 10.44 26.50
CA ARG B 293 29.26 11.67 26.48
C ARG B 293 28.52 12.81 27.17
N ASP B 294 27.22 12.96 26.86
CA ASP B 294 26.43 14.01 27.48
C ASP B 294 26.40 13.86 28.99
N ASN B 295 26.13 12.65 29.48
CA ASN B 295 26.14 12.42 30.91
C ASN B 295 27.54 12.63 31.50
N ILE B 296 28.59 12.35 30.72
CA ILE B 296 29.94 12.67 31.19
C ILE B 296 30.07 14.15 31.44
N CYS B 297 29.60 14.97 30.49
CA CYS B 297 29.62 16.42 30.69
C CYS B 297 28.80 16.81 31.92
N GLY B 298 27.68 16.13 32.15
CA GLY B 298 26.91 16.38 33.35
C GLY B 298 27.71 16.12 34.62
N ALA B 299 28.32 14.93 34.70
CA ALA B 299 29.09 14.59 35.89
C ALA B 299 30.28 15.53 36.08
N LEU B 300 30.86 16.03 34.98
CA LEU B 300 31.97 16.96 35.10
C LEU B 300 31.51 18.32 35.62
N ALA B 301 30.34 18.78 35.17
CA ALA B 301 29.79 20.02 35.71
C ALA B 301 29.45 19.89 37.18
N ARG B 302 28.81 18.77 37.55
CA ARG B 302 28.50 18.51 38.95
C ARG B 302 29.76 18.39 39.79
N LEU B 303 30.88 17.96 39.18
CA LEU B 303 32.12 17.87 39.93
C LEU B 303 32.79 19.24 40.08
N LEU B 304 32.74 20.07 39.04
CA LEU B 304 33.30 21.41 39.15
C LEU B 304 32.53 22.28 40.13
N MET B 305 31.21 22.10 40.21
CA MET B 305 30.43 22.93 41.11
C MET B 305 30.55 22.52 42.58
N ALA B 306 31.15 21.36 42.88
CA ALA B 306 31.24 20.88 44.26
C ALA B 306 32.67 20.80 44.75
N SER B 307 33.61 21.42 44.05
CA SER B 307 35.03 21.35 44.38
C SER B 307 35.39 22.36 45.47
N PRO B 308 36.45 22.09 46.25
CA PRO B 308 36.95 23.09 47.20
C PRO B 308 37.64 24.26 46.51
N THR B 309 36.93 24.91 45.59
CA THR B 309 37.39 26.09 44.85
C THR B 309 38.81 25.93 44.31
N GLU B 313 40.32 24.73 39.79
CA GLU B 313 40.66 23.62 38.90
C GLU B 313 40.73 24.11 37.46
N PRO B 314 41.81 23.74 36.75
CA PRO B 314 42.06 24.33 35.43
C PRO B 314 41.16 23.82 34.32
N GLN B 315 41.74 23.62 33.13
CA GLN B 315 41.04 23.40 31.87
C GLN B 315 40.28 22.07 31.79
N VAL B 316 40.05 21.30 32.85
CA VAL B 316 38.99 20.29 32.79
C VAL B 316 37.69 20.95 32.40
N LEU B 317 37.47 22.18 32.85
CA LEU B 317 36.36 22.98 32.33
C LEU B 317 36.49 23.16 30.82
N ALA B 318 37.69 23.44 30.33
CA ALA B 318 37.88 23.67 28.91
C ALA B 318 37.65 22.40 28.10
N ALA B 319 37.88 21.24 28.70
CA ALA B 319 37.53 19.97 28.04
C ALA B 319 36.02 19.74 28.07
N LEU B 320 35.38 20.07 29.19
CA LEU B 320 33.92 20.03 29.26
C LEU B 320 33.30 20.86 28.14
N LEU B 321 33.84 22.05 27.91
CA LEU B 321 33.32 22.91 26.86
C LEU B 321 33.76 22.44 25.48
N HIS B 322 34.95 21.83 25.37
CA HIS B 322 35.36 21.24 24.11
C HIS B 322 34.43 20.11 23.69
N ALA B 323 33.81 19.44 24.66
CA ALA B 323 32.91 18.34 24.37
C ALA B 323 31.45 18.77 24.20
N LEU B 324 31.17 20.07 24.24
CA LEU B 324 29.84 20.62 24.03
C LEU B 324 29.67 21.07 22.59
N PRO B 325 28.42 21.20 22.10
CA PRO B 325 27.12 21.03 22.77
C PRO B 325 26.69 19.59 22.96
N LEU B 326 25.63 19.40 23.73
CA LEU B 326 25.07 18.08 23.94
C LEU B 326 24.32 17.62 22.69
N LYS B 327 23.95 16.35 22.68
CA LYS B 327 23.25 15.79 21.53
C LYS B 327 22.06 14.90 21.85
N GLU B 328 22.05 14.18 22.99
CA GLU B 328 20.95 13.26 23.25
C GLU B 328 20.36 13.32 24.65
N ASP B 329 21.08 13.79 25.67
CA ASP B 329 20.53 13.94 27.01
C ASP B 329 20.34 15.44 27.25
N LEU B 330 19.21 15.95 26.77
CA LEU B 330 18.99 17.39 26.73
C LEU B 330 18.81 17.99 28.12
N GLU B 331 18.23 17.23 29.05
CA GLU B 331 17.98 17.79 30.38
C GLU B 331 19.27 18.14 31.10
N GLU B 332 20.40 17.53 30.72
CA GLU B 332 21.66 17.93 31.31
C GLU B 332 22.03 19.38 30.99
N TRP B 333 21.36 20.01 30.02
CA TRP B 333 21.53 21.44 29.83
C TRP B 333 21.19 22.19 31.11
N VAL B 334 20.16 21.75 31.83
CA VAL B 334 19.80 22.34 33.10
C VAL B 334 20.99 22.35 34.05
N THR B 335 21.84 21.34 33.97
CA THR B 335 23.05 21.32 34.78
C THR B 335 24.08 22.31 34.23
N ILE B 336 24.31 22.30 32.92
CA ILE B 336 25.35 23.13 32.34
C ILE B 336 25.05 24.61 32.57
N GLY B 337 23.79 25.00 32.33
CA GLY B 337 23.39 26.37 32.64
C GLY B 337 23.63 26.73 34.09
N ARG B 338 23.50 25.76 34.99
CA ARG B 338 23.89 25.98 36.39
C ARG B 338 25.38 26.21 36.50
N LEU B 339 26.18 25.32 35.90
CA LEU B 339 27.63 25.49 35.88
C LEU B 339 28.00 26.89 35.42
N PHE B 340 27.43 27.31 34.28
CA PHE B 340 27.60 28.67 33.78
C PHE B 340 27.42 29.70 34.89
N SER B 341 26.25 29.69 35.54
CA SER B 341 26.00 30.67 36.58
C SER B 341 26.98 30.50 37.74
N PHE B 342 27.34 29.26 38.06
CA PHE B 342 28.39 29.01 39.04
C PHE B 342 29.67 29.72 38.65
N LEU B 343 30.07 29.59 37.38
CA LEU B 343 31.27 30.26 36.91
C LEU B 343 31.16 31.77 37.07
N TYR B 344 29.94 32.31 37.01
CA TYR B 344 29.77 33.74 37.19
C TYR B 344 29.74 34.12 38.66
N GLN B 345 29.31 33.20 39.53
CA GLN B 345 29.25 33.49 40.95
C GLN B 345 30.58 33.20 41.63
N SER B 346 31.11 31.99 41.43
CA SER B 346 32.29 31.54 42.16
C SER B 346 33.56 32.24 41.67
N SER B 347 34.01 31.92 40.46
CA SER B 347 35.28 32.42 39.92
C SER B 347 35.11 32.93 38.50
N PRO B 348 34.78 34.22 38.34
CA PRO B 348 34.66 34.77 36.97
C PRO B 348 35.98 34.92 36.24
N ASP B 349 37.11 34.87 36.94
CA ASP B 349 38.43 34.95 36.31
C ASP B 349 38.70 33.82 35.32
N GLN B 350 37.93 32.72 35.39
CA GLN B 350 38.10 31.62 34.44
C GLN B 350 37.34 31.82 33.13
N VAL B 351 36.23 32.56 33.13
CA VAL B 351 35.47 32.76 31.89
C VAL B 351 36.20 33.65 30.90
N ILE B 352 37.37 34.18 31.26
CA ILE B 352 38.15 34.97 30.29
C ILE B 352 38.80 34.05 29.26
N ASP B 353 39.37 32.93 29.70
CA ASP B 353 40.17 32.08 28.83
C ASP B 353 39.33 31.13 27.99
N VAL B 354 38.18 30.70 28.49
CA VAL B 354 37.31 29.78 27.75
C VAL B 354 36.31 30.59 26.93
N ALA B 355 36.63 31.86 26.67
CA ALA B 355 35.71 32.73 25.92
C ALA B 355 35.42 32.24 24.50
N PRO B 356 36.42 31.88 23.67
CA PRO B 356 36.09 31.46 22.29
C PRO B 356 35.15 30.26 22.23
N GLU B 357 35.40 29.24 23.06
CA GLU B 357 34.52 28.08 23.08
C GLU B 357 33.11 28.45 23.54
N LEU B 358 33.02 29.38 24.50
CA LEU B 358 31.71 29.88 24.92
C LEU B 358 30.98 30.53 23.75
N LEU B 359 31.70 31.35 22.97
CA LEU B 359 31.08 31.97 21.80
C LEU B 359 30.65 30.92 20.78
N ARG B 360 31.43 29.85 20.63
CA ARG B 360 31.04 28.77 19.72
C ARG B 360 29.75 28.11 20.18
N ILE B 361 29.67 27.76 21.47
CA ILE B 361 28.48 27.09 22.00
C ILE B 361 27.26 27.99 21.89
N CYS B 362 27.41 29.29 22.19
CA CYS B 362 26.27 30.18 22.12
C CYS B 362 25.81 30.39 20.69
N SER B 363 26.76 30.65 19.78
CA SER B 363 26.42 30.78 18.38
C SER B 363 25.82 29.50 17.81
N LEU B 364 26.03 28.36 18.48
CA LEU B 364 25.40 27.12 18.05
C LEU B 364 23.98 26.98 18.58
N ILE B 365 23.78 27.19 19.89
CA ILE B 365 22.55 26.74 20.53
C ILE B 365 21.44 27.77 20.62
N LEU B 366 21.74 29.06 20.39
CA LEU B 366 20.76 30.09 20.68
C LEU B 366 19.54 29.99 19.78
N ALA B 367 19.71 29.57 18.54
CA ALA B 367 18.62 29.47 17.57
C ALA B 367 17.93 28.12 17.64
N ASP B 368 17.65 27.65 18.85
CA ASP B 368 17.08 26.34 19.07
C ASP B 368 15.85 26.46 19.96
N ASN B 369 14.93 25.51 19.81
CA ASN B 369 13.79 25.37 20.70
C ASN B 369 13.83 24.04 21.43
N LYS B 370 15.04 23.50 21.61
CA LYS B 370 15.27 22.33 22.46
C LYS B 370 15.89 22.72 23.79
N ILE B 371 16.81 23.68 23.79
CA ILE B 371 17.48 24.12 25.01
C ILE B 371 16.46 24.73 25.97
N PRO B 372 16.48 24.41 27.25
CA PRO B 372 15.64 25.14 28.22
C PRO B 372 16.10 26.58 28.33
N PRO B 373 15.18 27.54 28.14
CA PRO B 373 15.60 28.95 27.98
C PRO B 373 16.51 29.48 29.08
N ASP B 374 16.39 28.98 30.30
CA ASP B 374 17.24 29.48 31.38
C ASP B 374 18.70 29.09 31.17
N THR B 375 18.96 28.01 30.43
CA THR B 375 20.35 27.67 30.09
C THR B 375 20.94 28.69 29.13
N LYS B 376 20.21 29.00 28.06
CA LYS B 376 20.63 30.06 27.14
C LYS B 376 20.89 31.35 27.89
N ALA B 377 19.94 31.76 28.73
CA ALA B 377 20.08 33.00 29.49
C ALA B 377 21.31 32.97 30.39
N ALA B 378 21.55 31.82 31.04
CA ALA B 378 22.74 31.70 31.88
C ALA B 378 24.02 31.81 31.06
N LEU B 379 23.99 31.35 29.81
CA LEU B 379 25.17 31.47 28.96
C LEU B 379 25.41 32.92 28.57
N LEU B 380 24.40 33.58 28.00
CA LEU B 380 24.56 34.98 27.65
C LEU B 380 24.74 35.88 28.88
N LEU B 381 24.57 35.34 30.09
CA LEU B 381 24.95 36.07 31.30
C LEU B 381 26.46 36.30 31.35
N LEU B 382 27.24 35.22 31.44
CA LEU B 382 28.69 35.40 31.44
C LEU B 382 29.21 35.91 30.11
N LEU B 383 28.46 35.72 29.02
CA LEU B 383 28.80 36.42 27.79
C LEU B 383 28.68 37.94 27.96
N THR B 384 27.61 38.40 28.64
CA THR B 384 27.50 39.82 28.95
C THR B 384 28.67 40.26 29.85
N PHE B 385 28.99 39.45 30.85
CA PHE B 385 30.10 39.77 31.75
C PHE B 385 31.38 39.99 30.98
N LEU B 386 31.71 39.08 30.06
CA LEU B 386 32.88 39.25 29.22
C LEU B 386 32.77 40.51 28.36
N ALA B 387 31.59 40.74 27.76
CA ALA B 387 31.42 41.86 26.84
C ALA B 387 31.56 43.20 27.54
N LYS B 388 31.38 43.26 28.86
CA LYS B 388 31.48 44.50 29.62
C LYS B 388 32.83 44.67 30.31
N GLN B 389 33.15 43.80 31.26
CA GLN B 389 34.39 43.97 32.02
C GLN B 389 35.62 43.68 31.16
N HIS B 390 35.63 42.56 30.45
CA HIS B 390 36.75 42.19 29.58
C HIS B 390 36.38 42.42 28.11
N THR B 391 36.13 43.69 27.79
CA THR B 391 35.48 44.03 26.53
C THR B 391 36.39 43.76 25.32
N ASP B 392 37.64 44.23 25.39
CA ASP B 392 38.51 44.09 24.21
C ASP B 392 38.87 42.63 23.97
N SER B 393 39.10 41.86 25.03
CA SER B 393 39.30 40.42 24.88
C SER B 393 38.05 39.75 24.31
N PHE B 394 36.88 40.26 24.67
CA PHE B 394 35.64 39.75 24.09
C PHE B 394 35.54 40.09 22.60
N GLN B 395 36.09 41.22 22.18
CA GLN B 395 36.14 41.52 20.76
C GLN B 395 37.12 40.59 20.05
N ALA B 396 38.27 40.30 20.68
CA ALA B 396 39.23 39.37 20.12
C ALA B 396 38.61 37.99 19.92
N ALA B 397 37.89 37.51 20.93
CA ALA B 397 37.19 36.23 20.77
C ALA B 397 36.09 36.32 19.73
N LEU B 398 35.44 37.50 19.63
CA LEU B 398 34.40 37.68 18.61
C LEU B 398 34.98 37.73 17.21
N GLY B 399 36.29 37.95 17.07
CA GLY B 399 36.90 37.93 15.76
C GLY B 399 36.98 36.53 15.17
N SER B 400 37.34 35.55 15.98
CA SER B 400 37.50 34.18 15.51
C SER B 400 36.18 33.55 15.10
N LEU B 401 35.05 34.04 15.62
CA LEU B 401 33.75 33.60 15.14
C LEU B 401 33.58 33.97 13.66
N PRO B 402 32.73 33.24 12.94
CA PRO B 402 32.55 33.53 11.51
C PRO B 402 32.02 34.93 11.23
N VAL B 403 31.94 35.28 9.94
CA VAL B 403 31.62 36.65 9.55
C VAL B 403 30.20 37.02 9.96
N ASP B 404 29.28 36.05 10.03
CA ASP B 404 27.89 36.36 10.29
C ASP B 404 27.44 36.00 11.70
N LYS B 405 27.77 34.78 12.17
CA LYS B 405 27.31 34.35 13.48
C LYS B 405 27.80 35.25 14.60
N ALA B 406 28.92 35.97 14.38
CA ALA B 406 29.42 36.90 15.39
C ALA B 406 28.52 38.12 15.51
N GLN B 407 28.36 38.88 14.41
CA GLN B 407 27.49 40.05 14.45
C GLN B 407 26.02 39.68 14.44
N GLU B 408 25.69 38.39 14.51
CA GLU B 408 24.35 37.94 14.85
C GLU B 408 24.21 37.60 16.32
N LEU B 409 25.28 37.07 16.92
CA LEU B 409 25.29 36.84 18.36
C LEU B 409 25.26 38.15 19.14
N GLN B 410 26.17 39.08 18.81
CA GLN B 410 26.17 40.36 19.49
C GLN B 410 24.97 41.22 19.14
N ALA B 411 24.17 40.83 18.14
CA ALA B 411 22.96 41.57 17.82
C ALA B 411 21.96 41.50 18.97
N VAL B 412 21.71 40.31 19.50
CA VAL B 412 20.85 40.16 20.66
C VAL B 412 21.54 40.59 21.95
N LEU B 413 22.86 40.73 21.93
CA LEU B 413 23.62 41.10 23.12
C LEU B 413 23.68 42.61 23.26
N PRO C 28 32.53 -23.06 -30.77
CA PRO C 28 33.85 -23.42 -31.31
C PRO C 28 33.77 -24.45 -32.45
N TYR C 29 33.81 -25.74 -32.09
CA TYR C 29 33.61 -26.84 -33.03
C TYR C 29 32.14 -27.07 -33.36
N MET C 30 31.26 -26.11 -33.02
CA MET C 30 29.82 -26.34 -33.12
C MET C 30 29.31 -26.20 -34.55
N GLU C 31 29.78 -25.17 -35.27
CA GLU C 31 29.29 -24.94 -36.63
C GLU C 31 29.57 -26.13 -37.53
N SER C 32 30.72 -26.79 -37.34
CA SER C 32 31.01 -28.00 -38.11
C SER C 32 29.97 -29.08 -37.83
N VAL C 33 29.58 -29.24 -36.56
CA VAL C 33 28.59 -30.24 -36.20
C VAL C 33 27.23 -29.88 -36.78
N PHE C 34 26.88 -28.60 -36.78
CA PHE C 34 25.62 -28.17 -37.39
C PHE C 34 25.60 -28.51 -38.88
N GLU C 35 26.56 -27.98 -39.63
CA GLU C 35 26.55 -28.15 -41.08
C GLU C 35 26.82 -29.59 -41.50
N GLU C 36 27.41 -30.40 -40.62
CA GLU C 36 27.58 -31.81 -40.92
C GLU C 36 26.32 -32.61 -40.60
N VAL C 37 25.58 -32.23 -39.55
CA VAL C 37 24.34 -32.93 -39.23
C VAL C 37 23.27 -32.62 -40.26
N PHE C 38 23.19 -31.36 -40.69
CA PHE C 38 22.18 -30.95 -41.65
C PHE C 38 22.25 -31.74 -42.95
N LYS C 39 23.39 -32.39 -43.24
CA LYS C 39 23.46 -33.26 -44.40
C LYS C 39 22.50 -34.43 -44.29
N LEU C 40 22.30 -34.93 -43.05
CA LEU C 40 21.49 -36.12 -42.85
C LEU C 40 20.03 -35.92 -43.24
N LEU C 41 19.57 -34.67 -43.33
CA LEU C 41 18.19 -34.41 -43.72
C LEU C 41 17.92 -34.81 -45.16
N GLU C 42 18.96 -34.97 -45.97
CA GLU C 42 18.83 -35.43 -47.34
C GLU C 42 18.66 -36.94 -47.43
N CYS C 43 18.68 -37.65 -46.31
CA CYS C 43 18.66 -39.11 -46.36
C CYS C 43 17.24 -39.60 -46.65
N PRO C 44 17.09 -40.70 -47.40
CA PRO C 44 15.74 -41.23 -47.66
C PRO C 44 15.30 -42.25 -46.61
N HIS C 45 15.60 -41.98 -45.33
CA HIS C 45 15.23 -42.86 -44.24
C HIS C 45 14.63 -42.05 -43.08
N LEU C 46 13.51 -42.54 -42.55
CA LEU C 46 12.73 -41.83 -41.53
C LEU C 46 13.59 -41.44 -40.33
N ASN C 47 14.04 -42.45 -39.57
CA ASN C 47 14.71 -42.23 -38.30
C ASN C 47 15.96 -41.36 -38.46
N VAL C 48 16.57 -41.39 -39.64
CA VAL C 48 17.75 -40.56 -39.88
C VAL C 48 17.38 -39.08 -39.80
N ARG C 49 16.47 -38.64 -40.67
CA ARG C 49 16.05 -37.24 -40.65
C ARG C 49 15.39 -36.89 -39.32
N LYS C 50 14.71 -37.85 -38.69
CA LYS C 50 14.12 -37.63 -37.37
C LYS C 50 15.19 -37.26 -36.35
N ALA C 51 16.18 -38.14 -36.19
CA ALA C 51 17.26 -37.89 -35.25
C ALA C 51 18.03 -36.62 -35.62
N ALA C 52 18.10 -36.31 -36.92
CA ALA C 52 18.80 -35.09 -37.33
C ALA C 52 18.05 -33.85 -36.89
N HIS C 53 16.73 -33.84 -37.06
CA HIS C 53 15.92 -32.71 -36.64
C HIS C 53 15.99 -32.50 -35.13
N GLU C 54 15.73 -33.57 -34.36
CA GLU C 54 15.76 -33.39 -32.91
C GLU C 54 17.17 -33.08 -32.41
N ALA C 55 18.20 -33.56 -33.12
CA ALA C 55 19.57 -33.24 -32.75
C ALA C 55 19.89 -31.77 -33.00
N LEU C 56 19.46 -31.23 -34.15
CA LEU C 56 19.57 -29.80 -34.38
C LEU C 56 18.88 -29.02 -33.27
N GLY C 57 17.69 -29.46 -32.87
CA GLY C 57 17.02 -28.81 -31.75
C GLY C 57 17.87 -28.83 -30.49
N GLN C 58 18.35 -30.01 -30.11
CA GLN C 58 19.12 -30.13 -28.88
C GLN C 58 20.35 -29.23 -28.91
N PHE C 59 21.05 -29.18 -30.03
CA PHE C 59 22.23 -28.32 -30.12
C PHE C 59 21.84 -26.83 -30.10
N CYS C 60 20.68 -26.46 -30.63
CA CYS C 60 20.22 -25.08 -30.51
C CYS C 60 19.99 -24.72 -29.04
N CYS C 61 19.32 -25.60 -28.29
CA CYS C 61 19.07 -25.34 -26.89
C CYS C 61 20.36 -25.27 -26.10
N ALA C 62 21.31 -26.17 -26.39
CA ALA C 62 22.59 -26.13 -25.71
C ALA C 62 23.34 -24.85 -26.02
N LEU C 63 23.31 -24.41 -27.28
CA LEU C 63 23.99 -23.17 -27.64
C LEU C 63 23.39 -21.99 -26.89
N HIS C 64 22.06 -21.91 -26.83
CA HIS C 64 21.41 -20.83 -26.10
C HIS C 64 21.78 -20.86 -24.62
N LYS C 65 21.59 -22.02 -23.97
CA LYS C 65 21.93 -22.14 -22.56
C LYS C 65 23.43 -22.06 -22.29
N ALA C 66 24.25 -22.00 -23.34
CA ALA C 66 25.69 -21.83 -23.19
C ALA C 66 26.11 -20.38 -23.29
N CYS C 67 25.69 -19.69 -24.36
CA CYS C 67 25.98 -18.27 -24.47
C CYS C 67 25.23 -17.46 -23.41
N GLN C 68 24.22 -18.03 -22.77
CA GLN C 68 23.58 -17.38 -21.63
C GLN C 68 24.38 -17.60 -20.35
N SER C 69 24.95 -18.78 -20.18
CA SER C 69 25.78 -19.04 -19.01
C SER C 69 27.02 -18.15 -19.01
N CYS C 70 27.76 -18.15 -20.11
CA CYS C 70 28.90 -17.26 -20.27
C CYS C 70 28.45 -16.07 -21.11
N PRO C 71 28.31 -14.86 -20.52
CA PRO C 71 27.66 -13.76 -21.24
C PRO C 71 28.43 -13.27 -22.46
N SER C 72 28.81 -14.17 -23.34
CA SER C 72 29.63 -13.85 -24.49
C SER C 72 28.80 -13.13 -25.56
N GLU C 73 29.45 -12.78 -26.68
CA GLU C 73 28.80 -12.07 -27.76
C GLU C 73 28.89 -12.85 -29.08
N PRO C 74 30.07 -13.30 -29.53
CA PRO C 74 30.11 -14.07 -30.79
C PRO C 74 29.31 -15.35 -30.73
N ASN C 75 29.15 -15.93 -29.54
CA ASN C 75 28.29 -17.10 -29.39
C ASN C 75 26.83 -16.73 -29.59
N THR C 76 26.46 -15.46 -29.34
CA THR C 76 25.10 -15.02 -29.61
C THR C 76 24.84 -14.81 -31.10
N ALA C 77 25.85 -14.37 -31.85
CA ALA C 77 25.72 -14.34 -33.31
C ALA C 77 25.66 -15.74 -33.88
N ALA C 78 26.47 -16.66 -33.34
CA ALA C 78 26.36 -18.06 -33.72
C ALA C 78 24.97 -18.60 -33.42
N LEU C 79 24.40 -18.22 -32.28
CA LEU C 79 23.02 -18.59 -31.98
C LEU C 79 22.06 -18.01 -33.01
N GLN C 80 22.25 -16.75 -33.39
CA GLN C 80 21.35 -16.09 -34.32
C GLN C 80 21.36 -16.81 -35.67
N ALA C 81 22.54 -17.11 -36.19
CA ALA C 81 22.63 -17.84 -37.45
C ALA C 81 22.05 -19.25 -37.30
N ALA C 82 22.31 -19.89 -36.17
CA ALA C 82 21.83 -21.25 -35.94
C ALA C 82 20.30 -21.31 -36.01
N LEU C 83 19.63 -20.50 -35.19
CA LEU C 83 18.16 -20.47 -35.26
C LEU C 83 17.68 -20.04 -36.63
N ALA C 84 18.34 -19.02 -37.22
CA ALA C 84 17.93 -18.50 -38.51
C ALA C 84 17.95 -19.57 -39.59
N ARG C 85 18.82 -20.58 -39.44
CA ARG C 85 18.89 -21.68 -40.39
C ARG C 85 18.02 -22.86 -40.00
N VAL C 86 17.83 -23.10 -38.71
CA VAL C 86 17.15 -24.31 -38.26
C VAL C 86 15.64 -24.16 -38.30
N VAL C 87 15.12 -23.03 -37.80
CA VAL C 87 13.67 -22.88 -37.66
C VAL C 87 12.95 -22.96 -39.01
N PRO C 88 13.37 -22.24 -40.07
CA PRO C 88 12.69 -22.41 -41.36
C PRO C 88 12.77 -23.82 -41.91
N SER C 89 13.81 -24.58 -41.54
CA SER C 89 13.87 -25.98 -41.93
C SER C 89 12.74 -26.76 -41.27
N TYR C 90 12.49 -26.49 -39.99
CA TYR C 90 11.37 -27.15 -39.31
C TYR C 90 10.05 -26.78 -39.97
N MET C 91 9.83 -25.48 -40.19
CA MET C 91 8.58 -25.04 -40.80
C MET C 91 8.36 -25.69 -42.16
N GLN C 92 9.42 -25.78 -42.98
CA GLN C 92 9.28 -26.42 -44.28
C GLN C 92 8.98 -27.91 -44.12
N ALA C 93 9.68 -28.56 -43.19
CA ALA C 93 9.50 -29.99 -43.00
C ALA C 93 8.07 -30.32 -42.61
N VAL C 94 7.45 -29.50 -41.76
CA VAL C 94 6.10 -29.80 -41.27
C VAL C 94 5.15 -29.99 -42.45
N ASN C 95 4.97 -28.93 -43.24
CA ASN C 95 4.01 -28.95 -44.35
C ASN C 95 4.58 -29.54 -45.63
N ARG C 96 5.79 -30.09 -45.60
CA ARG C 96 6.33 -30.72 -46.79
C ARG C 96 6.77 -32.18 -46.60
N GLU C 97 7.10 -32.59 -45.39
CA GLU C 97 7.46 -34.00 -45.17
C GLU C 97 6.21 -34.87 -45.22
N ARG C 98 6.34 -36.03 -45.85
CA ARG C 98 5.21 -36.92 -46.11
C ARG C 98 5.11 -38.06 -45.09
N GLU C 99 5.74 -37.92 -43.93
CA GLU C 99 5.75 -38.98 -42.93
C GLU C 99 5.30 -38.43 -41.58
N ARG C 100 4.31 -39.09 -40.97
CA ARG C 100 3.78 -38.61 -39.70
C ARG C 100 4.84 -38.61 -38.60
N GLN C 101 5.80 -39.54 -38.65
CA GLN C 101 6.76 -39.67 -37.56
C GLN C 101 7.76 -38.52 -37.58
N VAL C 102 8.39 -38.27 -38.74
CA VAL C 102 9.37 -37.20 -38.84
C VAL C 102 8.74 -35.87 -38.45
N VAL C 103 7.48 -35.66 -38.81
CA VAL C 103 6.79 -34.45 -38.37
C VAL C 103 6.55 -34.48 -36.86
N MET C 104 6.21 -35.65 -36.33
CA MET C 104 6.01 -35.80 -34.89
C MET C 104 7.25 -35.47 -34.09
N ALA C 105 8.44 -35.59 -34.70
CA ALA C 105 9.66 -35.14 -34.04
C ALA C 105 9.98 -33.69 -34.34
N VAL C 106 9.68 -33.22 -35.55
CA VAL C 106 9.91 -31.81 -35.88
C VAL C 106 9.13 -30.91 -34.94
N LEU C 107 7.91 -31.32 -34.61
CA LEU C 107 7.08 -30.52 -33.69
C LEU C 107 7.64 -30.52 -32.28
N GLU C 108 8.13 -31.67 -31.81
CA GLU C 108 8.66 -31.73 -30.45
C GLU C 108 9.96 -30.95 -30.33
N ALA C 109 10.88 -31.13 -31.28
CA ALA C 109 12.14 -30.37 -31.26
C ALA C 109 11.89 -28.88 -31.43
N LEU C 110 10.92 -28.53 -32.28
CA LEU C 110 10.47 -27.15 -32.39
C LEU C 110 9.97 -26.62 -31.05
N THR C 111 9.20 -27.43 -30.31
CA THR C 111 8.69 -27.00 -29.02
C THR C 111 9.82 -26.77 -28.03
N GLY C 112 10.81 -27.67 -28.00
CA GLY C 112 11.95 -27.47 -27.13
C GLY C 112 12.73 -26.22 -27.48
N VAL C 113 12.91 -25.96 -28.77
CA VAL C 113 13.62 -24.75 -29.20
C VAL C 113 12.85 -23.52 -28.74
N LEU C 114 11.53 -23.50 -28.92
CA LEU C 114 10.72 -22.36 -28.52
C LEU C 114 10.83 -22.11 -27.01
N ARG C 115 10.65 -23.17 -26.22
CA ARG C 115 10.73 -23.02 -24.77
C ARG C 115 12.11 -22.55 -24.33
N SER C 116 13.16 -23.01 -25.01
CA SER C 116 14.52 -22.64 -24.66
C SER C 116 14.83 -21.20 -25.05
N CYS C 117 14.98 -20.96 -26.37
CA CYS C 117 15.35 -19.63 -26.84
C CYS C 117 14.25 -18.60 -26.55
N GLY C 118 13.05 -18.85 -27.04
CA GLY C 118 11.92 -17.96 -26.78
C GLY C 118 11.82 -16.86 -27.83
N THR C 119 12.05 -15.61 -27.41
CA THR C 119 11.80 -14.49 -28.30
C THR C 119 12.81 -14.42 -29.44
N LEU C 120 14.00 -14.98 -29.25
CA LEU C 120 14.97 -15.00 -30.35
C LEU C 120 14.53 -15.87 -31.51
N THR C 121 13.61 -16.81 -31.27
CA THR C 121 13.06 -17.59 -32.38
C THR C 121 12.08 -16.77 -33.20
N LEU C 122 11.46 -15.76 -32.61
CA LEU C 122 10.42 -14.98 -33.29
C LEU C 122 10.85 -13.57 -33.65
N LYS C 123 12.08 -13.17 -33.33
CA LYS C 123 12.57 -11.83 -33.64
C LYS C 123 12.83 -11.63 -35.14
N PRO C 124 13.14 -12.67 -35.91
CA PRO C 124 12.99 -12.56 -37.37
C PRO C 124 11.59 -12.13 -37.74
N PRO C 125 11.43 -10.98 -38.39
CA PRO C 125 10.09 -10.43 -38.63
C PRO C 125 9.29 -11.31 -39.57
N GLY C 126 8.02 -11.54 -39.20
CA GLY C 126 7.14 -12.40 -39.96
C GLY C 126 7.16 -13.85 -39.52
N ARG C 127 8.07 -14.22 -38.60
CA ARG C 127 8.22 -15.62 -38.21
C ARG C 127 7.01 -16.12 -37.43
N LEU C 128 6.44 -15.26 -36.57
CA LEU C 128 5.40 -15.72 -35.65
C LEU C 128 4.17 -16.21 -36.40
N ALA C 129 3.65 -15.38 -37.32
CA ALA C 129 2.47 -15.79 -38.09
C ALA C 129 2.74 -17.02 -38.92
N GLU C 130 3.98 -17.19 -39.39
CA GLU C 130 4.33 -18.38 -40.14
C GLU C 130 4.23 -19.62 -39.27
N LEU C 131 4.84 -19.56 -38.08
CA LEU C 131 4.79 -20.70 -37.16
C LEU C 131 3.35 -21.01 -36.74
N CYS C 132 2.55 -19.98 -36.48
CA CYS C 132 1.16 -20.21 -36.12
C CYS C 132 0.40 -20.88 -37.25
N GLY C 133 0.59 -20.39 -38.48
CA GLY C 133 -0.09 -21.00 -39.61
C GLY C 133 0.30 -22.45 -39.82
N VAL C 134 1.59 -22.77 -39.60
CA VAL C 134 2.04 -24.15 -39.69
C VAL C 134 1.37 -25.01 -38.62
N LEU C 135 1.40 -24.55 -37.37
CA LEU C 135 0.79 -25.31 -36.29
C LEU C 135 -0.70 -25.51 -36.50
N LYS C 136 -1.37 -24.52 -37.10
CA LYS C 136 -2.78 -24.69 -37.39
C LYS C 136 -2.98 -25.64 -38.57
N ALA C 137 -2.02 -25.67 -39.50
CA ALA C 137 -2.09 -26.65 -40.58
C ALA C 137 -2.02 -28.07 -40.02
N VAL C 138 -1.19 -28.30 -39.01
CA VAL C 138 -1.18 -29.61 -38.35
C VAL C 138 -2.48 -29.85 -37.63
N LEU C 139 -2.94 -28.85 -36.87
CA LEU C 139 -4.11 -29.02 -36.01
C LEU C 139 -5.36 -29.31 -36.84
N GLN C 140 -5.64 -28.48 -37.84
CA GLN C 140 -6.82 -28.70 -38.69
C GLN C 140 -6.71 -29.95 -39.53
N ARG C 141 -5.63 -30.73 -39.41
CA ARG C 141 -5.47 -32.02 -40.10
C ARG C 141 -5.33 -31.88 -41.62
N LYS C 142 -4.34 -31.10 -42.06
CA LYS C 142 -4.04 -30.93 -43.48
C LYS C 142 -2.63 -30.37 -43.70
N THR C 143 -1.61 -31.23 -43.62
CA THR C 143 -0.23 -30.82 -43.83
C THR C 143 0.35 -31.48 -45.09
N ALA C 144 0.58 -32.79 -45.04
CA ALA C 144 1.07 -33.60 -46.15
C ALA C 144 1.09 -35.04 -45.70
N CYS C 145 1.31 -35.24 -44.40
CA CYS C 145 1.39 -36.57 -43.80
C CYS C 145 0.04 -37.09 -43.31
N GLN C 146 -0.99 -36.25 -43.27
CA GLN C 146 -2.31 -36.68 -42.80
C GLN C 146 -3.33 -36.70 -43.94
N GLU C 161 -2.68 -43.89 -37.18
CA GLU C 161 -2.48 -44.15 -35.75
C GLU C 161 -1.62 -43.09 -35.08
N TYR C 162 -0.63 -42.58 -35.81
CA TYR C 162 0.20 -41.50 -35.32
C TYR C 162 -0.47 -40.14 -35.43
N ASP C 163 -1.52 -40.02 -36.27
CA ASP C 163 -2.13 -38.74 -36.55
C ASP C 163 -2.85 -38.14 -35.34
N ALA C 164 -2.93 -38.85 -34.23
CA ALA C 164 -3.38 -38.28 -32.96
C ALA C 164 -2.20 -37.72 -32.17
N MET C 165 -1.14 -38.51 -32.04
CA MET C 165 0.12 -37.99 -31.49
C MET C 165 0.60 -36.76 -32.25
N LEU C 166 0.32 -36.70 -33.55
CA LEU C 166 0.60 -35.49 -34.32
C LEU C 166 -0.14 -34.30 -33.73
N LEU C 167 -1.44 -34.47 -33.45
CA LEU C 167 -2.24 -33.38 -32.91
C LEU C 167 -1.78 -32.98 -31.52
N GLU C 168 -1.36 -33.96 -30.71
CA GLU C 168 -0.85 -33.60 -29.38
C GLU C 168 0.47 -32.85 -29.49
N HIS C 169 1.37 -33.29 -30.39
CA HIS C 169 2.65 -32.60 -30.56
C HIS C 169 2.46 -31.19 -31.11
N ALA C 170 1.43 -30.97 -31.92
CA ALA C 170 1.14 -29.62 -32.39
C ALA C 170 0.55 -28.77 -31.27
N GLY C 171 -0.34 -29.35 -30.47
CA GLY C 171 -0.95 -28.60 -29.38
C GLY C 171 0.03 -28.24 -28.28
N GLU C 172 1.05 -29.07 -28.08
CA GLU C 172 2.05 -28.83 -27.04
C GLU C 172 2.93 -27.61 -27.33
N ALA C 173 2.86 -27.05 -28.53
CA ALA C 173 3.68 -25.90 -28.89
C ALA C 173 2.92 -24.58 -28.79
N ILE C 174 1.59 -24.62 -28.69
CA ILE C 174 0.82 -23.40 -28.45
C ILE C 174 1.25 -22.69 -27.17
N PRO C 175 1.41 -23.37 -26.03
CA PRO C 175 1.88 -22.64 -24.83
C PRO C 175 3.29 -22.08 -24.98
N ALA C 176 4.19 -22.85 -25.58
CA ALA C 176 5.56 -22.38 -25.76
C ALA C 176 5.61 -21.15 -26.66
N LEU C 177 4.88 -21.20 -27.78
CA LEU C 177 4.85 -20.06 -28.69
C LEU C 177 4.21 -18.86 -28.03
N ALA C 178 3.14 -19.08 -27.25
CA ALA C 178 2.52 -17.96 -26.53
C ALA C 178 3.47 -17.36 -25.51
N ALA C 179 4.28 -18.19 -24.85
CA ALA C 179 5.27 -17.67 -23.92
C ALA C 179 6.43 -17.00 -24.65
N ALA C 180 6.62 -17.31 -25.92
CA ALA C 180 7.72 -16.72 -26.68
C ALA C 180 7.34 -15.35 -27.24
N ALA C 181 6.12 -15.23 -27.75
CA ALA C 181 5.68 -13.99 -28.39
C ALA C 181 5.19 -12.95 -27.41
N GLY C 182 4.88 -13.33 -26.16
CA GLY C 182 4.44 -12.38 -25.17
C GLY C 182 2.96 -12.36 -24.90
N GLY C 183 2.15 -13.00 -25.75
CA GLY C 183 0.74 -13.08 -25.44
C GLY C 183 -0.03 -11.93 -26.06
N ASP C 184 0.50 -10.72 -25.91
CA ASP C 184 -0.11 -9.58 -26.59
C ASP C 184 -0.10 -9.78 -28.09
N SER C 185 0.99 -10.32 -28.63
CA SER C 185 1.09 -10.60 -30.06
C SER C 185 0.59 -11.98 -30.43
N PHE C 186 0.53 -12.91 -29.47
CA PHE C 186 0.05 -14.26 -29.73
C PHE C 186 -1.47 -14.35 -29.71
N ALA C 187 -2.15 -13.42 -29.04
CA ALA C 187 -3.58 -13.54 -28.78
C ALA C 187 -4.42 -13.78 -30.04
N PRO C 188 -4.29 -12.99 -31.12
CA PRO C 188 -5.23 -13.17 -32.26
C PRO C 188 -5.16 -14.55 -32.88
N PHE C 189 -4.01 -15.22 -32.84
CA PHE C 189 -3.91 -16.59 -33.30
C PHE C 189 -4.57 -17.55 -32.30
N PHE C 190 -4.33 -17.33 -31.01
CA PHE C 190 -4.95 -18.19 -30.00
C PHE C 190 -6.46 -18.14 -30.10
N ALA C 191 -7.01 -17.01 -30.55
CA ALA C 191 -8.44 -16.96 -30.84
C ALA C 191 -8.83 -18.07 -31.81
N GLY C 192 -7.92 -18.50 -32.67
CA GLY C 192 -8.17 -19.57 -33.59
C GLY C 192 -7.80 -20.93 -33.02
N PHE C 193 -6.76 -20.97 -32.20
CA PHE C 193 -6.37 -22.26 -31.61
C PHE C 193 -7.37 -22.75 -30.59
N LEU C 194 -8.05 -21.83 -29.91
CA LEU C 194 -8.88 -22.20 -28.75
C LEU C 194 -9.97 -23.22 -29.09
N PRO C 195 -10.75 -23.08 -30.18
CA PRO C 195 -11.80 -24.08 -30.42
C PRO C 195 -11.25 -25.48 -30.62
N LEU C 196 -10.20 -25.63 -31.43
CA LEU C 196 -9.63 -26.96 -31.65
C LEU C 196 -9.10 -27.57 -30.37
N LEU C 197 -8.60 -26.73 -29.45
CA LEU C 197 -8.03 -27.22 -28.21
C LEU C 197 -9.12 -27.54 -27.17
N VAL C 198 -10.24 -26.83 -27.23
CA VAL C 198 -11.35 -27.12 -26.32
C VAL C 198 -12.12 -28.34 -26.78
N CYS C 199 -12.19 -28.57 -28.10
CA CYS C 199 -12.88 -29.72 -28.65
C CYS C 199 -12.45 -31.04 -28.02
N LYS C 200 -11.23 -31.12 -27.49
CA LYS C 200 -10.70 -32.33 -26.87
C LYS C 200 -11.08 -32.48 -25.41
N THR C 201 -11.83 -31.53 -24.85
CA THR C 201 -12.31 -31.63 -23.49
C THR C 201 -13.76 -32.11 -23.39
N LYS C 202 -14.45 -32.21 -24.52
CA LYS C 202 -15.86 -32.56 -24.51
C LYS C 202 -16.07 -33.90 -23.81
N GLN C 203 -17.23 -34.03 -23.16
CA GLN C 203 -17.60 -35.32 -22.60
C GLN C 203 -17.72 -36.34 -23.72
N GLY C 204 -17.23 -37.55 -23.47
CA GLY C 204 -17.12 -38.56 -24.49
C GLY C 204 -15.73 -38.69 -25.07
N CYS C 205 -14.86 -37.73 -24.82
CA CYS C 205 -13.46 -37.84 -25.20
C CYS C 205 -12.71 -38.70 -24.18
N THR C 206 -11.52 -39.14 -24.59
CA THR C 206 -10.69 -39.96 -23.74
C THR C 206 -10.13 -39.14 -22.58
N VAL C 207 -9.84 -39.83 -21.47
CA VAL C 207 -9.28 -39.16 -20.31
C VAL C 207 -7.91 -38.57 -20.66
N ALA C 208 -7.14 -39.25 -21.50
CA ALA C 208 -5.88 -38.69 -21.95
C ALA C 208 -6.11 -37.43 -22.77
N GLU C 209 -7.14 -37.43 -23.61
CA GLU C 209 -7.45 -36.24 -24.41
C GLU C 209 -7.79 -35.06 -23.52
N LYS C 210 -8.70 -35.26 -22.56
CA LYS C 210 -9.09 -34.18 -21.66
C LYS C 210 -7.90 -33.68 -20.84
N SER C 211 -7.16 -34.61 -20.21
CA SER C 211 -6.01 -34.22 -19.41
C SER C 211 -4.92 -33.55 -20.24
N PHE C 212 -4.90 -33.79 -21.55
CA PHE C 212 -3.96 -33.06 -22.42
C PHE C 212 -4.46 -31.65 -22.70
N ALA C 213 -5.70 -31.53 -23.18
CA ALA C 213 -6.23 -30.22 -23.58
C ALA C 213 -6.32 -29.26 -22.41
N VAL C 214 -6.71 -29.75 -21.23
CA VAL C 214 -6.89 -28.86 -20.09
C VAL C 214 -5.55 -28.25 -19.69
N GLY C 215 -4.56 -29.09 -19.39
CA GLY C 215 -3.25 -28.58 -19.07
C GLY C 215 -2.63 -27.73 -20.16
N THR C 216 -2.90 -28.09 -21.42
CA THR C 216 -2.43 -27.26 -22.53
C THR C 216 -3.00 -25.86 -22.45
N LEU C 217 -4.30 -25.75 -22.14
CA LEU C 217 -4.90 -24.45 -21.95
C LEU C 217 -4.33 -23.73 -20.74
N ALA C 218 -4.01 -24.46 -19.67
CA ALA C 218 -3.45 -23.84 -18.49
C ALA C 218 -2.10 -23.19 -18.80
N GLU C 219 -1.16 -23.97 -19.35
CA GLU C 219 0.13 -23.42 -19.72
C GLU C 219 -0.02 -22.30 -20.75
N THR C 220 -0.96 -22.47 -21.69
CA THR C 220 -1.20 -21.40 -22.66
C THR C 220 -1.64 -20.12 -21.99
N ILE C 221 -2.42 -20.22 -20.91
CA ILE C 221 -2.81 -19.03 -20.14
C ILE C 221 -1.60 -18.42 -19.47
N GLN C 222 -0.80 -19.25 -18.79
CA GLN C 222 0.43 -18.75 -18.17
C GLN C 222 1.25 -17.97 -19.18
N GLY C 223 1.33 -18.46 -20.42
CA GLY C 223 2.07 -17.76 -21.44
C GLY C 223 1.35 -16.55 -22.01
N LEU C 224 0.02 -16.55 -21.95
CA LEU C 224 -0.74 -15.42 -22.47
C LEU C 224 -0.62 -14.21 -21.55
N GLY C 225 -0.59 -14.44 -20.23
CA GLY C 225 -0.49 -13.34 -19.30
C GLY C 225 -1.71 -12.44 -19.28
N ALA C 226 -1.49 -11.13 -19.51
CA ALA C 226 -2.59 -10.18 -19.47
C ALA C 226 -3.59 -10.41 -20.60
N ALA C 227 -3.14 -10.95 -21.74
CA ALA C 227 -4.02 -11.17 -22.88
C ALA C 227 -4.95 -12.38 -22.64
N SER C 228 -5.11 -12.88 -21.41
CA SER C 228 -6.09 -13.93 -21.13
C SER C 228 -7.45 -13.38 -20.72
N ALA C 229 -7.49 -12.12 -20.29
CA ALA C 229 -8.77 -11.49 -19.96
C ALA C 229 -9.73 -11.52 -21.13
N GLN C 230 -9.20 -11.44 -22.36
CA GLN C 230 -10.07 -11.58 -23.52
C GLN C 230 -10.74 -12.94 -23.54
N PHE C 231 -10.03 -13.99 -23.10
CA PHE C 231 -10.49 -15.36 -23.23
C PHE C 231 -11.06 -15.95 -21.95
N VAL C 232 -11.26 -15.13 -20.91
CA VAL C 232 -11.81 -15.64 -19.65
C VAL C 232 -13.23 -16.16 -19.84
N SER C 233 -14.06 -15.41 -20.57
CA SER C 233 -15.46 -15.81 -20.71
C SER C 233 -15.61 -17.12 -21.47
N ARG C 234 -14.66 -17.45 -22.35
CA ARG C 234 -14.71 -18.73 -23.05
C ARG C 234 -14.04 -19.84 -22.23
N LEU C 235 -12.96 -19.50 -21.54
CA LEU C 235 -12.12 -20.50 -20.87
C LEU C 235 -12.71 -20.95 -19.54
N LEU C 236 -13.47 -20.10 -18.86
CA LEU C 236 -13.95 -20.45 -17.53
C LEU C 236 -14.87 -21.68 -17.53
N PRO C 237 -15.89 -21.79 -18.38
CA PRO C 237 -16.75 -22.99 -18.34
C PRO C 237 -16.03 -24.27 -18.73
N VAL C 238 -14.91 -24.19 -19.47
CA VAL C 238 -14.15 -25.39 -19.76
C VAL C 238 -13.47 -25.90 -18.49
N LEU C 239 -12.80 -25.01 -17.76
CA LEU C 239 -12.15 -25.40 -16.52
C LEU C 239 -13.16 -25.85 -15.47
N LEU C 240 -14.26 -25.10 -15.33
CA LEU C 240 -15.29 -25.49 -14.36
C LEU C 240 -15.98 -26.78 -14.77
N SER C 241 -16.03 -27.07 -16.07
CA SER C 241 -16.64 -28.31 -16.52
C SER C 241 -15.74 -29.50 -16.21
N THR C 242 -14.50 -29.46 -16.70
CA THR C 242 -13.58 -30.57 -16.48
C THR C 242 -13.21 -30.75 -15.02
N ALA C 243 -13.37 -29.72 -14.18
CA ALA C 243 -13.13 -29.88 -12.76
C ALA C 243 -14.12 -30.84 -12.09
N GLN C 244 -15.13 -31.31 -12.82
CA GLN C 244 -16.07 -32.29 -12.32
C GLN C 244 -15.75 -33.70 -12.81
N GLU C 245 -14.60 -33.91 -13.43
CA GLU C 245 -14.25 -35.22 -13.94
C GLU C 245 -13.63 -36.09 -12.84
N ALA C 246 -13.80 -37.41 -13.00
CA ALA C 246 -13.42 -38.36 -11.95
C ALA C 246 -11.91 -38.56 -11.85
N ASP C 247 -11.19 -38.52 -12.97
CA ASP C 247 -9.76 -38.79 -12.99
C ASP C 247 -8.99 -37.65 -12.33
N PRO C 248 -8.20 -37.92 -11.28
CA PRO C 248 -7.51 -36.82 -10.58
C PRO C 248 -6.53 -36.05 -11.44
N GLU C 249 -6.12 -36.58 -12.59
CA GLU C 249 -5.22 -35.82 -13.46
C GLU C 249 -5.98 -34.71 -14.18
N VAL C 250 -7.15 -35.04 -14.74
CA VAL C 250 -7.99 -34.04 -15.37
C VAL C 250 -8.43 -32.99 -14.35
N ARG C 251 -8.92 -33.43 -13.19
CA ARG C 251 -9.29 -32.47 -12.14
C ARG C 251 -8.11 -31.62 -11.73
N SER C 252 -6.93 -32.22 -11.60
CA SER C 252 -5.76 -31.48 -11.11
C SER C 252 -5.36 -30.39 -12.10
N ASN C 253 -5.35 -30.73 -13.39
CA ASN C 253 -5.02 -29.72 -14.39
C ASN C 253 -6.11 -28.66 -14.48
N ALA C 254 -7.37 -29.06 -14.30
CA ALA C 254 -8.48 -28.12 -14.36
C ALA C 254 -8.38 -27.09 -13.24
N ILE C 255 -8.11 -27.56 -12.02
CA ILE C 255 -8.00 -26.65 -10.88
C ILE C 255 -6.78 -25.76 -11.02
N PHE C 256 -5.65 -26.33 -11.43
CA PHE C 256 -4.45 -25.51 -11.67
C PHE C 256 -4.75 -24.40 -12.67
N GLY C 257 -5.41 -24.75 -13.78
CA GLY C 257 -5.77 -23.73 -14.77
C GLY C 257 -6.76 -22.71 -14.24
N MET C 258 -7.63 -23.13 -13.32
CA MET C 258 -8.52 -22.17 -12.67
C MET C 258 -7.71 -21.13 -11.89
N GLY C 259 -6.80 -21.59 -11.03
CA GLY C 259 -6.00 -20.64 -10.25
C GLY C 259 -5.11 -19.76 -11.13
N VAL C 260 -4.45 -20.37 -12.11
CA VAL C 260 -3.60 -19.60 -13.01
C VAL C 260 -4.42 -18.56 -13.76
N LEU C 261 -5.62 -18.94 -14.20
CA LEU C 261 -6.50 -17.98 -14.85
C LEU C 261 -6.86 -16.84 -13.91
N ALA C 262 -7.11 -17.17 -12.64
CA ALA C 262 -7.38 -16.12 -11.66
C ALA C 262 -6.19 -15.19 -11.50
N GLU C 263 -4.98 -15.72 -11.65
CA GLU C 263 -3.80 -14.87 -11.48
C GLU C 263 -3.59 -13.96 -12.68
N HIS C 264 -3.89 -14.44 -13.88
CA HIS C 264 -3.55 -13.74 -15.11
C HIS C 264 -4.74 -13.15 -15.85
N GLY C 265 -5.96 -13.51 -15.50
CA GLY C 265 -7.13 -13.04 -16.22
C GLY C 265 -7.60 -11.65 -15.89
N GLY C 266 -6.90 -10.93 -15.02
CA GLY C 266 -7.23 -9.54 -14.76
C GLY C 266 -8.64 -9.37 -14.21
N HIS C 267 -9.27 -8.25 -14.63
CA HIS C 267 -10.61 -7.93 -14.13
C HIS C 267 -11.67 -8.94 -14.55
N PRO C 268 -11.79 -9.33 -15.85
CA PRO C 268 -12.80 -10.34 -16.20
C PRO C 268 -12.63 -11.63 -15.43
N ALA C 269 -11.43 -11.93 -14.95
CA ALA C 269 -11.30 -13.05 -14.02
C ALA C 269 -11.79 -12.67 -12.63
N GLN C 270 -11.49 -11.44 -12.19
CA GLN C 270 -11.87 -11.03 -10.84
C GLN C 270 -13.38 -11.06 -10.65
N GLU C 271 -14.14 -10.81 -11.71
CA GLU C 271 -15.60 -10.82 -11.61
C GLU C 271 -16.17 -12.22 -11.39
N HIS C 272 -15.39 -13.27 -11.58
CA HIS C 272 -15.88 -14.64 -11.40
C HIS C 272 -15.31 -15.31 -10.16
N PHE C 273 -14.69 -14.56 -9.24
CA PHE C 273 -14.09 -15.18 -8.07
C PHE C 273 -15.08 -15.94 -7.20
N PRO C 274 -16.32 -15.47 -6.98
CA PRO C 274 -17.24 -16.27 -6.16
C PRO C 274 -17.60 -17.62 -6.77
N LYS C 275 -17.53 -17.76 -8.09
CA LYS C 275 -17.80 -19.06 -8.68
C LYS C 275 -16.62 -19.99 -8.50
N LEU C 276 -15.40 -19.48 -8.71
CA LEU C 276 -14.19 -20.27 -8.46
C LEU C 276 -14.13 -20.74 -7.02
N LEU C 277 -14.30 -19.82 -6.06
CA LEU C 277 -14.35 -20.24 -4.67
C LEU C 277 -15.56 -21.12 -4.40
N GLY C 278 -16.63 -20.96 -5.20
CA GLY C 278 -17.81 -21.76 -5.02
C GLY C 278 -17.62 -23.20 -5.43
N LEU C 279 -16.68 -23.45 -6.35
CA LEU C 279 -16.33 -24.83 -6.70
C LEU C 279 -15.20 -25.35 -5.82
N LEU C 280 -14.16 -24.54 -5.64
CA LEU C 280 -12.96 -25.00 -4.93
C LEU C 280 -13.23 -25.23 -3.46
N PHE C 281 -13.90 -24.30 -2.80
CA PHE C 281 -14.04 -24.38 -1.34
C PHE C 281 -14.79 -25.63 -0.90
N PRO C 282 -15.93 -26.01 -1.50
CA PRO C 282 -16.51 -27.32 -1.15
C PRO C 282 -15.64 -28.48 -1.58
N LEU C 283 -14.98 -28.37 -2.74
CA LEU C 283 -14.18 -29.48 -3.27
C LEU C 283 -12.99 -29.81 -2.39
N LEU C 284 -12.37 -28.78 -1.79
CA LEU C 284 -11.24 -29.02 -0.91
C LEU C 284 -11.63 -29.87 0.29
N ALA C 285 -12.90 -29.84 0.69
CA ALA C 285 -13.32 -30.54 1.89
C ALA C 285 -13.57 -32.02 1.66
N ARG C 286 -13.67 -32.47 0.41
CA ARG C 286 -14.02 -33.85 0.15
C ARG C 286 -13.05 -34.59 -0.74
N GLU C 287 -12.14 -33.90 -1.43
CA GLU C 287 -11.17 -34.58 -2.30
C GLU C 287 -10.20 -35.40 -1.46
N ARG C 288 -9.90 -36.61 -1.94
CA ARG C 288 -9.01 -37.53 -1.25
C ARG C 288 -7.63 -37.60 -1.88
N HIS C 289 -7.55 -37.67 -3.20
CA HIS C 289 -6.27 -37.77 -3.89
C HIS C 289 -5.46 -36.50 -3.65
N ASP C 290 -4.26 -36.66 -3.09
CA ASP C 290 -3.56 -35.52 -2.51
C ASP C 290 -3.10 -34.52 -3.56
N ARG C 291 -2.85 -34.97 -4.79
CA ARG C 291 -2.39 -34.06 -5.83
C ARG C 291 -3.43 -33.01 -6.15
N VAL C 292 -4.69 -33.44 -6.32
CA VAL C 292 -5.77 -32.49 -6.55
C VAL C 292 -5.87 -31.53 -5.37
N ARG C 293 -5.64 -32.02 -4.15
CA ARG C 293 -5.63 -31.14 -2.99
C ARG C 293 -4.57 -30.06 -3.13
N ASP C 294 -3.35 -30.45 -3.51
CA ASP C 294 -2.27 -29.48 -3.63
C ASP C 294 -2.59 -28.43 -4.69
N ASN C 295 -3.11 -28.88 -5.85
CA ASN C 295 -3.49 -27.92 -6.87
C ASN C 295 -4.64 -27.03 -6.40
N ILE C 296 -5.49 -27.55 -5.52
CA ILE C 296 -6.53 -26.72 -4.92
C ILE C 296 -5.89 -25.61 -4.10
N CYS C 297 -4.93 -25.96 -3.23
CA CYS C 297 -4.27 -24.95 -2.42
C CYS C 297 -3.56 -23.92 -3.29
N GLY C 298 -2.97 -24.36 -4.40
CA GLY C 298 -2.38 -23.42 -5.34
C GLY C 298 -3.42 -22.45 -5.90
N ALA C 299 -4.54 -23.00 -6.38
CA ALA C 299 -5.57 -22.14 -6.97
C ALA C 299 -6.13 -21.16 -5.96
N LEU C 300 -6.28 -21.60 -4.70
CA LEU C 300 -6.78 -20.72 -3.66
C LEU C 300 -5.78 -19.61 -3.37
N ALA C 301 -4.49 -19.94 -3.23
CA ALA C 301 -3.49 -18.92 -2.96
C ALA C 301 -3.39 -17.92 -4.09
N ARG C 302 -3.60 -18.38 -5.33
CA ARG C 302 -3.62 -17.47 -6.47
C ARG C 302 -4.85 -16.59 -6.45
N LEU C 303 -6.01 -17.14 -6.03
CA LEU C 303 -7.22 -16.34 -5.89
C LEU C 303 -7.06 -15.24 -4.85
N LEU C 304 -6.50 -15.57 -3.69
CA LEU C 304 -6.35 -14.56 -2.65
C LEU C 304 -5.33 -13.51 -3.04
N MET C 305 -4.21 -13.90 -3.66
CA MET C 305 -3.25 -12.87 -4.08
C MET C 305 -3.80 -12.00 -5.20
N ALA C 306 -4.72 -12.54 -6.02
CA ALA C 306 -5.25 -11.80 -7.16
C ALA C 306 -6.49 -10.97 -6.84
N SER C 307 -6.99 -11.04 -5.61
CA SER C 307 -8.17 -10.26 -5.26
C SER C 307 -7.83 -8.77 -5.16
N PRO C 308 -8.72 -7.89 -5.62
CA PRO C 308 -8.43 -6.45 -5.58
C PRO C 308 -8.90 -5.78 -4.30
N THR C 309 -8.00 -5.01 -3.66
CA THR C 309 -8.26 -4.24 -2.44
C THR C 309 -9.10 -4.97 -1.39
N ARG C 310 -9.07 -6.31 -1.41
CA ARG C 310 -9.79 -7.11 -0.44
C ARG C 310 -8.81 -7.91 0.40
N LYS C 311 -9.10 -7.98 1.72
CA LYS C 311 -8.35 -9.03 2.41
C LYS C 311 -9.13 -10.34 2.32
N PRO C 312 -8.44 -11.49 2.36
CA PRO C 312 -9.10 -12.75 2.01
C PRO C 312 -10.23 -13.11 2.96
N GLU C 313 -11.20 -13.86 2.43
CA GLU C 313 -12.27 -14.39 3.27
C GLU C 313 -11.64 -15.31 4.31
N PRO C 314 -11.81 -15.03 5.61
CA PRO C 314 -11.08 -15.80 6.63
C PRO C 314 -11.35 -17.29 6.58
N GLN C 315 -12.52 -17.72 6.10
CA GLN C 315 -12.76 -19.15 5.99
C GLN C 315 -12.00 -19.76 4.83
N VAL C 316 -11.83 -19.01 3.73
CA VAL C 316 -11.01 -19.49 2.61
C VAL C 316 -9.57 -19.67 3.05
N LEU C 317 -9.02 -18.64 3.71
CA LEU C 317 -7.66 -18.73 4.22
C LEU C 317 -7.51 -19.85 5.23
N ALA C 318 -8.53 -20.06 6.08
CA ALA C 318 -8.44 -21.09 7.10
C ALA C 318 -8.47 -22.49 6.47
N ALA C 319 -9.30 -22.68 5.44
CA ALA C 319 -9.35 -23.98 4.78
C ALA C 319 -8.07 -24.25 3.99
N LEU C 320 -7.61 -23.25 3.24
CA LEU C 320 -6.34 -23.33 2.53
C LEU C 320 -5.23 -23.75 3.48
N LEU C 321 -5.05 -22.98 4.56
CA LEU C 321 -4.00 -23.31 5.53
C LEU C 321 -4.27 -24.62 6.24
N HIS C 322 -5.51 -25.12 6.20
CA HIS C 322 -5.81 -26.40 6.82
C HIS C 322 -5.33 -27.57 5.94
N ALA C 323 -5.53 -27.47 4.63
CA ALA C 323 -5.10 -28.55 3.74
C ALA C 323 -3.59 -28.70 3.71
N LEU C 324 -2.84 -27.63 3.97
CA LEU C 324 -1.39 -27.70 4.01
C LEU C 324 -0.96 -28.64 5.14
N PRO C 325 0.21 -29.30 5.00
CA PRO C 325 1.20 -29.14 3.92
C PRO C 325 0.87 -29.91 2.64
N LEU C 326 1.65 -29.66 1.60
CA LEU C 326 1.48 -30.36 0.33
C LEU C 326 2.23 -31.69 0.37
N LYS C 327 1.63 -32.74 -0.18
CA LYS C 327 2.22 -34.06 -0.17
C LYS C 327 2.56 -34.60 -1.55
N GLU C 328 2.24 -33.86 -2.61
CA GLU C 328 2.49 -34.35 -3.96
C GLU C 328 3.10 -33.26 -4.83
N ASP C 329 2.28 -32.33 -5.31
CA ASP C 329 2.75 -31.28 -6.19
C ASP C 329 3.76 -30.38 -5.49
N LEU C 330 5.04 -30.62 -5.75
CA LEU C 330 6.09 -29.84 -5.10
C LEU C 330 6.27 -28.46 -5.70
N GLU C 331 5.75 -28.22 -6.91
CA GLU C 331 5.95 -26.92 -7.54
C GLU C 331 5.16 -25.84 -6.84
N GLU C 332 3.90 -26.15 -6.48
CA GLU C 332 3.01 -25.14 -5.93
C GLU C 332 3.49 -24.59 -4.60
N TRP C 333 4.50 -25.22 -3.96
CA TRP C 333 5.13 -24.61 -2.81
C TRP C 333 5.60 -23.20 -3.14
N VAL C 334 6.27 -23.04 -4.29
CA VAL C 334 6.73 -21.74 -4.75
C VAL C 334 5.60 -20.71 -4.69
N THR C 335 4.37 -21.13 -4.96
CA THR C 335 3.23 -20.22 -4.90
C THR C 335 2.79 -19.98 -3.46
N ILE C 336 2.65 -21.05 -2.67
CA ILE C 336 2.14 -20.89 -1.32
C ILE C 336 3.05 -20.00 -0.50
N GLY C 337 4.37 -20.11 -0.71
CA GLY C 337 5.30 -19.24 -0.04
C GLY C 337 5.06 -17.78 -0.37
N ARG C 338 4.81 -17.49 -1.64
CA ARG C 338 4.44 -16.14 -2.04
C ARG C 338 3.22 -15.65 -1.25
N LEU C 339 2.24 -16.53 -1.03
CA LEU C 339 1.07 -16.16 -0.24
C LEU C 339 1.48 -15.74 1.16
N PHE C 340 2.40 -16.49 1.78
CA PHE C 340 2.87 -16.11 3.11
C PHE C 340 3.37 -14.68 3.11
N SER C 341 4.00 -14.26 2.02
CA SER C 341 4.49 -12.89 1.93
C SER C 341 3.34 -11.91 1.75
N PHE C 342 2.38 -12.27 0.89
CA PHE C 342 1.23 -11.41 0.62
C PHE C 342 0.48 -11.07 1.90
N LEU C 343 0.18 -12.10 2.70
CA LEU C 343 -0.49 -11.86 3.98
C LEU C 343 0.26 -10.85 4.84
N TYR C 344 1.60 -10.88 4.81
CA TYR C 344 2.32 -9.96 5.68
C TYR C 344 2.22 -8.54 5.17
N GLN C 345 2.01 -8.36 3.87
CA GLN C 345 1.97 -7.01 3.31
C GLN C 345 0.61 -6.36 3.50
N SER C 346 -0.48 -7.09 3.23
CA SER C 346 -1.80 -6.49 3.13
C SER C 346 -2.81 -6.97 4.17
N SER C 347 -2.61 -8.14 4.77
CA SER C 347 -3.57 -8.68 5.73
C SER C 347 -2.86 -9.33 6.91
N PRO C 348 -2.12 -8.54 7.71
CA PRO C 348 -1.52 -9.11 8.92
C PRO C 348 -2.46 -9.04 10.11
N ASP C 349 -3.45 -8.15 10.03
CA ASP C 349 -4.38 -7.99 11.14
C ASP C 349 -5.16 -9.26 11.42
N GLN C 350 -5.34 -10.11 10.41
CA GLN C 350 -6.07 -11.37 10.57
C GLN C 350 -5.25 -12.52 10.03
N VAL C 351 -3.94 -12.47 10.21
CA VAL C 351 -3.11 -13.67 10.17
C VAL C 351 -2.88 -14.23 11.58
N ILE C 352 -3.28 -13.49 12.61
CA ILE C 352 -3.19 -13.97 13.98
C ILE C 352 -4.22 -15.06 14.25
N ASP C 353 -5.30 -15.09 13.47
CA ASP C 353 -6.30 -16.13 13.62
C ASP C 353 -5.72 -17.50 13.33
N VAL C 354 -4.77 -17.58 12.41
CA VAL C 354 -4.30 -18.86 11.89
C VAL C 354 -2.92 -19.23 12.43
N ALA C 355 -2.54 -18.68 13.59
CA ALA C 355 -1.25 -19.04 14.18
C ALA C 355 -1.11 -20.54 14.41
N PRO C 356 -2.10 -21.24 15.00
CA PRO C 356 -1.95 -22.71 15.17
C PRO C 356 -1.71 -23.44 13.86
N GLU C 357 -2.11 -22.85 12.73
CA GLU C 357 -1.82 -23.47 11.44
C GLU C 357 -0.40 -23.15 10.98
N LEU C 358 -0.02 -21.87 11.01
CA LEU C 358 1.30 -21.47 10.53
C LEU C 358 2.40 -22.20 11.29
N LEU C 359 2.28 -22.25 12.63
CA LEU C 359 3.31 -22.89 13.43
C LEU C 359 3.45 -24.37 13.09
N ARG C 360 2.34 -25.08 12.93
CA ARG C 360 2.38 -26.50 12.58
C ARG C 360 3.00 -26.71 11.21
N ILE C 361 2.53 -25.98 10.21
CA ILE C 361 3.08 -26.09 8.85
C ILE C 361 4.60 -25.90 8.89
N CYS C 362 5.04 -24.88 9.62
CA CYS C 362 6.48 -24.65 9.75
C CYS C 362 7.18 -25.79 10.46
N SER C 363 6.51 -26.42 11.43
CA SER C 363 7.12 -27.56 12.12
C SER C 363 7.29 -28.76 11.19
N LEU C 364 6.38 -28.95 10.24
CA LEU C 364 6.50 -30.06 9.30
C LEU C 364 7.38 -29.74 8.09
N ILE C 365 7.58 -28.46 7.79
CA ILE C 365 8.18 -28.06 6.50
C ILE C 365 9.64 -27.67 6.70
N LEU C 366 9.99 -27.21 7.90
CA LEU C 366 11.32 -26.66 8.13
C LEU C 366 12.40 -27.70 7.90
N ALA C 367 12.05 -28.98 8.01
CA ALA C 367 13.02 -30.07 7.93
C ALA C 367 13.26 -30.52 6.49
N ASP C 368 12.22 -30.61 5.68
CA ASP C 368 12.32 -31.21 4.36
C ASP C 368 13.26 -30.42 3.44
N ASN C 369 13.95 -31.15 2.56
CA ASN C 369 14.84 -30.53 1.57
C ASN C 369 14.17 -30.28 0.24
N LYS C 370 13.06 -30.97 -0.05
CA LYS C 370 12.30 -30.69 -1.26
C LYS C 370 11.69 -29.29 -1.23
N ILE C 371 11.52 -28.70 -0.06
CA ILE C 371 10.94 -27.35 0.04
C ILE C 371 11.96 -26.32 -0.44
N PRO C 372 11.57 -25.37 -1.29
CA PRO C 372 12.48 -24.25 -1.57
C PRO C 372 12.76 -23.48 -0.31
N PRO C 373 13.96 -22.89 -0.18
CA PRO C 373 14.30 -22.16 1.04
C PRO C 373 13.67 -20.79 1.15
N ASP C 374 13.33 -20.14 0.03
CA ASP C 374 12.63 -18.86 0.11
C ASP C 374 11.20 -19.03 0.60
N THR C 375 10.59 -20.18 0.36
CA THR C 375 9.29 -20.49 0.94
C THR C 375 9.37 -20.56 2.46
N LYS C 376 10.31 -21.37 2.97
CA LYS C 376 10.55 -21.41 4.40
C LYS C 376 10.88 -20.03 4.96
N ALA C 377 11.55 -19.20 4.14
CA ALA C 377 11.83 -17.83 4.57
C ALA C 377 10.55 -17.02 4.72
N ALA C 378 9.59 -17.22 3.82
CA ALA C 378 8.31 -16.50 3.91
C ALA C 378 7.53 -16.92 5.16
N LEU C 379 7.32 -18.23 5.33
CA LEU C 379 6.56 -18.66 6.51
C LEU C 379 7.29 -18.29 7.80
N LEU C 380 8.62 -18.32 7.79
CA LEU C 380 9.38 -17.89 8.95
C LEU C 380 9.24 -16.40 9.19
N LEU C 381 9.03 -15.62 8.13
CA LEU C 381 8.71 -14.20 8.29
C LEU C 381 7.36 -14.03 9.00
N LEU C 382 6.35 -14.81 8.58
CA LEU C 382 5.09 -14.78 9.31
C LEU C 382 5.28 -15.19 10.76
N LEU C 383 6.17 -16.14 11.03
CA LEU C 383 6.35 -16.63 12.39
C LEU C 383 7.05 -15.60 13.26
N THR C 384 8.15 -15.00 12.76
CA THR C 384 8.84 -13.99 13.56
C THR C 384 7.99 -12.75 13.76
N PHE C 385 7.12 -12.43 12.80
CA PHE C 385 6.14 -11.37 13.04
C PHE C 385 5.19 -11.78 14.16
N LEU C 386 4.53 -12.93 14.00
CA LEU C 386 3.53 -13.37 14.96
C LEU C 386 4.11 -13.63 16.34
N ALA C 387 5.44 -13.71 16.47
CA ALA C 387 6.07 -13.92 17.76
C ALA C 387 6.57 -12.63 18.38
N LYS C 388 7.24 -11.78 17.60
CA LYS C 388 7.91 -10.62 18.18
C LYS C 388 6.91 -9.55 18.64
N GLN C 389 5.74 -9.47 18.02
CA GLN C 389 4.73 -8.49 18.43
C GLN C 389 3.35 -9.10 18.60
N HIS C 390 3.27 -10.41 18.86
CA HIS C 390 2.02 -11.07 19.22
C HIS C 390 2.35 -12.29 20.06
N THR C 391 3.09 -12.06 21.14
CA THR C 391 3.61 -13.16 21.96
C THR C 391 2.50 -13.96 22.63
N ASP C 392 1.35 -13.34 22.89
CA ASP C 392 0.25 -14.06 23.52
C ASP C 392 -0.26 -15.18 22.62
N SER C 393 -0.75 -14.82 21.44
CA SER C 393 -1.29 -15.82 20.53
C SER C 393 -0.21 -16.79 20.05
N PHE C 394 1.04 -16.32 19.95
CA PHE C 394 2.13 -17.17 19.50
C PHE C 394 2.46 -18.23 20.54
N GLN C 395 2.75 -17.82 21.78
CA GLN C 395 3.00 -18.77 22.85
C GLN C 395 1.79 -19.68 23.09
N ALA C 396 0.59 -19.17 22.82
CA ALA C 396 -0.59 -20.03 22.91
C ALA C 396 -0.55 -21.14 21.87
N ALA C 397 -0.36 -20.77 20.60
CA ALA C 397 -0.40 -21.74 19.52
C ALA C 397 0.84 -22.61 19.43
N LEU C 398 1.91 -22.29 20.18
CA LEU C 398 3.15 -23.06 20.07
C LEU C 398 3.15 -24.31 20.95
N GLY C 399 2.28 -24.38 21.97
CA GLY C 399 2.19 -25.59 22.77
C GLY C 399 1.50 -26.74 22.08
N SER C 400 0.70 -26.45 21.05
CA SER C 400 0.01 -27.47 20.29
C SER C 400 0.95 -28.35 19.47
N LEU C 401 2.17 -27.95 19.29
CA LEU C 401 3.15 -28.74 18.55
C LEU C 401 3.91 -29.67 19.48
N PRO C 402 4.36 -30.81 18.99
CA PRO C 402 5.25 -31.67 19.79
C PRO C 402 6.50 -30.90 20.20
N VAL C 403 6.86 -31.01 21.48
CA VAL C 403 7.99 -30.27 22.01
C VAL C 403 9.29 -30.62 21.28
N ASP C 404 9.32 -31.73 20.55
CA ASP C 404 10.46 -32.02 19.69
C ASP C 404 10.58 -30.99 18.57
N LYS C 405 9.55 -30.87 17.73
CA LYS C 405 9.57 -29.88 16.65
C LYS C 405 9.33 -28.47 17.17
N ALA C 406 8.52 -28.32 18.22
CA ALA C 406 8.33 -27.02 18.85
C ALA C 406 9.53 -26.62 19.71
N GLN C 407 10.66 -27.31 19.60
CA GLN C 407 11.88 -26.88 20.28
C GLN C 407 12.65 -25.84 19.48
N GLU C 408 12.46 -25.78 18.16
CA GLU C 408 13.05 -24.74 17.34
C GLU C 408 12.36 -23.40 17.58
N LEU C 409 11.69 -23.27 18.73
CA LEU C 409 11.14 -22.00 19.16
C LEU C 409 12.23 -20.95 19.37
N GLN C 410 13.43 -21.40 19.75
CA GLN C 410 14.52 -20.52 20.14
C GLN C 410 15.72 -20.64 19.20
N ALA C 411 15.67 -21.57 18.24
CA ALA C 411 16.77 -21.75 17.31
C ALA C 411 16.65 -20.83 16.10
N VAL C 412 15.46 -20.76 15.50
CA VAL C 412 15.26 -20.04 14.25
C VAL C 412 14.45 -18.77 14.43
N LEU C 413 14.16 -18.38 15.68
CA LEU C 413 13.38 -17.17 15.91
C LEU C 413 14.04 -16.27 16.96
N GLY C 414 14.36 -16.84 18.12
CA GLY C 414 14.93 -16.07 19.21
C GLY C 414 14.57 -16.61 20.60
N MET D 30 4.26 19.20 -56.78
CA MET D 30 3.68 19.04 -55.44
C MET D 30 4.73 18.73 -54.38
N GLU D 31 5.80 18.03 -54.76
CA GLU D 31 6.88 17.78 -53.81
C GLU D 31 7.62 19.05 -53.46
N SER D 32 7.67 20.01 -54.39
CA SER D 32 8.16 21.34 -54.07
C SER D 32 7.32 21.97 -52.97
N VAL D 33 6.03 21.69 -52.96
CA VAL D 33 5.16 22.17 -51.88
C VAL D 33 5.53 21.50 -50.57
N PHE D 34 5.77 20.19 -50.60
CA PHE D 34 6.14 19.46 -49.39
C PHE D 34 7.43 20.02 -48.78
N GLU D 35 8.47 20.16 -49.60
CA GLU D 35 9.75 20.62 -49.07
C GLU D 35 9.68 22.09 -48.67
N GLU D 36 9.22 22.96 -49.58
CA GLU D 36 9.14 24.38 -49.28
C GLU D 36 8.29 24.66 -48.04
N VAL D 37 7.12 23.98 -47.93
CA VAL D 37 6.30 24.15 -46.75
C VAL D 37 7.02 23.61 -45.52
N PHE D 38 7.78 22.53 -45.69
CA PHE D 38 8.53 21.95 -44.57
C PHE D 38 9.61 22.90 -44.07
N LYS D 39 10.09 23.80 -44.93
CA LYS D 39 11.05 24.81 -44.50
C LYS D 39 10.46 25.79 -43.51
N LEU D 40 9.12 25.87 -43.41
CA LEU D 40 8.49 26.83 -42.51
C LEU D 40 8.54 26.40 -41.05
N LEU D 41 8.68 25.10 -40.78
CA LEU D 41 8.78 24.64 -39.39
C LEU D 41 9.99 25.23 -38.68
N GLU D 42 11.03 25.58 -39.45
CA GLU D 42 12.21 26.26 -38.90
C GLU D 42 11.93 27.76 -38.85
N CYS D 43 11.04 28.14 -37.94
CA CYS D 43 10.68 29.54 -37.79
C CYS D 43 10.37 29.88 -36.32
N PRO D 44 11.08 30.83 -35.72
CA PRO D 44 10.77 31.22 -34.33
C PRO D 44 9.51 32.07 -34.22
N HIS D 45 8.36 31.49 -34.59
CA HIS D 45 7.07 32.13 -34.42
C HIS D 45 6.00 31.05 -34.39
N LEU D 46 4.88 31.37 -33.73
CA LEU D 46 3.88 30.36 -33.40
C LEU D 46 2.97 30.04 -34.59
N ASN D 47 2.24 31.04 -35.09
CA ASN D 47 1.16 30.78 -36.02
C ASN D 47 1.67 30.18 -37.33
N VAL D 48 2.86 30.61 -37.77
CA VAL D 48 3.42 30.04 -38.99
C VAL D 48 3.77 28.57 -38.78
N ARG D 49 4.28 28.23 -37.60
CA ARG D 49 4.60 26.84 -37.30
C ARG D 49 3.34 25.98 -37.28
N LYS D 50 2.29 26.49 -36.62
CA LYS D 50 1.02 25.77 -36.58
C LYS D 50 0.46 25.56 -37.99
N ALA D 51 0.37 26.64 -38.76
CA ALA D 51 -0.19 26.53 -40.11
C ALA D 51 0.64 25.61 -40.98
N ALA D 52 1.95 25.53 -40.71
CA ALA D 52 2.81 24.64 -41.47
C ALA D 52 2.54 23.18 -41.14
N HIS D 53 2.42 22.86 -39.84
CA HIS D 53 2.09 21.49 -39.46
C HIS D 53 0.72 21.09 -40.01
N GLU D 54 -0.26 21.97 -39.88
CA GLU D 54 -1.58 21.70 -40.45
C GLU D 54 -1.49 21.44 -41.95
N ALA D 55 -0.85 22.35 -42.69
CA ALA D 55 -0.75 22.20 -44.13
C ALA D 55 -0.06 20.91 -44.52
N LEU D 56 0.97 20.51 -43.77
CA LEU D 56 1.65 19.25 -44.04
C LEU D 56 0.69 18.07 -43.87
N GLY D 57 -0.04 18.04 -42.75
CA GLY D 57 -0.98 16.94 -42.53
C GLY D 57 -2.06 16.88 -43.60
N GLN D 58 -2.65 18.03 -43.92
CA GLN D 58 -3.68 18.08 -44.94
C GLN D 58 -3.16 17.62 -46.30
N PHE D 59 -1.93 18.02 -46.64
CA PHE D 59 -1.36 17.62 -47.92
C PHE D 59 -1.03 16.13 -47.96
N CYS D 60 -0.60 15.55 -46.83
CA CYS D 60 -0.46 14.10 -46.78
C CYS D 60 -1.80 13.40 -47.03
N CYS D 61 -2.87 13.92 -46.41
CA CYS D 61 -4.18 13.30 -46.61
C CYS D 61 -4.64 13.40 -48.05
N ALA D 62 -4.52 14.59 -48.65
CA ALA D 62 -4.92 14.76 -50.04
C ALA D 62 -4.05 13.92 -50.97
N LEU D 63 -2.76 13.81 -50.67
CA LEU D 63 -1.89 12.98 -51.48
C LEU D 63 -2.26 11.51 -51.36
N HIS D 64 -2.71 11.07 -50.19
CA HIS D 64 -3.15 9.69 -50.04
C HIS D 64 -4.44 9.44 -50.82
N LYS D 65 -5.45 10.30 -50.61
CA LYS D 65 -6.73 10.10 -51.29
C LYS D 65 -6.57 10.20 -52.80
N ALA D 66 -5.65 11.05 -53.27
CA ALA D 66 -5.37 11.07 -54.70
C ALA D 66 -4.61 9.84 -55.13
N CYS D 67 -3.75 9.32 -54.25
CA CYS D 67 -2.96 8.14 -54.57
C CYS D 67 -3.85 6.93 -54.81
N GLN D 68 -4.81 6.69 -53.92
CA GLN D 68 -5.68 5.53 -54.08
C GLN D 68 -6.79 5.76 -55.10
N SER D 69 -6.69 6.80 -55.93
CA SER D 69 -7.50 6.93 -57.13
C SER D 69 -6.83 6.31 -58.34
N CYS D 70 -5.57 5.92 -58.21
CA CYS D 70 -4.82 5.22 -59.24
C CYS D 70 -3.64 4.51 -58.57
N PRO D 71 -3.83 3.27 -58.12
CA PRO D 71 -2.74 2.55 -57.44
C PRO D 71 -1.53 2.37 -58.34
N SER D 72 -0.72 3.43 -58.46
CA SER D 72 0.43 3.45 -59.35
C SER D 72 1.70 3.27 -58.53
N GLU D 73 2.53 2.32 -58.95
CA GLU D 73 3.78 2.03 -58.25
C GLU D 73 4.66 3.26 -58.02
N PRO D 74 4.80 4.23 -58.95
CA PRO D 74 5.63 5.40 -58.65
C PRO D 74 4.85 6.52 -57.95
N ASN D 75 3.54 6.57 -58.18
CA ASN D 75 2.71 7.57 -57.51
C ASN D 75 2.72 7.37 -56.00
N THR D 76 2.57 6.13 -55.56
CA THR D 76 2.43 5.83 -54.13
C THR D 76 3.67 6.28 -53.34
N ALA D 77 4.85 5.82 -53.73
CA ALA D 77 6.06 6.04 -52.94
C ALA D 77 6.24 7.50 -52.55
N ALA D 78 5.69 8.43 -53.34
CA ALA D 78 5.69 9.83 -52.91
C ALA D 78 4.95 10.00 -51.59
N LEU D 79 3.71 9.48 -51.51
CA LEU D 79 3.00 9.47 -50.24
C LEU D 79 3.82 8.77 -49.17
N GLN D 80 4.51 7.69 -49.54
CA GLN D 80 5.28 6.91 -48.55
C GLN D 80 6.37 7.76 -47.90
N ALA D 81 7.24 8.35 -48.71
CA ALA D 81 8.26 9.23 -48.16
C ALA D 81 7.64 10.42 -47.45
N ALA D 82 6.51 10.91 -47.94
CA ALA D 82 5.83 12.03 -47.29
C ALA D 82 5.50 11.70 -45.84
N LEU D 83 4.86 10.55 -45.61
CA LEU D 83 4.57 10.11 -44.25
C LEU D 83 5.85 9.90 -43.46
N ALA D 84 6.88 9.32 -44.10
CA ALA D 84 8.13 9.02 -43.43
C ALA D 84 8.84 10.28 -42.95
N ARG D 85 8.59 11.42 -43.60
CA ARG D 85 9.21 12.67 -43.16
C ARG D 85 8.27 13.54 -42.33
N VAL D 86 6.96 13.31 -42.41
CA VAL D 86 6.00 14.17 -41.72
C VAL D 86 5.67 13.64 -40.33
N VAL D 87 5.39 12.34 -40.20
CA VAL D 87 4.98 11.80 -38.90
C VAL D 87 6.06 11.97 -37.84
N PRO D 88 7.32 11.54 -38.05
CA PRO D 88 8.34 11.78 -37.01
C PRO D 88 8.50 13.26 -36.68
N SER D 89 8.27 14.15 -37.65
CA SER D 89 8.33 15.58 -37.35
C SER D 89 7.22 15.96 -36.37
N TYR D 90 6.05 15.35 -36.50
CA TYR D 90 4.99 15.55 -35.52
C TYR D 90 5.41 15.01 -34.15
N MET D 91 6.06 13.84 -34.13
CA MET D 91 6.49 13.25 -32.86
C MET D 91 7.49 14.17 -32.15
N GLN D 92 8.61 14.47 -32.82
CA GLN D 92 9.62 15.37 -32.25
C GLN D 92 9.00 16.73 -31.90
N ALA D 93 8.04 17.19 -32.70
CA ALA D 93 7.37 18.45 -32.42
C ALA D 93 6.64 18.40 -31.08
N VAL D 94 5.84 17.37 -30.86
CA VAL D 94 5.11 17.26 -29.59
C VAL D 94 6.10 17.13 -28.44
N ASN D 95 7.17 16.36 -28.64
CA ASN D 95 8.13 16.17 -27.56
C ASN D 95 8.86 17.45 -27.21
N ARG D 96 9.04 18.36 -28.17
CA ARG D 96 9.99 19.45 -28.04
C ARG D 96 9.33 20.83 -28.17
N GLU D 97 8.13 21.01 -27.62
CA GLU D 97 7.39 22.25 -27.79
C GLU D 97 6.90 22.76 -26.44
N ARG D 98 7.39 23.93 -26.03
CA ARG D 98 6.93 24.60 -24.83
C ARG D 98 5.67 25.44 -25.07
N GLU D 99 5.28 25.65 -26.33
CA GLU D 99 4.04 26.35 -26.66
C GLU D 99 2.98 25.31 -26.99
N ARG D 100 2.14 25.00 -26.00
CA ARG D 100 1.08 24.01 -26.16
C ARG D 100 0.14 24.38 -27.30
N GLN D 101 0.00 25.68 -27.58
CA GLN D 101 -0.90 26.13 -28.62
C GLN D 101 -0.54 25.55 -29.99
N VAL D 102 0.74 25.24 -30.20
CA VAL D 102 1.16 24.57 -31.43
C VAL D 102 1.03 23.06 -31.29
N VAL D 103 1.30 22.51 -30.10
CA VAL D 103 1.14 21.08 -29.88
C VAL D 103 -0.28 20.65 -30.21
N MET D 104 -1.27 21.48 -29.89
CA MET D 104 -2.66 21.15 -30.18
C MET D 104 -2.87 20.93 -31.67
N ALA D 105 -2.37 21.86 -32.50
CA ALA D 105 -2.48 21.72 -33.94
C ALA D 105 -1.73 20.48 -34.42
N VAL D 106 -0.56 20.22 -33.84
CA VAL D 106 0.20 19.05 -34.26
C VAL D 106 -0.61 17.78 -33.99
N LEU D 107 -1.28 17.73 -32.84
CA LEU D 107 -2.04 16.54 -32.48
C LEU D 107 -3.28 16.37 -33.34
N GLU D 108 -3.96 17.47 -33.65
CA GLU D 108 -5.12 17.37 -34.55
C GLU D 108 -4.70 16.90 -35.94
N ALA D 109 -3.61 17.46 -36.47
CA ALA D 109 -3.15 17.03 -37.78
C ALA D 109 -2.72 15.57 -37.76
N LEU D 110 -2.04 15.16 -36.68
CA LEU D 110 -1.64 13.77 -36.54
C LEU D 110 -2.85 12.84 -36.52
N THR D 111 -3.93 13.27 -35.88
CA THR D 111 -5.16 12.49 -35.92
C THR D 111 -5.76 12.46 -37.32
N GLY D 112 -5.60 13.54 -38.08
CA GLY D 112 -6.11 13.55 -39.44
C GLY D 112 -5.38 12.56 -40.34
N VAL D 113 -4.04 12.59 -40.30
CA VAL D 113 -3.25 11.61 -41.05
C VAL D 113 -3.57 10.20 -40.57
N LEU D 114 -3.71 10.01 -39.26
CA LEU D 114 -4.08 8.71 -38.72
C LEU D 114 -5.41 8.23 -39.28
N ARG D 115 -6.36 9.14 -39.46
CA ARG D 115 -7.69 8.74 -39.94
C ARG D 115 -7.66 8.41 -41.42
N SER D 116 -7.02 9.24 -42.23
CA SER D 116 -7.04 9.02 -43.67
C SER D 116 -6.04 7.94 -44.09
N CYS D 117 -4.76 8.14 -43.74
CA CYS D 117 -3.71 7.23 -44.23
C CYS D 117 -3.76 5.87 -43.54
N GLY D 118 -4.09 5.83 -42.26
CA GLY D 118 -4.30 4.56 -41.60
C GLY D 118 -3.01 3.78 -41.43
N THR D 119 -3.03 2.53 -41.93
CA THR D 119 -1.92 1.61 -41.70
C THR D 119 -0.60 2.12 -42.27
N LEU D 120 -0.66 2.93 -43.32
CA LEU D 120 0.57 3.48 -43.90
C LEU D 120 1.30 4.40 -42.93
N THR D 121 0.67 4.78 -41.82
CA THR D 121 1.34 5.53 -40.77
C THR D 121 2.10 4.63 -39.81
N LEU D 122 1.84 3.33 -39.85
CA LEU D 122 2.46 2.39 -38.92
C LEU D 122 3.17 1.26 -39.67
N GLY D 126 8.70 -0.57 -37.10
CA GLY D 126 8.23 -0.47 -35.73
C GLY D 126 8.08 0.96 -35.25
N ARG D 127 6.82 1.46 -35.22
CA ARG D 127 6.51 2.85 -34.87
C ARG D 127 5.33 3.02 -33.93
N LEU D 128 4.34 2.13 -33.94
CA LEU D 128 3.12 2.33 -33.16
C LEU D 128 3.42 2.66 -31.70
N ALA D 129 4.26 1.86 -31.04
CA ALA D 129 4.55 2.08 -29.62
C ALA D 129 5.15 3.46 -29.35
N GLU D 130 5.79 4.09 -30.34
CA GLU D 130 6.30 5.44 -30.14
C GLU D 130 5.17 6.45 -30.14
N LEU D 131 4.23 6.31 -31.09
CA LEU D 131 3.03 7.15 -31.09
C LEU D 131 2.27 7.02 -29.78
N CYS D 132 2.08 5.77 -29.33
CA CYS D 132 1.42 5.56 -28.04
C CYS D 132 2.20 6.20 -26.90
N GLY D 133 3.53 6.20 -27.00
CA GLY D 133 4.32 6.85 -25.97
C GLY D 133 4.08 8.34 -25.92
N VAL D 134 4.00 8.99 -27.09
CA VAL D 134 3.79 10.43 -27.11
C VAL D 134 2.37 10.77 -26.65
N LEU D 135 1.38 9.97 -27.05
CA LEU D 135 0.01 10.19 -26.60
C LEU D 135 -0.10 10.06 -25.08
N LYS D 136 0.47 8.98 -24.53
CA LYS D 136 0.55 8.82 -23.08
C LYS D 136 1.21 10.05 -22.44
N ALA D 137 2.33 10.51 -23.02
CA ALA D 137 3.08 11.61 -22.45
C ALA D 137 2.24 12.88 -22.36
N VAL D 138 1.54 13.23 -23.44
CA VAL D 138 0.64 14.38 -23.38
C VAL D 138 -0.46 14.14 -22.37
N LEU D 139 -1.04 12.94 -22.38
CA LEU D 139 -2.23 12.65 -21.59
C LEU D 139 -1.98 12.76 -20.10
N GLN D 140 -1.23 11.82 -19.53
CA GLN D 140 -1.41 11.59 -18.11
C GLN D 140 -0.68 12.57 -17.22
N ARG D 141 0.47 13.10 -17.64
CA ARG D 141 1.11 14.07 -16.77
C ARG D 141 1.76 15.20 -17.56
N LYS D 142 3.03 15.01 -17.91
CA LYS D 142 3.83 16.08 -18.50
C LYS D 142 4.45 15.62 -19.80
N THR D 143 4.38 16.48 -20.83
CA THR D 143 5.10 16.29 -22.08
C THR D 143 6.24 17.29 -22.09
N ALA D 144 6.15 18.38 -22.86
CA ALA D 144 6.82 19.62 -22.51
C ALA D 144 5.73 20.59 -22.07
N CYS D 145 5.87 21.87 -22.43
CA CYS D 145 4.87 22.91 -22.18
C CYS D 145 4.08 22.73 -20.88
N GLN D 159 -3.26 30.42 -18.25
CA GLN D 159 -3.25 29.70 -19.52
C GLN D 159 -3.79 28.28 -19.34
N ALA D 160 -4.81 28.14 -18.49
CA ALA D 160 -5.53 26.88 -18.37
C ALA D 160 -6.48 26.64 -19.52
N GLU D 161 -6.64 27.63 -20.42
CA GLU D 161 -7.49 27.48 -21.58
C GLU D 161 -7.02 26.31 -22.45
N TYR D 162 -5.78 26.37 -22.89
CA TYR D 162 -5.24 25.39 -23.82
C TYR D 162 -4.88 24.07 -23.15
N ASP D 163 -4.80 24.01 -21.83
CA ASP D 163 -4.29 22.81 -21.17
C ASP D 163 -5.31 21.68 -21.15
N ALA D 164 -6.60 22.02 -21.07
CA ALA D 164 -7.62 20.98 -21.16
C ALA D 164 -7.87 20.58 -22.61
N MET D 165 -7.93 21.56 -23.52
CA MET D 165 -8.13 21.28 -24.94
C MET D 165 -6.97 20.48 -25.51
N LEU D 166 -5.79 20.61 -24.91
CA LEU D 166 -4.65 19.78 -25.31
C LEU D 166 -4.90 18.31 -24.96
N LEU D 167 -5.43 18.04 -23.77
CA LEU D 167 -5.75 16.68 -23.38
C LEU D 167 -6.88 16.11 -24.23
N GLU D 168 -7.88 16.93 -24.54
CA GLU D 168 -8.94 16.47 -25.45
C GLU D 168 -8.38 16.20 -26.84
N HIS D 169 -7.36 16.95 -27.26
CA HIS D 169 -6.81 16.78 -28.59
C HIS D 169 -5.96 15.52 -28.68
N ALA D 170 -5.18 15.24 -27.63
CA ALA D 170 -4.47 13.97 -27.61
C ALA D 170 -5.41 12.79 -27.37
N GLY D 171 -6.59 13.01 -26.77
CA GLY D 171 -7.50 11.91 -26.49
C GLY D 171 -8.21 11.41 -27.73
N GLU D 172 -8.57 12.32 -28.62
CA GLU D 172 -9.36 11.95 -29.77
C GLU D 172 -8.56 11.27 -30.86
N ALA D 173 -7.26 11.07 -30.63
CA ALA D 173 -6.42 10.29 -31.54
C ALA D 173 -6.44 8.81 -31.23
N ILE D 174 -6.89 8.43 -30.02
CA ILE D 174 -6.90 7.02 -29.64
C ILE D 174 -7.75 6.16 -30.58
N PRO D 175 -9.00 6.52 -30.91
CA PRO D 175 -9.78 5.65 -31.80
C PRO D 175 -9.24 5.58 -33.21
N ALA D 176 -8.59 6.65 -33.69
CA ALA D 176 -7.99 6.61 -35.02
C ALA D 176 -6.77 5.72 -35.04
N LEU D 177 -6.02 5.70 -33.93
CA LEU D 177 -4.88 4.80 -33.80
C LEU D 177 -5.33 3.35 -33.73
N ALA D 178 -6.40 3.06 -32.96
CA ALA D 178 -6.94 1.70 -32.96
C ALA D 178 -7.55 1.33 -34.31
N ALA D 179 -7.97 2.32 -35.09
CA ALA D 179 -8.45 2.04 -36.43
C ALA D 179 -7.30 1.77 -37.40
N ALA D 180 -6.13 2.36 -37.15
CA ALA D 180 -5.00 2.18 -38.05
C ALA D 180 -4.19 0.93 -37.72
N ALA D 181 -4.04 0.60 -36.44
CA ALA D 181 -3.22 -0.54 -36.05
C ALA D 181 -3.98 -1.85 -36.05
N GLY D 182 -5.28 -1.83 -35.78
CA GLY D 182 -6.09 -3.03 -35.84
C GLY D 182 -6.54 -3.59 -34.51
N GLY D 183 -6.33 -2.89 -33.40
CA GLY D 183 -6.83 -3.38 -32.14
C GLY D 183 -6.01 -4.53 -31.61
N ASP D 184 -5.88 -5.60 -32.41
CA ASP D 184 -4.98 -6.70 -32.05
C ASP D 184 -3.58 -6.18 -31.75
N SER D 185 -3.15 -5.13 -32.43
CA SER D 185 -1.89 -4.44 -32.11
C SER D 185 -2.06 -3.39 -31.03
N PHE D 186 -3.25 -2.80 -30.91
CA PHE D 186 -3.45 -1.63 -30.08
C PHE D 186 -3.95 -1.94 -28.68
N ALA D 187 -4.60 -3.09 -28.46
CA ALA D 187 -5.16 -3.41 -27.16
C ALA D 187 -4.18 -3.27 -26.00
N PRO D 188 -2.95 -3.80 -26.07
CA PRO D 188 -2.03 -3.65 -24.92
C PRO D 188 -1.79 -2.21 -24.50
N PHE D 189 -1.78 -1.27 -25.45
CA PHE D 189 -1.64 0.14 -25.09
C PHE D 189 -2.94 0.71 -24.55
N PHE D 190 -4.08 0.32 -25.14
CA PHE D 190 -5.37 0.75 -24.64
C PHE D 190 -5.60 0.33 -23.20
N ALA D 191 -4.95 -0.75 -22.76
CA ALA D 191 -4.98 -1.07 -21.34
C ALA D 191 -4.50 0.11 -20.50
N GLY D 192 -3.52 0.85 -21.00
CA GLY D 192 -2.99 1.98 -20.29
C GLY D 192 -3.69 3.28 -20.63
N PHE D 193 -4.41 3.31 -21.77
CA PHE D 193 -5.18 4.49 -22.14
C PHE D 193 -6.56 4.53 -21.48
N LEU D 194 -7.09 3.39 -21.06
CA LEU D 194 -8.45 3.34 -20.53
C LEU D 194 -8.62 4.15 -19.24
N PRO D 195 -7.77 4.02 -18.22
CA PRO D 195 -8.02 4.80 -16.99
C PRO D 195 -8.07 6.29 -17.21
N LEU D 196 -7.26 6.82 -18.13
CA LEU D 196 -7.24 8.25 -18.35
C LEU D 196 -8.57 8.74 -18.93
N LEU D 197 -9.10 8.05 -19.93
CA LEU D 197 -10.39 8.43 -20.49
C LEU D 197 -11.51 8.18 -19.48
N VAL D 198 -11.41 7.10 -18.70
CA VAL D 198 -12.47 6.78 -17.76
C VAL D 198 -12.49 7.74 -16.59
N CYS D 199 -11.39 8.45 -16.34
CA CYS D 199 -11.40 9.48 -15.32
C CYS D 199 -12.24 10.69 -15.73
N LYS D 200 -12.41 10.91 -17.04
CA LYS D 200 -13.21 12.02 -17.54
C LYS D 200 -14.68 11.65 -17.69
N THR D 201 -15.14 10.60 -17.01
CA THR D 201 -16.56 10.29 -16.94
C THR D 201 -17.03 10.13 -15.49
N LYS D 202 -16.18 10.44 -14.52
CA LYS D 202 -16.60 10.38 -13.13
C LYS D 202 -17.71 11.39 -12.87
N GLN D 203 -18.65 11.02 -12.01
CA GLN D 203 -19.73 11.93 -11.68
C GLN D 203 -19.14 13.20 -11.06
N GLY D 204 -19.73 14.34 -11.42
CA GLY D 204 -19.20 15.63 -11.05
C GLY D 204 -18.39 16.30 -12.14
N CYS D 205 -18.01 15.55 -13.17
CA CYS D 205 -17.35 16.14 -14.33
C CYS D 205 -18.35 16.90 -15.18
N THR D 206 -17.83 17.75 -16.06
CA THR D 206 -18.70 18.57 -16.89
C THR D 206 -19.34 17.72 -17.99
N VAL D 207 -20.31 18.33 -18.68
CA VAL D 207 -21.02 17.64 -19.76
C VAL D 207 -20.10 17.44 -20.95
N ALA D 208 -19.25 18.43 -21.26
CA ALA D 208 -18.30 18.27 -22.36
C ALA D 208 -17.28 17.18 -22.07
N GLU D 209 -16.88 17.03 -20.80
CA GLU D 209 -15.92 15.99 -20.45
C GLU D 209 -16.52 14.60 -20.59
N LYS D 210 -17.68 14.37 -19.95
CA LYS D 210 -18.36 13.08 -20.11
C LYS D 210 -18.66 12.78 -21.58
N SER D 211 -19.13 13.77 -22.33
CA SER D 211 -19.48 13.55 -23.74
C SER D 211 -18.26 13.17 -24.56
N PHE D 212 -17.17 13.94 -24.42
CA PHE D 212 -15.95 13.66 -25.17
C PHE D 212 -15.39 12.29 -24.80
N ALA D 213 -15.33 11.99 -23.51
CA ALA D 213 -14.74 10.73 -23.07
C ALA D 213 -15.58 9.53 -23.50
N VAL D 214 -16.91 9.62 -23.35
CA VAL D 214 -17.77 8.51 -23.74
C VAL D 214 -17.74 8.30 -25.24
N GLY D 215 -17.75 9.39 -26.01
CA GLY D 215 -17.67 9.25 -27.46
C GLY D 215 -16.36 8.67 -27.92
N THR D 216 -15.26 9.12 -27.31
CA THR D 216 -13.96 8.54 -27.62
C THR D 216 -13.92 7.06 -27.27
N LEU D 217 -14.59 6.66 -26.18
CA LEU D 217 -14.62 5.24 -25.83
C LEU D 217 -15.45 4.44 -26.84
N ALA D 218 -16.53 5.03 -27.35
CA ALA D 218 -17.34 4.33 -28.34
C ALA D 218 -16.56 4.13 -29.64
N GLU D 219 -16.02 5.22 -30.20
CA GLU D 219 -15.27 5.12 -31.44
C GLU D 219 -14.01 4.29 -31.27
N THR D 220 -13.43 4.27 -30.06
CA THR D 220 -12.28 3.42 -29.80
C THR D 220 -12.68 1.95 -29.76
N ILE D 221 -13.85 1.64 -29.18
CA ILE D 221 -14.35 0.28 -29.26
C ILE D 221 -14.53 -0.16 -30.70
N GLN D 222 -15.11 0.73 -31.52
CA GLN D 222 -15.28 0.41 -32.93
C GLN D 222 -13.94 0.21 -33.63
N GLY D 223 -12.89 0.92 -33.21
CA GLY D 223 -11.58 0.71 -33.79
C GLY D 223 -10.93 -0.59 -33.35
N LEU D 224 -11.09 -0.95 -32.07
CA LEU D 224 -10.56 -2.22 -31.58
C LEU D 224 -11.23 -3.40 -32.26
N GLY D 225 -12.52 -3.30 -32.53
CA GLY D 225 -13.18 -4.41 -33.16
C GLY D 225 -13.23 -5.61 -32.24
N ALA D 226 -13.29 -6.81 -32.84
CA ALA D 226 -13.45 -8.01 -32.03
C ALA D 226 -12.37 -8.15 -30.98
N ALA D 227 -11.25 -7.43 -31.12
CA ALA D 227 -10.19 -7.46 -30.13
C ALA D 227 -10.54 -6.71 -28.85
N SER D 228 -11.73 -6.09 -28.78
CA SER D 228 -12.18 -5.41 -27.58
C SER D 228 -12.89 -6.34 -26.62
N ALA D 229 -12.54 -7.62 -26.61
CA ALA D 229 -13.14 -8.56 -25.67
C ALA D 229 -12.54 -8.41 -24.28
N GLN D 230 -11.29 -7.96 -24.20
CA GLN D 230 -10.60 -7.81 -22.93
C GLN D 230 -11.18 -6.69 -22.07
N PHE D 231 -11.98 -5.81 -22.66
CA PHE D 231 -12.39 -4.59 -22.00
C PHE D 231 -13.88 -4.49 -21.75
N VAL D 232 -14.66 -5.53 -22.09
CA VAL D 232 -16.10 -5.47 -21.86
C VAL D 232 -16.41 -5.26 -20.37
N SER D 233 -15.73 -6.01 -19.51
CA SER D 233 -16.01 -5.93 -18.08
C SER D 233 -15.70 -4.54 -17.53
N ARG D 234 -14.57 -3.97 -17.92
CA ARG D 234 -14.17 -2.66 -17.42
C ARG D 234 -14.93 -1.52 -18.09
N LEU D 235 -15.58 -1.76 -19.23
CA LEU D 235 -16.26 -0.71 -19.97
C LEU D 235 -17.77 -0.70 -19.77
N LEU D 236 -18.37 -1.80 -19.36
CA LEU D 236 -19.83 -1.86 -19.30
C LEU D 236 -20.42 -1.00 -18.17
N PRO D 237 -19.86 -1.01 -16.96
CA PRO D 237 -20.39 -0.09 -15.93
C PRO D 237 -20.27 1.38 -16.31
N VAL D 238 -19.29 1.75 -17.15
CA VAL D 238 -19.13 3.13 -17.56
C VAL D 238 -20.29 3.55 -18.46
N LEU D 239 -20.63 2.71 -19.43
CA LEU D 239 -21.76 3.03 -20.32
C LEU D 239 -23.09 2.91 -19.59
N LEU D 240 -23.25 1.88 -18.75
CA LEU D 240 -24.47 1.77 -17.96
C LEU D 240 -24.64 2.97 -17.04
N SER D 241 -23.55 3.56 -16.57
CA SER D 241 -23.65 4.72 -15.69
C SER D 241 -23.97 5.98 -16.47
N THR D 242 -23.11 6.35 -17.42
CA THR D 242 -23.33 7.58 -18.18
C THR D 242 -24.59 7.54 -19.05
N ALA D 243 -25.20 6.37 -19.28
CA ALA D 243 -26.50 6.35 -19.93
C ALA D 243 -27.62 6.77 -19.00
N GLN D 244 -27.30 7.11 -17.75
CA GLN D 244 -28.26 7.73 -16.86
C GLN D 244 -28.07 9.23 -16.73
N GLU D 245 -27.04 9.78 -17.38
CA GLU D 245 -26.80 11.21 -17.30
C GLU D 245 -27.93 11.98 -17.99
N ALA D 246 -28.09 13.25 -17.59
CA ALA D 246 -29.24 14.02 -18.05
C ALA D 246 -29.07 14.49 -19.49
N ASP D 247 -27.94 15.11 -19.80
CA ASP D 247 -27.75 15.71 -21.11
C ASP D 247 -27.85 14.64 -22.20
N PRO D 248 -28.64 14.87 -23.26
CA PRO D 248 -28.85 13.83 -24.26
C PRO D 248 -27.60 13.48 -25.07
N GLU D 249 -26.54 14.28 -25.00
CA GLU D 249 -25.33 13.92 -25.75
C GLU D 249 -24.53 12.83 -25.02
N VAL D 250 -24.36 12.97 -23.71
CA VAL D 250 -23.71 11.92 -22.92
C VAL D 250 -24.50 10.63 -22.98
N ARG D 251 -25.81 10.73 -22.78
CA ARG D 251 -26.65 9.54 -22.83
C ARG D 251 -26.69 8.95 -24.23
N SER D 252 -26.56 9.79 -25.27
CA SER D 252 -26.63 9.31 -26.63
C SER D 252 -25.35 8.59 -27.04
N ASN D 253 -24.20 9.16 -26.68
CA ASN D 253 -22.93 8.46 -26.89
C ASN D 253 -22.79 7.24 -26.01
N ALA D 254 -23.47 7.21 -24.86
CA ALA D 254 -23.41 6.03 -24.00
C ALA D 254 -24.28 4.90 -24.56
N ILE D 255 -25.43 5.22 -25.13
CA ILE D 255 -26.29 4.17 -25.69
C ILE D 255 -25.71 3.68 -27.02
N PHE D 256 -25.21 4.60 -27.84
CA PHE D 256 -24.46 4.19 -29.02
C PHE D 256 -23.24 3.35 -28.62
N GLY D 257 -22.58 3.74 -27.54
CA GLY D 257 -21.50 2.93 -27.01
C GLY D 257 -21.95 1.52 -26.65
N MET D 258 -23.15 1.39 -26.08
CA MET D 258 -23.69 0.07 -25.80
C MET D 258 -23.88 -0.73 -27.09
N GLY D 259 -24.43 -0.10 -28.13
CA GLY D 259 -24.58 -0.79 -29.40
C GLY D 259 -23.25 -1.29 -29.95
N VAL D 260 -22.23 -0.42 -29.94
CA VAL D 260 -20.95 -0.79 -30.54
C VAL D 260 -20.23 -1.84 -29.71
N LEU D 261 -20.28 -1.71 -28.38
CA LEU D 261 -19.64 -2.69 -27.51
C LEU D 261 -20.32 -4.04 -27.62
N ALA D 262 -21.64 -4.06 -27.82
CA ALA D 262 -22.32 -5.33 -28.03
C ALA D 262 -22.03 -5.89 -29.41
N GLU D 263 -21.73 -5.03 -30.38
CA GLU D 263 -21.39 -5.53 -31.71
C GLU D 263 -20.01 -6.17 -31.73
N HIS D 264 -18.99 -5.42 -31.32
CA HIS D 264 -17.60 -5.87 -31.40
C HIS D 264 -17.11 -6.59 -30.14
N GLY D 265 -18.00 -6.85 -29.18
CA GLY D 265 -17.55 -7.43 -27.93
C GLY D 265 -17.31 -8.93 -27.95
N GLY D 266 -17.84 -9.63 -28.96
CA GLY D 266 -17.59 -11.06 -29.03
C GLY D 266 -18.44 -11.78 -28.02
N HIS D 267 -17.85 -12.79 -27.39
CA HIS D 267 -18.55 -13.59 -26.39
C HIS D 267 -18.57 -12.93 -25.00
N PRO D 268 -17.47 -12.35 -24.51
CA PRO D 268 -17.52 -11.73 -23.18
C PRO D 268 -18.44 -10.52 -23.10
N ALA D 269 -19.02 -10.08 -24.22
CA ALA D 269 -20.05 -9.05 -24.19
C ALA D 269 -21.46 -9.62 -24.34
N GLN D 270 -21.60 -10.93 -24.58
CA GLN D 270 -22.91 -11.51 -24.72
C GLN D 270 -23.52 -11.91 -23.38
N GLU D 271 -22.68 -12.19 -22.37
CA GLU D 271 -23.17 -12.55 -21.04
C GLU D 271 -24.13 -11.51 -20.48
N HIS D 272 -24.06 -10.27 -20.96
CA HIS D 272 -24.87 -9.18 -20.44
C HIS D 272 -26.07 -8.85 -21.32
N PHE D 273 -26.29 -9.61 -22.40
CA PHE D 273 -27.47 -9.38 -23.23
C PHE D 273 -28.78 -9.38 -22.45
N PRO D 274 -29.00 -10.24 -21.45
CA PRO D 274 -30.21 -10.07 -20.63
C PRO D 274 -30.30 -8.71 -19.97
N LYS D 275 -29.17 -8.14 -19.54
CA LYS D 275 -29.20 -6.85 -18.84
C LYS D 275 -29.39 -5.70 -19.81
N LEU D 276 -28.55 -5.64 -20.86
CA LEU D 276 -28.58 -4.52 -21.80
C LEU D 276 -29.99 -4.28 -22.33
N LEU D 277 -30.64 -5.32 -22.86
CA LEU D 277 -32.02 -5.19 -23.31
C LEU D 277 -32.91 -4.64 -22.20
N GLY D 278 -32.82 -5.24 -21.01
CA GLY D 278 -33.61 -4.79 -19.88
C GLY D 278 -33.37 -3.34 -19.51
N LEU D 279 -32.26 -2.76 -19.94
CA LEU D 279 -32.00 -1.34 -19.76
C LEU D 279 -32.37 -0.51 -20.97
N LEU D 280 -32.30 -1.07 -22.19
CA LEU D 280 -32.61 -0.33 -23.39
C LEU D 280 -34.07 -0.45 -23.82
N PHE D 281 -34.79 -1.45 -23.30
CA PHE D 281 -36.20 -1.64 -23.58
C PHE D 281 -37.10 -0.62 -22.85
N PRO D 282 -36.82 -0.24 -21.58
CA PRO D 282 -37.70 0.74 -20.92
C PRO D 282 -37.43 2.18 -21.32
N LEU D 283 -36.17 2.61 -21.43
CA LEU D 283 -35.91 4.02 -21.73
C LEU D 283 -36.42 4.42 -23.10
N LEU D 284 -36.78 3.44 -23.95
CA LEU D 284 -37.33 3.78 -25.25
C LEU D 284 -38.71 4.42 -25.12
N ALA D 285 -39.49 4.00 -24.13
CA ALA D 285 -40.80 4.60 -23.89
C ALA D 285 -40.68 5.94 -23.17
N ARG D 286 -39.76 6.06 -22.22
CA ARG D 286 -39.62 7.30 -21.47
C ARG D 286 -39.00 8.41 -22.32
N GLU D 287 -38.00 8.07 -23.14
CA GLU D 287 -37.19 9.10 -23.79
C GLU D 287 -38.03 9.97 -24.72
N ARG D 288 -38.05 11.27 -24.44
CA ARG D 288 -38.72 12.23 -25.32
C ARG D 288 -37.78 12.78 -26.38
N HIS D 289 -36.49 12.88 -26.08
CA HIS D 289 -35.53 13.41 -27.03
C HIS D 289 -35.30 12.41 -28.17
N ASP D 290 -35.34 12.91 -29.40
CA ASP D 290 -35.24 12.04 -30.56
C ASP D 290 -33.82 11.55 -30.80
N ARG D 291 -32.85 12.47 -30.76
CA ARG D 291 -31.45 12.12 -31.00
C ARG D 291 -31.00 10.93 -30.16
N VAL D 292 -31.56 10.79 -28.95
CA VAL D 292 -31.28 9.60 -28.15
C VAL D 292 -32.05 8.41 -28.68
N ARG D 293 -33.31 8.62 -29.10
CA ARG D 293 -34.10 7.51 -29.63
C ARG D 293 -33.43 6.85 -30.82
N ASP D 294 -32.79 7.64 -31.69
CA ASP D 294 -32.07 7.07 -32.82
C ASP D 294 -30.99 6.09 -32.36
N ASN D 295 -30.20 6.51 -31.38
CA ASN D 295 -29.10 5.67 -30.91
C ASN D 295 -29.59 4.49 -30.09
N ILE D 296 -30.76 4.59 -29.48
CA ILE D 296 -31.36 3.39 -28.89
C ILE D 296 -31.81 2.43 -29.99
N CYS D 297 -32.21 2.97 -31.14
CA CYS D 297 -32.59 2.10 -32.25
C CYS D 297 -31.37 1.38 -32.81
N GLY D 298 -30.27 2.12 -33.02
CA GLY D 298 -29.05 1.47 -33.45
C GLY D 298 -28.56 0.46 -32.44
N ALA D 299 -28.63 0.80 -31.15
CA ALA D 299 -28.15 -0.10 -30.12
C ALA D 299 -28.99 -1.37 -30.08
N LEU D 300 -30.30 -1.24 -30.24
CA LEU D 300 -31.17 -2.42 -30.21
C LEU D 300 -30.98 -3.28 -31.46
N ALA D 301 -30.88 -2.65 -32.63
CA ALA D 301 -30.60 -3.41 -33.84
C ALA D 301 -29.28 -4.15 -33.74
N ARG D 302 -28.27 -3.52 -33.14
CA ARG D 302 -26.98 -4.18 -32.98
C ARG D 302 -27.06 -5.32 -31.98
N LEU D 303 -27.83 -5.15 -30.90
CA LEU D 303 -28.03 -6.25 -29.96
C LEU D 303 -28.72 -7.43 -30.65
N LEU D 304 -29.73 -7.16 -31.48
CA LEU D 304 -30.43 -8.25 -32.13
C LEU D 304 -29.55 -8.96 -33.15
N MET D 305 -28.75 -8.20 -33.91
CA MET D 305 -27.85 -8.86 -34.86
C MET D 305 -26.72 -9.59 -34.16
N ALA D 306 -26.36 -9.16 -32.95
CA ALA D 306 -25.28 -9.82 -32.23
C ALA D 306 -25.72 -11.15 -31.65
N SER D 307 -26.97 -11.25 -31.19
CA SER D 307 -27.50 -12.52 -30.71
C SER D 307 -27.59 -13.51 -31.87
N PRO D 308 -26.74 -14.56 -31.88
CA PRO D 308 -26.53 -15.34 -33.11
C PRO D 308 -27.77 -16.02 -33.68
N THR D 309 -28.30 -17.01 -32.97
CA THR D 309 -29.48 -17.75 -33.43
C THR D 309 -30.68 -17.59 -32.51
N ARG D 310 -30.51 -17.06 -31.29
CA ARG D 310 -31.64 -16.71 -30.44
C ARG D 310 -32.57 -15.77 -31.19
N LYS D 311 -33.73 -16.28 -31.62
CA LYS D 311 -34.59 -15.54 -32.52
C LYS D 311 -35.02 -14.23 -31.86
N PRO D 312 -34.92 -13.09 -32.57
CA PRO D 312 -35.26 -11.80 -31.94
C PRO D 312 -36.67 -11.77 -31.37
N GLU D 313 -36.77 -11.74 -30.05
CA GLU D 313 -38.06 -11.86 -29.39
C GLU D 313 -39.00 -10.75 -29.85
N PRO D 314 -40.27 -11.06 -30.10
CA PRO D 314 -41.15 -10.09 -30.80
C PRO D 314 -41.34 -8.77 -30.09
N GLN D 315 -41.23 -8.74 -28.76
CA GLN D 315 -41.48 -7.50 -28.03
C GLN D 315 -40.43 -6.44 -28.37
N VAL D 316 -39.14 -6.81 -28.26
CA VAL D 316 -38.06 -5.86 -28.54
C VAL D 316 -38.13 -5.41 -29.99
N LEU D 317 -38.33 -6.33 -30.93
CA LEU D 317 -38.37 -5.98 -32.34
C LEU D 317 -39.54 -5.05 -32.64
N ALA D 318 -40.68 -5.25 -31.97
CA ALA D 318 -41.84 -4.40 -32.23
C ALA D 318 -41.64 -3.01 -31.62
N ALA D 319 -41.07 -2.93 -30.42
CA ALA D 319 -40.79 -1.63 -29.81
C ALA D 319 -39.78 -0.85 -30.64
N LEU D 320 -38.67 -1.49 -31.00
CA LEU D 320 -37.67 -0.84 -31.85
C LEU D 320 -38.28 -0.42 -33.19
N LEU D 321 -39.11 -1.27 -33.78
CA LEU D 321 -39.70 -0.96 -35.07
C LEU D 321 -40.78 0.11 -34.97
N HIS D 322 -41.28 0.37 -33.76
CA HIS D 322 -42.31 1.40 -33.57
C HIS D 322 -41.70 2.80 -33.62
N ALA D 323 -40.61 3.02 -32.86
CA ALA D 323 -39.92 4.31 -32.78
C ALA D 323 -39.21 4.70 -34.06
N LEU D 324 -39.38 3.96 -35.14
CA LEU D 324 -38.91 4.28 -36.48
C LEU D 324 -40.03 4.97 -37.26
N PRO D 325 -39.70 5.91 -38.17
CA PRO D 325 -38.37 6.23 -38.69
C PRO D 325 -37.54 7.11 -37.79
N LEU D 326 -36.49 7.70 -38.36
CA LEU D 326 -35.52 8.48 -37.61
C LEU D 326 -35.51 9.91 -38.15
N LYS D 327 -35.23 10.85 -37.25
CA LYS D 327 -35.20 12.26 -37.61
C LYS D 327 -33.92 12.98 -37.21
N GLU D 328 -33.05 12.35 -36.42
CA GLU D 328 -31.87 13.06 -35.94
C GLU D 328 -30.58 12.40 -36.42
N ASP D 329 -30.23 11.27 -35.82
CA ASP D 329 -29.02 10.54 -36.17
C ASP D 329 -29.31 9.73 -37.43
N LEU D 330 -28.99 10.30 -38.59
CA LEU D 330 -29.43 9.75 -39.86
C LEU D 330 -28.47 8.72 -40.44
N GLU D 331 -27.29 8.52 -39.86
CA GLU D 331 -26.40 7.47 -40.34
C GLU D 331 -26.68 6.13 -39.70
N GLU D 332 -27.51 6.08 -38.66
CA GLU D 332 -27.96 4.80 -38.11
C GLU D 332 -28.92 4.08 -39.03
N TRP D 333 -29.31 4.68 -40.16
CA TRP D 333 -30.13 3.98 -41.12
C TRP D 333 -29.39 2.79 -41.73
N VAL D 334 -28.06 2.85 -41.77
CA VAL D 334 -27.26 1.72 -42.23
C VAL D 334 -27.47 0.53 -41.30
N THR D 335 -27.35 0.76 -39.99
CA THR D 335 -27.55 -0.30 -39.03
C THR D 335 -28.96 -0.86 -39.10
N ILE D 336 -29.96 0.01 -39.27
CA ILE D 336 -31.33 -0.46 -39.35
C ILE D 336 -31.52 -1.31 -40.61
N GLY D 337 -30.93 -0.91 -41.73
CA GLY D 337 -31.01 -1.71 -42.94
C GLY D 337 -30.39 -3.08 -42.75
N ARG D 338 -29.19 -3.12 -42.17
CA ARG D 338 -28.58 -4.41 -41.83
C ARG D 338 -29.51 -5.23 -40.96
N LEU D 339 -30.25 -4.57 -40.05
CA LEU D 339 -31.24 -5.29 -39.25
C LEU D 339 -32.36 -5.84 -40.12
N PHE D 340 -32.74 -5.12 -41.19
CA PHE D 340 -33.80 -5.62 -42.06
C PHE D 340 -33.35 -6.88 -42.79
N SER D 341 -32.17 -6.84 -43.40
CA SER D 341 -31.66 -8.03 -44.09
C SER D 341 -31.43 -9.17 -43.12
N PHE D 342 -30.99 -8.86 -41.89
CA PHE D 342 -30.82 -9.89 -40.88
C PHE D 342 -32.15 -10.54 -40.51
N LEU D 343 -33.20 -9.74 -40.36
CA LEU D 343 -34.52 -10.29 -40.09
C LEU D 343 -34.97 -11.20 -41.22
N TYR D 344 -34.79 -10.76 -42.48
CA TYR D 344 -35.19 -11.60 -43.59
C TYR D 344 -34.39 -12.88 -43.67
N GLN D 345 -33.11 -12.82 -43.26
CA GLN D 345 -32.21 -13.98 -43.35
C GLN D 345 -32.47 -15.00 -42.24
N SER D 346 -32.32 -14.60 -40.97
CA SER D 346 -32.27 -15.61 -39.90
C SER D 346 -33.65 -16.00 -39.41
N SER D 347 -34.63 -15.12 -39.56
CA SER D 347 -35.93 -15.32 -38.94
C SER D 347 -37.02 -14.55 -39.66
N PRO D 348 -37.41 -14.96 -40.87
CA PRO D 348 -38.67 -14.48 -41.44
C PRO D 348 -39.92 -14.98 -40.71
N ASP D 349 -39.73 -15.84 -39.68
CA ASP D 349 -40.85 -16.32 -38.87
C ASP D 349 -41.64 -15.15 -38.26
N GLN D 350 -40.94 -14.20 -37.64
CA GLN D 350 -41.58 -13.17 -36.82
C GLN D 350 -41.65 -11.82 -37.51
N VAL D 351 -41.52 -11.80 -38.85
CA VAL D 351 -41.64 -10.54 -39.57
C VAL D 351 -43.07 -10.28 -40.03
N ILE D 352 -43.94 -11.29 -40.02
CA ILE D 352 -45.31 -11.11 -40.48
C ILE D 352 -46.13 -10.35 -39.45
N ASP D 353 -46.06 -10.77 -38.19
CA ASP D 353 -46.82 -10.13 -37.13
C ASP D 353 -46.16 -8.82 -36.71
N VAL D 354 -45.52 -8.13 -37.66
CA VAL D 354 -44.98 -6.80 -37.45
C VAL D 354 -44.97 -6.11 -38.80
N ALA D 355 -45.62 -6.75 -39.78
CA ALA D 355 -45.68 -6.21 -41.13
C ALA D 355 -46.25 -4.79 -41.23
N PRO D 356 -47.31 -4.42 -40.50
CA PRO D 356 -47.80 -3.03 -40.63
C PRO D 356 -46.75 -2.00 -40.25
N GLU D 357 -46.07 -2.18 -39.12
CA GLU D 357 -45.05 -1.21 -38.71
C GLU D 357 -44.01 -1.01 -39.80
N LEU D 358 -43.62 -2.09 -40.48
CA LEU D 358 -42.69 -1.96 -41.60
C LEU D 358 -43.32 -1.14 -42.73
N LEU D 359 -44.55 -1.48 -43.12
CA LEU D 359 -45.22 -0.81 -44.23
C LEU D 359 -45.15 0.71 -44.08
N ARG D 360 -45.61 1.22 -42.93
CA ARG D 360 -45.55 2.64 -42.65
C ARG D 360 -44.17 3.22 -42.93
N ILE D 361 -43.14 2.58 -42.39
CA ILE D 361 -41.78 3.09 -42.56
C ILE D 361 -41.37 3.14 -44.02
N CYS D 362 -41.87 2.19 -44.83
CA CYS D 362 -41.52 2.21 -46.24
C CYS D 362 -42.21 3.35 -46.98
N SER D 363 -43.37 3.80 -46.49
CA SER D 363 -44.08 4.88 -47.14
C SER D 363 -43.64 6.25 -46.64
N LEU D 364 -42.88 6.32 -45.55
CA LEU D 364 -42.37 7.57 -45.02
C LEU D 364 -40.92 7.83 -45.40
N ILE D 365 -40.28 6.90 -46.12
CA ILE D 365 -38.86 6.97 -46.38
C ILE D 365 -38.53 6.96 -47.87
N LEU D 366 -39.53 6.86 -48.74
CA LEU D 366 -39.26 6.67 -50.16
C LEU D 366 -38.63 7.91 -50.79
N ALA D 367 -39.17 9.09 -50.49
CA ALA D 367 -38.72 10.31 -51.18
C ALA D 367 -37.47 10.90 -50.56
N ASP D 368 -37.14 10.53 -49.33
CA ASP D 368 -35.99 11.10 -48.62
C ASP D 368 -34.73 10.57 -49.29
N ASN D 369 -34.45 11.11 -50.49
CA ASN D 369 -33.47 10.49 -51.38
C ASN D 369 -32.08 10.43 -50.76
N LYS D 370 -31.81 11.26 -49.76
CA LYS D 370 -30.52 11.08 -49.10
C LYS D 370 -30.69 10.36 -47.75
N ILE D 371 -31.25 9.16 -47.80
CA ILE D 371 -31.22 8.17 -46.73
C ILE D 371 -30.87 6.85 -47.43
N PRO D 372 -29.76 6.20 -47.04
CA PRO D 372 -29.05 5.25 -47.94
C PRO D 372 -29.99 4.43 -48.81
N PRO D 373 -29.78 4.45 -50.14
CA PRO D 373 -30.65 3.68 -51.03
C PRO D 373 -30.61 2.18 -50.81
N ASP D 374 -29.48 1.64 -50.36
CA ASP D 374 -29.42 0.22 -50.08
C ASP D 374 -30.19 -0.13 -48.82
N THR D 375 -30.33 0.83 -47.89
CA THR D 375 -31.22 0.63 -46.76
C THR D 375 -32.68 0.54 -47.22
N LYS D 376 -33.10 1.48 -48.07
CA LYS D 376 -34.42 1.39 -48.70
C LYS D 376 -34.59 0.06 -49.40
N ALA D 377 -33.51 -0.47 -49.99
CA ALA D 377 -33.59 -1.73 -50.72
C ALA D 377 -33.70 -2.93 -49.78
N ALA D 378 -33.12 -2.84 -48.57
CA ALA D 378 -33.32 -3.88 -47.57
C ALA D 378 -34.76 -3.89 -47.08
N LEU D 379 -35.28 -2.72 -46.70
CA LEU D 379 -36.68 -2.66 -46.28
C LEU D 379 -37.59 -3.14 -47.40
N LEU D 380 -37.30 -2.75 -48.64
CA LEU D 380 -38.08 -3.22 -49.77
C LEU D 380 -37.93 -4.72 -49.99
N LEU D 381 -36.81 -5.30 -49.56
CA LEU D 381 -36.70 -6.76 -49.55
C LEU D 381 -37.67 -7.36 -48.55
N LEU D 382 -37.81 -6.74 -47.38
CA LEU D 382 -38.81 -7.21 -46.42
C LEU D 382 -40.21 -7.11 -47.01
N LEU D 383 -40.58 -5.92 -47.51
CA LEU D 383 -41.94 -5.73 -48.02
C LEU D 383 -42.21 -6.64 -49.22
N THR D 384 -41.25 -6.76 -50.13
CA THR D 384 -41.44 -7.65 -51.26
C THR D 384 -41.49 -9.11 -50.82
N PHE D 385 -40.98 -9.43 -49.63
CA PHE D 385 -41.20 -10.76 -49.08
C PHE D 385 -42.65 -10.90 -48.60
N LEU D 386 -43.13 -9.95 -47.81
CA LEU D 386 -44.51 -10.02 -47.31
C LEU D 386 -45.51 -9.96 -48.45
N ALA D 387 -45.24 -9.14 -49.46
CA ALA D 387 -46.17 -8.91 -50.56
C ALA D 387 -46.28 -10.08 -51.52
N LYS D 388 -45.39 -11.06 -51.44
CA LYS D 388 -45.42 -12.18 -52.37
C LYS D 388 -45.70 -13.52 -51.72
N GLN D 389 -45.52 -13.65 -50.40
CA GLN D 389 -45.84 -14.90 -49.73
C GLN D 389 -47.17 -14.76 -48.98
N HIS D 390 -47.11 -14.21 -47.76
CA HIS D 390 -48.31 -13.95 -46.98
C HIS D 390 -49.00 -12.70 -47.52
N THR D 391 -49.58 -12.86 -48.72
CA THR D 391 -50.24 -11.73 -49.38
C THR D 391 -51.42 -11.20 -48.57
N ASP D 392 -52.08 -12.08 -47.81
CA ASP D 392 -53.19 -11.63 -46.96
C ASP D 392 -52.72 -10.60 -45.94
N SER D 393 -51.66 -10.90 -45.21
CA SER D 393 -51.19 -9.97 -44.18
C SER D 393 -50.56 -8.73 -44.79
N PHE D 394 -49.99 -8.83 -45.99
CA PHE D 394 -49.41 -7.65 -46.64
C PHE D 394 -50.51 -6.69 -47.08
N GLN D 395 -51.45 -7.18 -47.89
CA GLN D 395 -52.52 -6.32 -48.38
C GLN D 395 -53.47 -5.90 -47.27
N ALA D 396 -53.53 -6.64 -46.17
CA ALA D 396 -54.24 -6.17 -44.99
C ALA D 396 -53.48 -5.07 -44.28
N ALA D 397 -52.15 -5.20 -44.19
CA ALA D 397 -51.33 -4.17 -43.55
C ALA D 397 -51.22 -2.92 -44.40
N LEU D 398 -51.51 -3.02 -45.70
CA LEU D 398 -51.40 -1.88 -46.61
C LEU D 398 -52.60 -0.94 -46.51
N GLY D 399 -53.73 -1.44 -46.00
CA GLY D 399 -54.90 -0.58 -45.86
C GLY D 399 -54.76 0.45 -44.75
N SER D 400 -53.97 0.12 -43.70
CA SER D 400 -53.75 0.99 -42.55
C SER D 400 -52.94 2.24 -42.88
N LEU D 401 -52.69 2.54 -44.16
CA LEU D 401 -51.99 3.72 -44.59
C LEU D 401 -52.93 4.66 -45.35
N PRO D 402 -52.58 5.94 -45.47
CA PRO D 402 -53.31 6.80 -46.41
C PRO D 402 -53.27 6.25 -47.81
N VAL D 403 -54.34 6.49 -48.57
CA VAL D 403 -54.38 6.01 -49.94
C VAL D 403 -53.36 6.72 -50.83
N ASP D 404 -52.69 7.75 -50.32
CA ASP D 404 -51.46 8.23 -50.96
C ASP D 404 -50.33 7.24 -50.77
N LYS D 405 -50.17 6.74 -49.53
CA LYS D 405 -49.20 5.70 -49.19
C LYS D 405 -49.67 4.32 -49.64
N ALA D 406 -50.40 4.25 -50.76
CA ALA D 406 -50.88 2.99 -51.33
C ALA D 406 -50.45 2.79 -52.77
N GLN D 407 -50.53 3.84 -53.60
CA GLN D 407 -50.07 3.75 -54.97
C GLN D 407 -48.54 3.75 -55.03
N GLU D 408 -47.90 4.65 -54.28
CA GLU D 408 -46.43 4.67 -54.30
C GLU D 408 -45.80 3.48 -53.62
N LEU D 409 -46.62 2.51 -53.20
CA LEU D 409 -46.16 1.21 -52.75
C LEU D 409 -46.60 0.08 -53.67
N GLN D 410 -47.86 0.08 -54.11
CA GLN D 410 -48.32 -0.93 -55.05
C GLN D 410 -47.67 -0.77 -56.42
N ALA D 411 -47.24 0.44 -56.77
CA ALA D 411 -46.59 0.69 -58.06
C ALA D 411 -45.08 0.52 -57.99
N VAL D 412 -44.50 0.39 -56.81
CA VAL D 412 -43.10 0.03 -56.66
C VAL D 412 -42.94 -1.45 -56.27
N LEU D 413 -44.02 -2.22 -56.29
CA LEU D 413 -43.95 -3.64 -55.96
C LEU D 413 -44.71 -4.46 -56.98
N GLY E 12 -0.10 -33.91 -19.98
CA GLY E 12 -0.94 -32.87 -20.56
C GLY E 12 -0.41 -31.46 -20.33
N GLY E 13 -0.47 -31.03 -19.08
CA GLY E 13 0.05 -29.73 -18.71
C GLY E 13 0.84 -29.76 -17.40
N LYS E 14 0.14 -29.59 -16.28
CA LYS E 14 0.79 -29.64 -14.98
C LYS E 14 1.20 -31.05 -14.60
N ALA E 15 0.37 -32.03 -14.97
CA ALA E 15 0.60 -33.43 -14.60
C ALA E 15 0.38 -34.33 -15.81
#